data_249D
# 
_entry.id   249D 
# 
_audit_conform.dict_name       mmcif_pdbx.dic 
_audit_conform.dict_version    5.387 
_audit_conform.dict_location   http://mmcif.pdb.org/dictionaries/ascii/mmcif_pdbx.dic 
# 
loop_
_database_2.database_id 
_database_2.database_code 
_database_2.pdbx_database_accession 
_database_2.pdbx_DOI 
PDB   249D         pdb_0000249d 10.2210/pdb249d/pdb 
RCSB  BDL070       ?            ?                   
WWPDB D_1000177649 ?            ?                   
# 
loop_
_pdbx_audit_revision_history.ordinal 
_pdbx_audit_revision_history.data_content_type 
_pdbx_audit_revision_history.major_revision 
_pdbx_audit_revision_history.minor_revision 
_pdbx_audit_revision_history.revision_date 
1 'Structure model' 1 0 1996-04-19 
2 'Structure model' 1 1 2008-05-22 
3 'Structure model' 1 2 2011-07-13 
4 'Structure model' 1 3 2018-04-18 
5 'Structure model' 1 4 2024-02-14 
# 
_pdbx_audit_revision_details.ordinal             1 
_pdbx_audit_revision_details.revision_ordinal    1 
_pdbx_audit_revision_details.data_content_type   'Structure model' 
_pdbx_audit_revision_details.provider            repository 
_pdbx_audit_revision_details.type                'Initial release' 
_pdbx_audit_revision_details.description         ? 
_pdbx_audit_revision_details.details             ? 
# 
loop_
_pdbx_audit_revision_group.ordinal 
_pdbx_audit_revision_group.revision_ordinal 
_pdbx_audit_revision_group.data_content_type 
_pdbx_audit_revision_group.group 
1 2 'Structure model' 'Version format compliance' 
2 3 'Structure model' 'Version format compliance' 
3 4 'Structure model' 'Data collection'           
4 5 'Structure model' 'Data collection'           
5 5 'Structure model' 'Database references'       
6 5 'Structure model' 'Derived calculations'      
# 
loop_
_pdbx_audit_revision_category.ordinal 
_pdbx_audit_revision_category.revision_ordinal 
_pdbx_audit_revision_category.data_content_type 
_pdbx_audit_revision_category.category 
1 4 'Structure model' diffrn_detector 
2 5 'Structure model' chem_comp_atom  
3 5 'Structure model' chem_comp_bond  
4 5 'Structure model' database_2      
5 5 'Structure model' struct_site     
# 
loop_
_pdbx_audit_revision_item.ordinal 
_pdbx_audit_revision_item.revision_ordinal 
_pdbx_audit_revision_item.data_content_type 
_pdbx_audit_revision_item.item 
1 4 'Structure model' '_diffrn_detector.detector'           
2 5 'Structure model' '_database_2.pdbx_DOI'                
3 5 'Structure model' '_database_2.pdbx_database_accession' 
4 5 'Structure model' '_struct_site.pdbx_auth_asym_id'      
5 5 'Structure model' '_struct_site.pdbx_auth_comp_id'      
6 5 'Structure model' '_struct_site.pdbx_auth_seq_id'       
# 
_pdbx_database_status.status_code                     REL 
_pdbx_database_status.entry_id                        249D 
_pdbx_database_status.recvd_initial_deposition_date   1996-02-22 
_pdbx_database_status.deposit_site                    NDB 
_pdbx_database_status.process_site                    NDB 
_pdbx_database_status.status_code_sf                  REL 
_pdbx_database_status.status_code_mr                  ? 
_pdbx_database_status.SG_entry                        ? 
_pdbx_database_status.pdb_format_compatible           Y 
_pdbx_database_status.status_code_cs                  ? 
_pdbx_database_status.methods_development_category    ? 
_pdbx_database_status.status_code_nmr_data            ? 
# 
loop_
_audit_author.name 
_audit_author.pdbx_ordinal 
'Urpi, L.'       1 
'Tereshko, V.'   2 
'Malinina, L.'   3 
'Huynh-Dinh, T.' 4 
'Subirana, J.A.' 5 
# 
loop_
_citation.id 
_citation.title 
_citation.journal_abbrev 
_citation.journal_volume 
_citation.page_first 
_citation.page_last 
_citation.year 
_citation.journal_id_ASTM 
_citation.country 
_citation.journal_id_ISSN 
_citation.journal_id_CSD 
_citation.book_publisher 
_citation.pdbx_database_id_PubMed 
_citation.pdbx_database_id_DOI 
primary 'Structural comparison between the d(CTAG) sequence in oligonucleotides and trp and met repressor-operator complexes.' 
Nat.Struct.Biol. 3  325   328   1996 NSBIEW US 1072-8368 2024 ? 8599757 10.1038/nsb0496-325 
1       'Structure of the B-DNA Oligomers d(CGCTAGCG) and d(CGCTCTAGAGCG) in New Crystal Forms'                                
Biochemistry     35 11589 11595 1996 BICHAW US 0006-2960 0033 ? ?       ?                   
# 
loop_
_citation_author.citation_id 
_citation_author.name 
_citation_author.ordinal 
_citation_author.identifier_ORCID 
primary 'Urpi, L.'       1  ? 
primary 'Tereshko, V.'   2  ? 
primary 'Malinina, L.'   3  ? 
primary 'Huynh-Dinh, T.' 4  ? 
primary 'Subirana, J.A.' 5  ? 
1       'Tereshko, R.V.' 6  ? 
1       'Urpi, L.'       7  ? 
1       'Malinina, L.'   8  ? 
1       'Huynh-Dinh, T.' 9  ? 
1       'Subirana, J.A.' 10 ? 
# 
loop_
_entity.id 
_entity.type 
_entity.src_method 
_entity.pdbx_description 
_entity.formula_weight 
_entity.pdbx_number_of_molecules 
_entity.pdbx_ec 
_entity.pdbx_mutation 
_entity.pdbx_fragment 
_entity.details 
1 polymer     syn 
;DNA (5'-D(*CP*GP*CP*TP*CP*TP*AP*GP*AP*GP*CP*G)-3')
;
3663.392 4  ? ? ? ? 
2 non-polymer syn 'CALCIUM ION'                                        40.078   1  ? ? ? ? 
3 water       nat water                                                18.015   47 ? ? ? ? 
# 
_entity_poly.entity_id                      1 
_entity_poly.type                           polydeoxyribonucleotide 
_entity_poly.nstd_linkage                   no 
_entity_poly.nstd_monomer                   no 
_entity_poly.pdbx_seq_one_letter_code       '(DC)(DG)(DC)(DT)(DC)(DT)(DA)(DG)(DA)(DG)(DC)(DG)' 
_entity_poly.pdbx_seq_one_letter_code_can   CGCTCTAGAGCG 
_entity_poly.pdbx_strand_id                 A,B,C,D 
_entity_poly.pdbx_target_identifier         ? 
# 
loop_
_pdbx_entity_nonpoly.entity_id 
_pdbx_entity_nonpoly.name 
_pdbx_entity_nonpoly.comp_id 
2 'CALCIUM ION' CA  
3 water         HOH 
# 
loop_
_entity_poly_seq.entity_id 
_entity_poly_seq.num 
_entity_poly_seq.mon_id 
_entity_poly_seq.hetero 
1 1  DC n 
1 2  DG n 
1 3  DC n 
1 4  DT n 
1 5  DC n 
1 6  DT n 
1 7  DA n 
1 8  DG n 
1 9  DA n 
1 10 DG n 
1 11 DC n 
1 12 DG n 
# 
loop_
_chem_comp.id 
_chem_comp.type 
_chem_comp.mon_nstd_flag 
_chem_comp.name 
_chem_comp.pdbx_synonyms 
_chem_comp.formula 
_chem_comp.formula_weight 
CA  non-polymer   . 'CALCIUM ION'                        ? 'Ca 2'            40.078  
DA  'DNA linking' y "2'-DEOXYADENOSINE-5'-MONOPHOSPHATE" ? 'C10 H14 N5 O6 P' 331.222 
DC  'DNA linking' y "2'-DEOXYCYTIDINE-5'-MONOPHOSPHATE"  ? 'C9 H14 N3 O7 P'  307.197 
DG  'DNA linking' y "2'-DEOXYGUANOSINE-5'-MONOPHOSPHATE" ? 'C10 H14 N5 O7 P' 347.221 
DT  'DNA linking' y "THYMIDINE-5'-MONOPHOSPHATE"         ? 'C10 H15 N2 O8 P' 322.208 
HOH non-polymer   . WATER                                ? 'H2 O'            18.015  
# 
loop_
_pdbx_poly_seq_scheme.asym_id 
_pdbx_poly_seq_scheme.entity_id 
_pdbx_poly_seq_scheme.seq_id 
_pdbx_poly_seq_scheme.mon_id 
_pdbx_poly_seq_scheme.ndb_seq_num 
_pdbx_poly_seq_scheme.pdb_seq_num 
_pdbx_poly_seq_scheme.auth_seq_num 
_pdbx_poly_seq_scheme.pdb_mon_id 
_pdbx_poly_seq_scheme.auth_mon_id 
_pdbx_poly_seq_scheme.pdb_strand_id 
_pdbx_poly_seq_scheme.pdb_ins_code 
_pdbx_poly_seq_scheme.hetero 
A 1 1  DC 1  1  1  DC C A . n 
A 1 2  DG 2  2  2  DG G A . n 
A 1 3  DC 3  3  3  DC C A . n 
A 1 4  DT 4  4  4  DT T A . n 
A 1 5  DC 5  5  5  DC C A . n 
A 1 6  DT 6  6  6  DT T A . n 
A 1 7  DA 7  7  7  DA A A . n 
A 1 8  DG 8  8  8  DG G A . n 
A 1 9  DA 9  9  9  DA A A . n 
A 1 10 DG 10 10 10 DG G A . n 
A 1 11 DC 11 11 11 DC C A . n 
A 1 12 DG 12 12 12 DG G A . n 
B 1 1  DC 1  13 13 DC C B . n 
B 1 2  DG 2  14 14 DG G B . n 
B 1 3  DC 3  15 15 DC C B . n 
B 1 4  DT 4  16 16 DT T B . n 
B 1 5  DC 5  17 17 DC C B . n 
B 1 6  DT 6  18 18 DT T B . n 
B 1 7  DA 7  19 19 DA A B . n 
B 1 8  DG 8  20 20 DG G B . n 
B 1 9  DA 9  21 21 DA A B . n 
B 1 10 DG 10 22 22 DG G B . n 
B 1 11 DC 11 23 23 DC C B . n 
B 1 12 DG 12 24 24 DG G B . n 
C 1 1  DC 1  25 ?  ?  ? C . n 
C 1 2  DG 2  26 26 DG G C . n 
C 1 3  DC 3  27 27 DC C C . n 
C 1 4  DT 4  28 28 DT T C . n 
C 1 5  DC 5  29 29 DC C C . n 
C 1 6  DT 6  30 30 DT T C . n 
C 1 7  DA 7  31 31 DA A C . n 
C 1 8  DG 8  32 32 DG G C . n 
C 1 9  DA 9  33 33 DA A C . n 
C 1 10 DG 10 34 34 DG G C . n 
C 1 11 DC 11 35 35 DC C C . n 
C 1 12 DG 12 36 36 DG G C . n 
D 1 1  DC 1  37 37 DC C D . n 
D 1 2  DG 2  38 38 DG G D . n 
D 1 3  DC 3  39 39 DC C D . n 
D 1 4  DT 4  40 40 DT T D . n 
D 1 5  DC 5  41 41 DC C D . n 
D 1 6  DT 6  42 42 DT T D . n 
D 1 7  DA 7  43 43 DA A D . n 
D 1 8  DG 8  44 44 DG G D . n 
D 1 9  DA 9  45 45 DA A D . n 
D 1 10 DG 10 46 46 DG G D . n 
D 1 11 DC 11 47 47 DC C D . n 
D 1 12 DG 12 48 48 DG G D . n 
# 
loop_
_pdbx_nonpoly_scheme.asym_id 
_pdbx_nonpoly_scheme.entity_id 
_pdbx_nonpoly_scheme.mon_id 
_pdbx_nonpoly_scheme.ndb_seq_num 
_pdbx_nonpoly_scheme.pdb_seq_num 
_pdbx_nonpoly_scheme.auth_seq_num 
_pdbx_nonpoly_scheme.pdb_mon_id 
_pdbx_nonpoly_scheme.auth_mon_id 
_pdbx_nonpoly_scheme.pdb_strand_id 
_pdbx_nonpoly_scheme.pdb_ins_code 
E 2 CA  1  49 49 CA  CA  A . 
F 3 HOH 1  50 50 HOH HOH A . 
F 3 HOH 2  53 53 HOH HOH A . 
F 3 HOH 3  55 55 HOH HOH A . 
F 3 HOH 4  63 63 HOH HOH A . 
F 3 HOH 5  66 66 HOH HOH A . 
F 3 HOH 6  77 77 HOH HOH A . 
F 3 HOH 7  78 78 HOH HOH A . 
F 3 HOH 8  82 82 HOH HOH A . 
F 3 HOH 9  84 84 HOH HOH A . 
F 3 HOH 10 85 85 HOH HOH A . 
F 3 HOH 11 95 95 HOH HOH A . 
F 3 HOH 12 96 96 HOH HOH A . 
G 3 HOH 1  51 51 HOH HOH B . 
G 3 HOH 2  52 52 HOH HOH B . 
G 3 HOH 3  57 57 HOH HOH B . 
G 3 HOH 4  67 67 HOH HOH B . 
G 3 HOH 5  69 69 HOH HOH B . 
G 3 HOH 6  70 70 HOH HOH B . 
G 3 HOH 7  75 75 HOH HOH B . 
G 3 HOH 8  79 79 HOH HOH B . 
G 3 HOH 9  83 83 HOH HOH B . 
G 3 HOH 10 86 86 HOH HOH B . 
H 3 HOH 1  58 58 HOH HOH C . 
H 3 HOH 2  59 59 HOH HOH C . 
H 3 HOH 3  60 60 HOH HOH C . 
H 3 HOH 4  61 61 HOH HOH C . 
H 3 HOH 5  72 72 HOH HOH C . 
H 3 HOH 6  73 73 HOH HOH C . 
H 3 HOH 7  74 74 HOH HOH C . 
H 3 HOH 8  81 81 HOH HOH C . 
H 3 HOH 9  87 87 HOH HOH C . 
H 3 HOH 10 88 88 HOH HOH C . 
H 3 HOH 11 89 89 HOH HOH C . 
H 3 HOH 12 90 90 HOH HOH C . 
H 3 HOH 13 91 91 HOH HOH C . 
H 3 HOH 14 92 92 HOH HOH C . 
H 3 HOH 15 94 94 HOH HOH C . 
I 3 HOH 1  54 54 HOH HOH D . 
I 3 HOH 2  56 56 HOH HOH D . 
I 3 HOH 3  62 62 HOH HOH D . 
I 3 HOH 4  64 64 HOH HOH D . 
I 3 HOH 5  65 65 HOH HOH D . 
I 3 HOH 6  68 68 HOH HOH D . 
I 3 HOH 7  71 71 HOH HOH D . 
I 3 HOH 8  76 76 HOH HOH D . 
I 3 HOH 9  80 80 HOH HOH D . 
I 3 HOH 10 93 93 HOH HOH D . 
# 
loop_
_pdbx_unobs_or_zero_occ_atoms.id 
_pdbx_unobs_or_zero_occ_atoms.PDB_model_num 
_pdbx_unobs_or_zero_occ_atoms.polymer_flag 
_pdbx_unobs_or_zero_occ_atoms.occupancy_flag 
_pdbx_unobs_or_zero_occ_atoms.auth_asym_id 
_pdbx_unobs_or_zero_occ_atoms.auth_comp_id 
_pdbx_unobs_or_zero_occ_atoms.auth_seq_id 
_pdbx_unobs_or_zero_occ_atoms.PDB_ins_code 
_pdbx_unobs_or_zero_occ_atoms.auth_atom_id 
_pdbx_unobs_or_zero_occ_atoms.label_alt_id 
_pdbx_unobs_or_zero_occ_atoms.label_asym_id 
_pdbx_unobs_or_zero_occ_atoms.label_comp_id 
_pdbx_unobs_or_zero_occ_atoms.label_seq_id 
_pdbx_unobs_or_zero_occ_atoms.label_atom_id 
1  1 Y 1 A DC 1 ? "O5'" ? A DC 1 "O5'" 
2  1 Y 1 A DC 1 ? "C5'" ? A DC 1 "C5'" 
3  1 Y 1 A DC 1 ? "C4'" ? A DC 1 "C4'" 
4  1 Y 1 A DC 1 ? "O4'" ? A DC 1 "O4'" 
5  1 Y 1 A DC 1 ? "C2'" ? A DC 1 "C2'" 
6  1 Y 1 A DC 1 ? "C1'" ? A DC 1 "C1'" 
7  1 Y 1 A DC 1 ? N1    ? A DC 1 N1    
8  1 Y 1 A DC 1 ? C2    ? A DC 1 C2    
9  1 Y 1 A DC 1 ? O2    ? A DC 1 O2    
10 1 Y 1 A DC 1 ? N3    ? A DC 1 N3    
11 1 Y 1 A DC 1 ? C4    ? A DC 1 C4    
12 1 Y 1 A DC 1 ? N4    ? A DC 1 N4    
13 1 Y 1 A DC 1 ? C5    ? A DC 1 C5    
14 1 Y 1 A DC 1 ? C6    ? A DC 1 C6    
# 
loop_
_software.name 
_software.classification 
_software.version 
_software.citation_id 
_software.pdbx_ordinal 
X-PLOR       refinement       . ? 1 
ENRAF-NONIUS 'data reduction' . ? 2 
# 
_cell.entry_id           249D 
_cell.length_a           35.050 
_cell.length_b           68.910 
_cell.length_c           26.150 
_cell.angle_alpha        90.00 
_cell.angle_beta         91.16 
_cell.angle_gamma        90.00 
_cell.Z_PDB              8 
_cell.pdbx_unique_axis   ? 
# 
_symmetry.entry_id                         249D 
_symmetry.space_group_name_H-M             'P 1 21 1' 
_symmetry.pdbx_full_space_group_name_H-M   ? 
_symmetry.cell_setting                     ? 
_symmetry.Int_Tables_number                4 
# 
_exptl.entry_id          249D 
_exptl.method            'X-RAY DIFFRACTION' 
_exptl.crystals_number   ? 
# 
_exptl_crystal.id                    1 
_exptl_crystal.density_meas          ? 
_exptl_crystal.density_Matthews      2.15 
_exptl_crystal.density_percent_sol   42.91 
_exptl_crystal.description           ? 
# 
_exptl_crystal_grow.crystal_id      1 
_exptl_crystal_grow.method          'VAPOR DIFFUSION' 
_exptl_crystal_grow.temp            ? 
_exptl_crystal_grow.temp_details    ? 
_exptl_crystal_grow.pH              7.00 
_exptl_crystal_grow.pdbx_details    'pH 7.00, VAPOR DIFFUSION' 
_exptl_crystal_grow.pdbx_pH_range   ? 
# 
loop_
_exptl_crystal_grow_comp.crystal_id 
_exptl_crystal_grow_comp.id 
_exptl_crystal_grow_comp.sol_id 
_exptl_crystal_grow_comp.name 
_exptl_crystal_grow_comp.volume 
_exptl_crystal_grow_comp.conc 
_exptl_crystal_grow_comp.details 
1 1 1 WATER ? ? ? 
1 2 1 MPD   ? ? ? 
1 3 1 CACL2 ? ? ? 
1 4 2 WATER ? ? ? 
1 5 2 MPD   ? ? ? 
# 
_diffrn.id                     1 
_diffrn.crystal_id             1 
_diffrn.ambient_temp           ? 
_diffrn.ambient_temp_details   ? 
# 
_diffrn_detector.diffrn_id              1 
_diffrn_detector.detector               DIFFRACTOMETER 
_diffrn_detector.type                   'ENRAF-NONIUS CAD4' 
_diffrn_detector.pdbx_collection_date   1989-04-03 
_diffrn_detector.details                ? 
# 
_diffrn_radiation.diffrn_id                        1 
_diffrn_radiation.wavelength_id                    1 
_diffrn_radiation.pdbx_monochromatic_or_laue_m_l   M 
_diffrn_radiation.monochromator                    ? 
_diffrn_radiation.pdbx_diffrn_protocol             ? 
_diffrn_radiation.pdbx_scattering_type             x-ray 
# 
_diffrn_radiation_wavelength.id           1 
_diffrn_radiation_wavelength.wavelength   . 
_diffrn_radiation_wavelength.wt           1.0 
# 
_diffrn_source.diffrn_id                   1 
_diffrn_source.source                      ? 
_diffrn_source.type                        ? 
_diffrn_source.pdbx_synchrotron_site       ? 
_diffrn_source.pdbx_synchrotron_beamline   ? 
_diffrn_source.pdbx_wavelength             ? 
_diffrn_source.pdbx_wavelength_list        ? 
# 
_reflns.entry_id                     249D 
_reflns.observed_criterion_sigma_I   ? 
_reflns.observed_criterion_sigma_F   ? 
_reflns.d_resolution_low             ? 
_reflns.d_resolution_high            2.250 
_reflns.number_obs                   5276 
_reflns.number_all                   ? 
_reflns.percent_possible_obs         88.900 
_reflns.pdbx_Rmerge_I_obs            0.09 
_reflns.pdbx_Rsym_value              ? 
_reflns.pdbx_netI_over_sigmaI        ? 
_reflns.B_iso_Wilson_estimate        ? 
_reflns.pdbx_redundancy              ? 
_reflns.pdbx_diffrn_id               1 
_reflns.pdbx_ordinal                 1 
# 
_refine.entry_id                                 249D 
_refine.ls_number_reflns_obs                     4222 
_refine.ls_number_reflns_all                     ? 
_refine.pdbx_ls_sigma_I                          ? 
_refine.pdbx_ls_sigma_F                          2.000 
_refine.pdbx_data_cutoff_high_absF               ? 
_refine.pdbx_data_cutoff_low_absF                ? 
_refine.pdbx_data_cutoff_high_rms_absF           ? 
_refine.ls_d_res_low                             8.000 
_refine.ls_d_res_high                            2.250 
_refine.ls_percent_reflns_obs                    72.400 
_refine.ls_R_factor_obs                          0.197 
_refine.ls_R_factor_all                          ? 
_refine.ls_R_factor_R_work                       0.197 
_refine.ls_R_factor_R_free                       ? 
_refine.ls_R_factor_R_free_error                 ? 
_refine.ls_R_factor_R_free_error_details         ? 
_refine.ls_percent_reflns_R_free                 ? 
_refine.ls_number_reflns_R_free                  ? 
_refine.ls_number_parameters                     ? 
_refine.ls_number_restraints                     ? 
_refine.occupancy_min                            ? 
_refine.occupancy_max                            ? 
_refine.B_iso_mean                               ? 
_refine.aniso_B[1][1]                            ? 
_refine.aniso_B[2][2]                            ? 
_refine.aniso_B[3][3]                            ? 
_refine.aniso_B[1][2]                            ? 
_refine.aniso_B[1][3]                            ? 
_refine.aniso_B[2][3]                            ? 
_refine.solvent_model_details                    ? 
_refine.solvent_model_param_ksol                 ? 
_refine.solvent_model_param_bsol                 ? 
_refine.pdbx_ls_cross_valid_method               ? 
_refine.details                                  ? 
_refine.pdbx_starting_model                      ? 
_refine.pdbx_method_to_determine_struct          ? 
_refine.pdbx_isotropic_thermal_model             ? 
_refine.pdbx_stereochemistry_target_values       ? 
_refine.pdbx_stereochem_target_val_spec_case     ? 
_refine.pdbx_R_Free_selection_details            ? 
_refine.pdbx_overall_ESU_R                       ? 
_refine.pdbx_overall_ESU_R_Free                  ? 
_refine.overall_SU_ML                            ? 
_refine.overall_SU_B                             ? 
_refine.pdbx_refine_id                           'X-RAY DIFFRACTION' 
_refine.pdbx_diffrn_id                           1 
_refine.pdbx_TLS_residual_ADP_flag               ? 
_refine.correlation_coeff_Fo_to_Fc               ? 
_refine.correlation_coeff_Fo_to_Fc_free          ? 
_refine.pdbx_solvent_vdw_probe_radii             ? 
_refine.pdbx_solvent_ion_probe_radii             ? 
_refine.pdbx_solvent_shrinkage_radii             ? 
_refine.pdbx_overall_phase_error                 ? 
_refine.overall_SU_R_Cruickshank_DPI             ? 
_refine.pdbx_overall_SU_R_free_Cruickshank_DPI   ? 
_refine.pdbx_overall_SU_R_Blow_DPI               ? 
_refine.pdbx_overall_SU_R_free_Blow_DPI          ? 
# 
_refine_hist.pdbx_refine_id                   'X-RAY DIFFRACTION' 
_refine_hist.cycle_id                         LAST 
_refine_hist.pdbx_number_atoms_protein        0 
_refine_hist.pdbx_number_atoms_nucleic_acid   1048 
_refine_hist.pdbx_number_atoms_ligand         1 
_refine_hist.number_atoms_solvent             141 
_refine_hist.number_atoms_total               1190 
_refine_hist.d_res_high                       2.250 
_refine_hist.d_res_low                        8.000 
# 
loop_
_refine_ls_restr.type 
_refine_ls_restr.dev_ideal 
_refine_ls_restr.dev_ideal_target 
_refine_ls_restr.weight 
_refine_ls_restr.number 
_refine_ls_restr.pdbx_refine_id 
_refine_ls_restr.pdbx_restraint_function 
x_bond_d                0.022 ? ? ? 'X-RAY DIFFRACTION' ? 
x_bond_d_na             ?     ? ? ? 'X-RAY DIFFRACTION' ? 
x_bond_d_prot           ?     ? ? ? 'X-RAY DIFFRACTION' ? 
x_angle_d               ?     ? ? ? 'X-RAY DIFFRACTION' ? 
x_angle_d_na            ?     ? ? ? 'X-RAY DIFFRACTION' ? 
x_angle_d_prot          ?     ? ? ? 'X-RAY DIFFRACTION' ? 
x_angle_deg             4.10  ? ? ? 'X-RAY DIFFRACTION' ? 
x_angle_deg_na          ?     ? ? ? 'X-RAY DIFFRACTION' ? 
x_angle_deg_prot        ?     ? ? ? 'X-RAY DIFFRACTION' ? 
x_dihedral_angle_d      ?     ? ? ? 'X-RAY DIFFRACTION' ? 
x_dihedral_angle_d_na   ?     ? ? ? 'X-RAY DIFFRACTION' ? 
x_dihedral_angle_d_prot ?     ? ? ? 'X-RAY DIFFRACTION' ? 
x_improper_angle_d      ?     ? ? ? 'X-RAY DIFFRACTION' ? 
x_improper_angle_d_na   ?     ? ? ? 'X-RAY DIFFRACTION' ? 
x_improper_angle_d_prot ?     ? ? ? 'X-RAY DIFFRACTION' ? 
x_mcbond_it             ?     ? ? ? 'X-RAY DIFFRACTION' ? 
x_mcangle_it            ?     ? ? ? 'X-RAY DIFFRACTION' ? 
x_scbond_it             ?     ? ? ? 'X-RAY DIFFRACTION' ? 
x_scangle_it            ?     ? ? ? 'X-RAY DIFFRACTION' ? 
# 
_struct.entry_id                  249D 
_struct.title                     
'STRUCTURAL COMPARISON BETWEEN THE D(CTAG) SEQUENCE IN OLIGONUCLEOTIDES AND TRP AND MET REPRESSOR-OPERATOR COMPLEXES' 
_struct.pdbx_model_details        ? 
_struct.pdbx_CASP_flag            ? 
_struct.pdbx_model_type_details   ? 
# 
_struct_keywords.entry_id        249D 
_struct_keywords.pdbx_keywords   DNA 
_struct_keywords.text            'B-DNA, DOUBLE HELIX, DNA' 
# 
loop_
_struct_asym.id 
_struct_asym.pdbx_blank_PDB_chainid_flag 
_struct_asym.pdbx_modified 
_struct_asym.entity_id 
_struct_asym.details 
A N N 1 ? 
B N N 1 ? 
C N N 1 ? 
D N N 1 ? 
E N N 2 ? 
F N N 3 ? 
G N N 3 ? 
H N N 3 ? 
I N N 3 ? 
# 
_struct_ref.id                         1 
_struct_ref.entity_id                  1 
_struct_ref.db_name                    PDB 
_struct_ref.db_code                    249D 
_struct_ref.pdbx_db_accession          249D 
_struct_ref.pdbx_db_isoform            ? 
_struct_ref.pdbx_seq_one_letter_code   ? 
_struct_ref.pdbx_align_begin           ? 
# 
loop_
_struct_ref_seq.align_id 
_struct_ref_seq.ref_id 
_struct_ref_seq.pdbx_PDB_id_code 
_struct_ref_seq.pdbx_strand_id 
_struct_ref_seq.seq_align_beg 
_struct_ref_seq.pdbx_seq_align_beg_ins_code 
_struct_ref_seq.seq_align_end 
_struct_ref_seq.pdbx_seq_align_end_ins_code 
_struct_ref_seq.pdbx_db_accession 
_struct_ref_seq.db_align_beg 
_struct_ref_seq.pdbx_db_align_beg_ins_code 
_struct_ref_seq.db_align_end 
_struct_ref_seq.pdbx_db_align_end_ins_code 
_struct_ref_seq.pdbx_auth_seq_align_beg 
_struct_ref_seq.pdbx_auth_seq_align_end 
1 1 249D A 1 ? 12 ? 249D 1  ? 12 ? 1  12 
2 1 249D B 1 ? 12 ? 249D 13 ? 24 ? 13 24 
3 1 249D C 1 ? 12 ? 249D 25 ? 36 ? 25 36 
4 1 249D D 1 ? 12 ? 249D 37 ? 48 ? 37 48 
# 
loop_
_pdbx_struct_assembly.id 
_pdbx_struct_assembly.details 
_pdbx_struct_assembly.method_details 
_pdbx_struct_assembly.oligomeric_details 
_pdbx_struct_assembly.oligomeric_count 
1 author_defined_assembly ? dimeric 2 
2 author_defined_assembly ? dimeric 2 
# 
loop_
_pdbx_struct_assembly_gen.assembly_id 
_pdbx_struct_assembly_gen.oper_expression 
_pdbx_struct_assembly_gen.asym_id_list 
1 1 A,B,E,F,G 
2 1 C,D,H,I   
# 
_pdbx_struct_oper_list.id                   1 
_pdbx_struct_oper_list.type                 'identity operation' 
_pdbx_struct_oper_list.name                 1_555 
_pdbx_struct_oper_list.symmetry_operation   x,y,z 
_pdbx_struct_oper_list.matrix[1][1]         1.0000000000 
_pdbx_struct_oper_list.matrix[1][2]         0.0000000000 
_pdbx_struct_oper_list.matrix[1][3]         0.0000000000 
_pdbx_struct_oper_list.vector[1]            0.0000000000 
_pdbx_struct_oper_list.matrix[2][1]         0.0000000000 
_pdbx_struct_oper_list.matrix[2][2]         1.0000000000 
_pdbx_struct_oper_list.matrix[2][3]         0.0000000000 
_pdbx_struct_oper_list.vector[2]            0.0000000000 
_pdbx_struct_oper_list.matrix[3][1]         0.0000000000 
_pdbx_struct_oper_list.matrix[3][2]         0.0000000000 
_pdbx_struct_oper_list.matrix[3][3]         1.0000000000 
_pdbx_struct_oper_list.vector[3]            0.0000000000 
# 
loop_
_struct_biol.id 
1 
2 
# 
loop_
_struct_conn.id 
_struct_conn.conn_type_id 
_struct_conn.pdbx_leaving_atom_flag 
_struct_conn.pdbx_PDB_id 
_struct_conn.ptnr1_label_asym_id 
_struct_conn.ptnr1_label_comp_id 
_struct_conn.ptnr1_label_seq_id 
_struct_conn.ptnr1_label_atom_id 
_struct_conn.pdbx_ptnr1_label_alt_id 
_struct_conn.pdbx_ptnr1_PDB_ins_code 
_struct_conn.pdbx_ptnr1_standard_comp_id 
_struct_conn.ptnr1_symmetry 
_struct_conn.ptnr2_label_asym_id 
_struct_conn.ptnr2_label_comp_id 
_struct_conn.ptnr2_label_seq_id 
_struct_conn.ptnr2_label_atom_id 
_struct_conn.pdbx_ptnr2_label_alt_id 
_struct_conn.pdbx_ptnr2_PDB_ins_code 
_struct_conn.ptnr1_auth_asym_id 
_struct_conn.ptnr1_auth_comp_id 
_struct_conn.ptnr1_auth_seq_id 
_struct_conn.ptnr2_auth_asym_id 
_struct_conn.ptnr2_auth_comp_id 
_struct_conn.ptnr2_auth_seq_id 
_struct_conn.ptnr2_symmetry 
_struct_conn.pdbx_ptnr3_label_atom_id 
_struct_conn.pdbx_ptnr3_label_seq_id 
_struct_conn.pdbx_ptnr3_label_comp_id 
_struct_conn.pdbx_ptnr3_label_asym_id 
_struct_conn.pdbx_ptnr3_label_alt_id 
_struct_conn.pdbx_ptnr3_PDB_ins_code 
_struct_conn.details 
_struct_conn.pdbx_dist_value 
_struct_conn.pdbx_value_order 
_struct_conn.pdbx_role 
metalc1  metalc ? ? A DG 2  OP2 ? ? ? 1_555 E CA .  CA ? ? A DG 2  A CA 49 1_555 ? ? ? ? ? ? ?            2.273 ? ? 
hydrog1  hydrog ? ? A DG 2  N1  ? ? ? 1_555 B DC 11 N3 ? ? A DG 2  B DC 23 1_555 ? ? ? ? ? ? WATSON-CRICK ?     ? ? 
hydrog2  hydrog ? ? A DG 2  N2  ? ? ? 1_555 B DC 11 O2 ? ? A DG 2  B DC 23 1_555 ? ? ? ? ? ? WATSON-CRICK ?     ? ? 
hydrog3  hydrog ? ? A DG 2  O6  ? ? ? 1_555 B DC 11 N4 ? ? A DG 2  B DC 23 1_555 ? ? ? ? ? ? WATSON-CRICK ?     ? ? 
hydrog4  hydrog ? ? A DC 3  N3  ? ? ? 1_555 B DG 10 N1 ? ? A DC 3  B DG 22 1_555 ? ? ? ? ? ? WATSON-CRICK ?     ? ? 
hydrog5  hydrog ? ? A DC 3  N4  ? ? ? 1_555 B DG 10 O6 ? ? A DC 3  B DG 22 1_555 ? ? ? ? ? ? WATSON-CRICK ?     ? ? 
hydrog6  hydrog ? ? A DC 3  O2  ? ? ? 1_555 B DG 10 N2 ? ? A DC 3  B DG 22 1_555 ? ? ? ? ? ? WATSON-CRICK ?     ? ? 
hydrog7  hydrog ? ? A DT 4  N3  ? ? ? 1_555 B DA 9  N1 ? ? A DT 4  B DA 21 1_555 ? ? ? ? ? ? WATSON-CRICK ?     ? ? 
hydrog8  hydrog ? ? A DT 4  O4  ? ? ? 1_555 B DA 9  N6 ? ? A DT 4  B DA 21 1_555 ? ? ? ? ? ? WATSON-CRICK ?     ? ? 
hydrog9  hydrog ? ? A DC 5  N3  ? ? ? 1_555 B DG 8  N1 ? ? A DC 5  B DG 20 1_555 ? ? ? ? ? ? WATSON-CRICK ?     ? ? 
hydrog10 hydrog ? ? A DC 5  N4  ? ? ? 1_555 B DG 8  O6 ? ? A DC 5  B DG 20 1_555 ? ? ? ? ? ? WATSON-CRICK ?     ? ? 
hydrog11 hydrog ? ? A DC 5  O2  ? ? ? 1_555 B DG 8  N2 ? ? A DC 5  B DG 20 1_555 ? ? ? ? ? ? WATSON-CRICK ?     ? ? 
hydrog12 hydrog ? ? A DT 6  N3  ? ? ? 1_555 B DA 7  N1 ? ? A DT 6  B DA 19 1_555 ? ? ? ? ? ? WATSON-CRICK ?     ? ? 
hydrog13 hydrog ? ? A DT 6  O4  ? ? ? 1_555 B DA 7  N6 ? ? A DT 6  B DA 19 1_555 ? ? ? ? ? ? WATSON-CRICK ?     ? ? 
hydrog14 hydrog ? ? A DA 7  N1  ? ? ? 1_555 B DT 6  N3 ? ? A DA 7  B DT 18 1_555 ? ? ? ? ? ? WATSON-CRICK ?     ? ? 
hydrog15 hydrog ? ? A DA 7  N6  ? ? ? 1_555 B DT 6  O4 ? ? A DA 7  B DT 18 1_555 ? ? ? ? ? ? WATSON-CRICK ?     ? ? 
hydrog16 hydrog ? ? A DG 8  N1  ? ? ? 1_555 B DC 5  N3 ? ? A DG 8  B DC 17 1_555 ? ? ? ? ? ? WATSON-CRICK ?     ? ? 
hydrog17 hydrog ? ? A DG 8  N2  ? ? ? 1_555 B DC 5  O2 ? ? A DG 8  B DC 17 1_555 ? ? ? ? ? ? WATSON-CRICK ?     ? ? 
hydrog18 hydrog ? ? A DG 8  O6  ? ? ? 1_555 B DC 5  N4 ? ? A DG 8  B DC 17 1_555 ? ? ? ? ? ? WATSON-CRICK ?     ? ? 
hydrog19 hydrog ? ? A DA 9  N1  ? ? ? 1_555 B DT 4  N3 ? ? A DA 9  B DT 16 1_555 ? ? ? ? ? ? WATSON-CRICK ?     ? ? 
hydrog20 hydrog ? ? A DA 9  N6  ? ? ? 1_555 B DT 4  O4 ? ? A DA 9  B DT 16 1_555 ? ? ? ? ? ? WATSON-CRICK ?     ? ? 
hydrog21 hydrog ? ? A DG 10 N1  ? ? ? 1_555 B DC 3  N3 ? ? A DG 10 B DC 15 1_555 ? ? ? ? ? ? WATSON-CRICK ?     ? ? 
hydrog22 hydrog ? ? A DG 10 N2  ? ? ? 1_555 B DC 3  O2 ? ? A DG 10 B DC 15 1_555 ? ? ? ? ? ? WATSON-CRICK ?     ? ? 
hydrog23 hydrog ? ? A DG 10 O6  ? ? ? 1_555 B DC 3  N4 ? ? A DG 10 B DC 15 1_555 ? ? ? ? ? ? WATSON-CRICK ?     ? ? 
hydrog24 hydrog ? ? A DC 11 N3  ? ? ? 1_555 B DG 2  N1 ? ? A DC 11 B DG 14 1_555 ? ? ? ? ? ? WATSON-CRICK ?     ? ? 
hydrog25 hydrog ? ? A DC 11 N4  ? ? ? 1_555 B DG 2  O6 ? ? A DC 11 B DG 14 1_555 ? ? ? ? ? ? WATSON-CRICK ?     ? ? 
hydrog26 hydrog ? ? A DC 11 O2  ? ? ? 1_555 B DG 2  N2 ? ? A DC 11 B DG 14 1_555 ? ? ? ? ? ? WATSON-CRICK ?     ? ? 
hydrog27 hydrog ? ? A DG 12 N1  ? ? ? 1_555 B DC 1  N3 ? ? A DG 12 B DC 13 1_555 ? ? ? ? ? ? WATSON-CRICK ?     ? ? 
hydrog28 hydrog ? ? A DG 12 N2  ? ? ? 1_555 B DC 1  O2 ? ? A DG 12 B DC 13 1_555 ? ? ? ? ? ? WATSON-CRICK ?     ? ? 
hydrog29 hydrog ? ? A DG 12 O6  ? ? ? 1_555 B DC 1  N4 ? ? A DG 12 B DC 13 1_555 ? ? ? ? ? ? WATSON-CRICK ?     ? ? 
hydrog30 hydrog ? ? A DG 12 O6  ? ? ? 1_555 D DC 1  N4 ? ? A DG 12 D DC 37 1_555 ? ? ? ? ? ? 'DG-DC PAIR' ?     ? ? 
hydrog31 hydrog ? ? B DC 1  N4  ? ? ? 1_555 C DG 12 O6 ? ? B DC 13 C DG 36 1_555 ? ? ? ? ? ? 'DC-DG PAIR' ?     ? ? 
hydrog32 hydrog ? ? C DG 2  N1  ? ? ? 1_555 D DC 11 N3 ? ? C DG 26 D DC 47 1_555 ? ? ? ? ? ? WATSON-CRICK ?     ? ? 
hydrog33 hydrog ? ? C DG 2  N2  ? ? ? 1_555 D DC 11 O2 ? ? C DG 26 D DC 47 1_555 ? ? ? ? ? ? WATSON-CRICK ?     ? ? 
hydrog34 hydrog ? ? C DG 2  O6  ? ? ? 1_555 D DC 11 N4 ? ? C DG 26 D DC 47 1_555 ? ? ? ? ? ? WATSON-CRICK ?     ? ? 
hydrog35 hydrog ? ? C DC 3  N3  ? ? ? 1_555 D DG 10 N1 ? ? C DC 27 D DG 46 1_555 ? ? ? ? ? ? WATSON-CRICK ?     ? ? 
hydrog36 hydrog ? ? C DC 3  N4  ? ? ? 1_555 D DG 10 O6 ? ? C DC 27 D DG 46 1_555 ? ? ? ? ? ? WATSON-CRICK ?     ? ? 
hydrog37 hydrog ? ? C DC 3  O2  ? ? ? 1_555 D DG 10 N2 ? ? C DC 27 D DG 46 1_555 ? ? ? ? ? ? WATSON-CRICK ?     ? ? 
hydrog38 hydrog ? ? C DT 4  N3  ? ? ? 1_555 D DA 9  N1 ? ? C DT 28 D DA 45 1_555 ? ? ? ? ? ? WATSON-CRICK ?     ? ? 
hydrog39 hydrog ? ? C DT 4  O4  ? ? ? 1_555 D DA 9  N6 ? ? C DT 28 D DA 45 1_555 ? ? ? ? ? ? WATSON-CRICK ?     ? ? 
hydrog40 hydrog ? ? C DC 5  N3  ? ? ? 1_555 D DG 8  N1 ? ? C DC 29 D DG 44 1_555 ? ? ? ? ? ? WATSON-CRICK ?     ? ? 
hydrog41 hydrog ? ? C DC 5  N4  ? ? ? 1_555 D DG 8  O6 ? ? C DC 29 D DG 44 1_555 ? ? ? ? ? ? WATSON-CRICK ?     ? ? 
hydrog42 hydrog ? ? C DC 5  O2  ? ? ? 1_555 D DG 8  N2 ? ? C DC 29 D DG 44 1_555 ? ? ? ? ? ? WATSON-CRICK ?     ? ? 
hydrog43 hydrog ? ? C DT 6  N3  ? ? ? 1_555 D DA 7  N1 ? ? C DT 30 D DA 43 1_555 ? ? ? ? ? ? WATSON-CRICK ?     ? ? 
hydrog44 hydrog ? ? C DT 6  O4  ? ? ? 1_555 D DA 7  N6 ? ? C DT 30 D DA 43 1_555 ? ? ? ? ? ? WATSON-CRICK ?     ? ? 
hydrog45 hydrog ? ? C DA 7  N1  ? ? ? 1_555 D DT 6  N3 ? ? C DA 31 D DT 42 1_555 ? ? ? ? ? ? WATSON-CRICK ?     ? ? 
hydrog46 hydrog ? ? C DA 7  N6  ? ? ? 1_555 D DT 6  O4 ? ? C DA 31 D DT 42 1_555 ? ? ? ? ? ? WATSON-CRICK ?     ? ? 
hydrog47 hydrog ? ? C DG 8  N1  ? ? ? 1_555 D DC 5  N3 ? ? C DG 32 D DC 41 1_555 ? ? ? ? ? ? WATSON-CRICK ?     ? ? 
hydrog48 hydrog ? ? C DG 8  N2  ? ? ? 1_555 D DC 5  O2 ? ? C DG 32 D DC 41 1_555 ? ? ? ? ? ? WATSON-CRICK ?     ? ? 
hydrog49 hydrog ? ? C DG 8  O6  ? ? ? 1_555 D DC 5  N4 ? ? C DG 32 D DC 41 1_555 ? ? ? ? ? ? WATSON-CRICK ?     ? ? 
hydrog50 hydrog ? ? C DA 9  N1  ? ? ? 1_555 D DT 4  N3 ? ? C DA 33 D DT 40 1_555 ? ? ? ? ? ? WATSON-CRICK ?     ? ? 
hydrog51 hydrog ? ? C DA 9  N6  ? ? ? 1_555 D DT 4  O4 ? ? C DA 33 D DT 40 1_555 ? ? ? ? ? ? WATSON-CRICK ?     ? ? 
hydrog52 hydrog ? ? C DG 10 N1  ? ? ? 1_555 D DC 3  N3 ? ? C DG 34 D DC 39 1_555 ? ? ? ? ? ? WATSON-CRICK ?     ? ? 
hydrog53 hydrog ? ? C DG 10 N2  ? ? ? 1_555 D DC 3  O2 ? ? C DG 34 D DC 39 1_555 ? ? ? ? ? ? WATSON-CRICK ?     ? ? 
hydrog54 hydrog ? ? C DG 10 O6  ? ? ? 1_555 D DC 3  N4 ? ? C DG 34 D DC 39 1_555 ? ? ? ? ? ? WATSON-CRICK ?     ? ? 
hydrog55 hydrog ? ? C DC 11 N3  ? ? ? 1_555 D DG 2  N1 ? ? C DC 35 D DG 38 1_555 ? ? ? ? ? ? WATSON-CRICK ?     ? ? 
hydrog56 hydrog ? ? C DC 11 N4  ? ? ? 1_555 D DG 2  O6 ? ? C DC 35 D DG 38 1_555 ? ? ? ? ? ? WATSON-CRICK ?     ? ? 
hydrog57 hydrog ? ? C DC 11 O2  ? ? ? 1_555 D DG 2  N2 ? ? C DC 35 D DG 38 1_555 ? ? ? ? ? ? WATSON-CRICK ?     ? ? 
hydrog58 hydrog ? ? C DG 12 N1  ? ? ? 1_555 D DC 1  N3 ? ? C DG 36 D DC 37 1_555 ? ? ? ? ? ? WATSON-CRICK ?     ? ? 
hydrog59 hydrog ? ? C DG 12 N2  ? ? ? 1_555 D DC 1  O2 ? ? C DG 36 D DC 37 1_555 ? ? ? ? ? ? WATSON-CRICK ?     ? ? 
hydrog60 hydrog ? ? C DG 12 O6  ? ? ? 1_555 D DC 1  N4 ? ? C DG 36 D DC 37 1_555 ? ? ? ? ? ? WATSON-CRICK ?     ? ? 
# 
loop_
_struct_conn_type.id 
_struct_conn_type.criteria 
_struct_conn_type.reference 
metalc ? ? 
hydrog ? ? 
# 
_struct_site.id                   AC1 
_struct_site.pdbx_evidence_code   Software 
_struct_site.pdbx_auth_asym_id    A 
_struct_site.pdbx_auth_comp_id    CA 
_struct_site.pdbx_auth_seq_id     49 
_struct_site.pdbx_auth_ins_code   ? 
_struct_site.pdbx_num_residues    2 
_struct_site.details              'BINDING SITE FOR RESIDUE CA A 49' 
# 
loop_
_struct_site_gen.id 
_struct_site_gen.site_id 
_struct_site_gen.pdbx_num_res 
_struct_site_gen.label_comp_id 
_struct_site_gen.label_asym_id 
_struct_site_gen.label_seq_id 
_struct_site_gen.pdbx_auth_ins_code 
_struct_site_gen.auth_comp_id 
_struct_site_gen.auth_asym_id 
_struct_site_gen.auth_seq_id 
_struct_site_gen.label_atom_id 
_struct_site_gen.label_alt_id 
_struct_site_gen.symmetry 
_struct_site_gen.details 
1 AC1 2 DG A 2  ? DG A 2  . ? 1_555 ? 
2 AC1 2 DG D 12 ? DG D 48 . ? 1_645 ? 
# 
loop_
_pdbx_validate_close_contact.id 
_pdbx_validate_close_contact.PDB_model_num 
_pdbx_validate_close_contact.auth_atom_id_1 
_pdbx_validate_close_contact.auth_asym_id_1 
_pdbx_validate_close_contact.auth_comp_id_1 
_pdbx_validate_close_contact.auth_seq_id_1 
_pdbx_validate_close_contact.PDB_ins_code_1 
_pdbx_validate_close_contact.label_alt_id_1 
_pdbx_validate_close_contact.auth_atom_id_2 
_pdbx_validate_close_contact.auth_asym_id_2 
_pdbx_validate_close_contact.auth_comp_id_2 
_pdbx_validate_close_contact.auth_seq_id_2 
_pdbx_validate_close_contact.PDB_ins_code_2 
_pdbx_validate_close_contact.label_alt_id_2 
_pdbx_validate_close_contact.dist 
1  1 O4  C DT 28 ? ? H62 D DA 45 ? ? 1.45 
2  1 H42 A DC 11 ? ? O6  B DG 14 ? ? 1.47 
3  1 O2  A DC 3  ? ? H22 B DG 22 ? ? 1.47 
4  1 H62 C DA 33 ? ? O4  D DT 40 ? ? 1.47 
5  1 O2  C DC 27 ? ? H22 D DG 46 ? ? 1.48 
6  1 H22 A DG 2  ? ? O2  B DC 23 ? ? 1.50 
7  1 N3  A DC 3  ? ? H1  B DG 22 ? ? 1.55 
8  1 N1  C DA 31 ? ? H3  D DT 42 ? ? 1.55 
9  1 H42 C DC 35 ? ? O6  D DG 38 ? ? 1.56 
10 1 N1  A DA 7  ? ? H3  B DT 18 ? ? 1.58 
11 1 H22 A DG 12 ? ? O2  B DC 13 ? ? 1.58 
# 
_pdbx_validate_symm_contact.id                1 
_pdbx_validate_symm_contact.PDB_model_num     1 
_pdbx_validate_symm_contact.auth_atom_id_1    "HO3'" 
_pdbx_validate_symm_contact.auth_asym_id_1    A 
_pdbx_validate_symm_contact.auth_comp_id_1    DG 
_pdbx_validate_symm_contact.auth_seq_id_1     12 
_pdbx_validate_symm_contact.PDB_ins_code_1    ? 
_pdbx_validate_symm_contact.label_alt_id_1    ? 
_pdbx_validate_symm_contact.site_symmetry_1   1_555 
_pdbx_validate_symm_contact.auth_atom_id_2    H21 
_pdbx_validate_symm_contact.auth_asym_id_2    B 
_pdbx_validate_symm_contact.auth_comp_id_2    DG 
_pdbx_validate_symm_contact.auth_seq_id_2     22 
_pdbx_validate_symm_contact.PDB_ins_code_2    ? 
_pdbx_validate_symm_contact.label_alt_id_2    ? 
_pdbx_validate_symm_contact.site_symmetry_2   2_655 
_pdbx_validate_symm_contact.dist              1.32 
# 
loop_
_pdbx_validate_rmsd_bond.id 
_pdbx_validate_rmsd_bond.PDB_model_num 
_pdbx_validate_rmsd_bond.auth_atom_id_1 
_pdbx_validate_rmsd_bond.auth_asym_id_1 
_pdbx_validate_rmsd_bond.auth_comp_id_1 
_pdbx_validate_rmsd_bond.auth_seq_id_1 
_pdbx_validate_rmsd_bond.PDB_ins_code_1 
_pdbx_validate_rmsd_bond.label_alt_id_1 
_pdbx_validate_rmsd_bond.auth_atom_id_2 
_pdbx_validate_rmsd_bond.auth_asym_id_2 
_pdbx_validate_rmsd_bond.auth_comp_id_2 
_pdbx_validate_rmsd_bond.auth_seq_id_2 
_pdbx_validate_rmsd_bond.PDB_ins_code_2 
_pdbx_validate_rmsd_bond.label_alt_id_2 
_pdbx_validate_rmsd_bond.bond_value 
_pdbx_validate_rmsd_bond.bond_target_value 
_pdbx_validate_rmsd_bond.bond_deviation 
_pdbx_validate_rmsd_bond.bond_standard_deviation 
_pdbx_validate_rmsd_bond.linker_flag 
1  1 N3    A DT 6  ? ? C4    A DT 6  ? ? 1.328 1.382 -0.054 0.008 N 
2  1 "C5'" B DC 13 ? ? "C4'" B DC 13 ? ? 1.561 1.512 0.049  0.007 N 
3  1 "C3'" B DC 17 ? ? "C2'" B DC 17 ? ? 1.465 1.516 -0.051 0.008 N 
4  1 "C4'" B DT 18 ? ? "C3'" B DT 18 ? ? 1.454 1.521 -0.067 0.010 N 
5  1 P     B DA 19 ? ? "O5'" B DA 19 ? ? 1.660 1.593 0.067  0.010 N 
6  1 "C5'" B DG 20 ? ? "C4'" B DG 20 ? ? 1.559 1.512 0.047  0.007 N 
7  1 C5    B DG 22 ? ? C6    B DG 22 ? ? 1.352 1.419 -0.067 0.010 N 
8  1 C6    B DG 22 ? ? N1    B DG 22 ? ? 1.342 1.391 -0.049 0.007 N 
9  1 "C3'" B DC 23 ? ? "C2'" B DC 23 ? ? 1.457 1.516 -0.059 0.008 N 
10 1 "C2'" C DC 27 ? ? "C1'" C DC 27 ? ? 1.454 1.518 -0.064 0.010 N 
11 1 C5    C DT 28 ? ? C6    C DT 28 ? ? 1.293 1.339 -0.046 0.007 N 
12 1 "O3'" C DC 29 ? ? "C3'" C DC 29 ? ? 1.382 1.419 -0.037 0.006 N 
13 1 "C5'" C DT 30 ? ? "C4'" C DT 30 ? ? 1.559 1.512 0.047  0.007 N 
14 1 "O3'" C DG 34 ? ? "C3'" C DG 34 ? ? 1.383 1.419 -0.036 0.006 N 
15 1 "C5'" C DG 36 ? ? "C4'" C DG 36 ? ? 1.562 1.512 0.050  0.007 N 
16 1 "C5'" D DC 37 ? ? "C4'" D DC 37 ? ? 1.556 1.512 0.044  0.007 N 
17 1 "C4'" D DC 39 ? ? "C3'" D DC 39 ? ? 1.449 1.521 -0.072 0.010 N 
18 1 "C2'" D DC 39 ? ? "C1'" D DC 39 ? ? 1.457 1.518 -0.061 0.010 N 
19 1 "C3'" D DT 42 ? ? "C2'" D DT 42 ? ? 1.462 1.516 -0.054 0.008 N 
20 1 P     D DG 44 ? ? "O5'" D DG 44 ? ? 1.660 1.593 0.067  0.010 N 
21 1 N3    D DC 47 ? ? C4    D DC 47 ? ? 1.280 1.335 -0.055 0.007 N 
# 
loop_
_pdbx_validate_rmsd_angle.id 
_pdbx_validate_rmsd_angle.PDB_model_num 
_pdbx_validate_rmsd_angle.auth_atom_id_1 
_pdbx_validate_rmsd_angle.auth_asym_id_1 
_pdbx_validate_rmsd_angle.auth_comp_id_1 
_pdbx_validate_rmsd_angle.auth_seq_id_1 
_pdbx_validate_rmsd_angle.PDB_ins_code_1 
_pdbx_validate_rmsd_angle.label_alt_id_1 
_pdbx_validate_rmsd_angle.auth_atom_id_2 
_pdbx_validate_rmsd_angle.auth_asym_id_2 
_pdbx_validate_rmsd_angle.auth_comp_id_2 
_pdbx_validate_rmsd_angle.auth_seq_id_2 
_pdbx_validate_rmsd_angle.PDB_ins_code_2 
_pdbx_validate_rmsd_angle.label_alt_id_2 
_pdbx_validate_rmsd_angle.auth_atom_id_3 
_pdbx_validate_rmsd_angle.auth_asym_id_3 
_pdbx_validate_rmsd_angle.auth_comp_id_3 
_pdbx_validate_rmsd_angle.auth_seq_id_3 
_pdbx_validate_rmsd_angle.PDB_ins_code_3 
_pdbx_validate_rmsd_angle.label_alt_id_3 
_pdbx_validate_rmsd_angle.angle_value 
_pdbx_validate_rmsd_angle.angle_target_value 
_pdbx_validate_rmsd_angle.angle_deviation 
_pdbx_validate_rmsd_angle.angle_standard_deviation 
_pdbx_validate_rmsd_angle.linker_flag 
1  1 "O4'" A DG 2  ? ? "C4'" A DG 2  ? ? "C3'" A DG 2  ? ? 100.90 104.50 -3.60  0.40 N 
2  1 "O4'" A DC 3  ? ? "C1'" A DC 3  ? ? N1    A DC 3  ? ? 111.57 108.30 3.27   0.30 N 
3  1 N1    A DC 3  ? ? C2    A DC 3  ? ? O2    A DC 3  ? ? 123.99 118.90 5.09   0.60 N 
4  1 N3    A DC 3  ? ? C2    A DC 3  ? ? O2    A DC 3  ? ? 116.49 121.90 -5.41  0.70 N 
5  1 C6    A DT 4  ? ? C5    A DT 4  ? ? C7    A DT 4  ? ? 118.54 122.90 -4.36  0.60 N 
6  1 "O5'" A DC 5  ? ? "C5'" A DC 5  ? ? "C4'" A DC 5  ? ? 104.57 109.40 -4.83  0.80 N 
7  1 "O4'" A DC 5  ? ? "C1'" A DC 5  ? ? "C2'" A DC 5  ? ? 98.20  105.90 -7.70  0.80 N 
8  1 "C3'" A DC 5  ? ? "O3'" A DC 5  ? ? P     A DT 6  ? ? 128.36 119.70 8.66   1.20 Y 
9  1 "O4'" A DT 6  ? ? "C1'" A DT 6  ? ? "C2'" A DT 6  ? ? 99.67  105.90 -6.23  0.80 N 
10 1 "O4'" A DT 6  ? ? "C1'" A DT 6  ? ? N1    A DT 6  ? ? 111.95 108.30 3.65   0.30 N 
11 1 C4    A DT 6  ? ? C5    A DT 6  ? ? C6    A DT 6  ? ? 122.68 118.00 4.68   0.60 N 
12 1 C4    A DT 6  ? ? C5    A DT 6  ? ? C7    A DT 6  ? ? 115.15 119.00 -3.85  0.60 N 
13 1 "O4'" A DA 7  ? ? "C1'" A DA 7  ? ? N9    A DA 7  ? ? 111.53 108.30 3.23   0.30 N 
14 1 "O4'" A DG 8  ? ? "C1'" A DG 8  ? ? N9    A DG 8  ? ? 114.92 108.30 6.62   0.30 N 
15 1 "O4'" A DC 11 ? ? "C1'" A DC 11 ? ? N1    A DC 11 ? ? 110.43 108.30 2.13   0.30 N 
16 1 "O4'" A DG 12 ? ? "C4'" A DG 12 ? ? "C3'" A DG 12 ? ? 102.08 104.50 -2.42  0.40 N 
17 1 N1    B DC 13 ? ? C2    B DC 13 ? ? O2    B DC 13 ? ? 122.53 118.90 3.63   0.60 N 
18 1 "C5'" B DG 14 ? ? "C4'" B DG 14 ? ? "O4'" B DG 14 ? ? 117.60 109.80 7.80   1.10 N 
19 1 "O4'" B DG 14 ? ? "C1'" B DG 14 ? ? N9    B DG 14 ? ? 114.87 108.30 6.57   0.30 N 
20 1 N1    B DG 14 ? ? C6    B DG 14 ? ? O6    B DG 14 ? ? 115.22 119.90 -4.68  0.60 N 
21 1 C5    B DG 14 ? ? C6    B DG 14 ? ? O6    B DG 14 ? ? 132.28 128.60 3.68   0.60 N 
22 1 "O4'" B DC 15 ? ? "C4'" B DC 15 ? ? "C3'" B DC 15 ? ? 101.41 104.50 -3.09  0.40 N 
23 1 "C5'" B DC 15 ? ? "C4'" B DC 15 ? ? "C3'" B DC 15 ? ? 102.51 114.10 -11.59 1.80 N 
24 1 "O4'" B DC 15 ? ? "C1'" B DC 15 ? ? "C2'" B DC 15 ? ? 109.94 106.80 3.14   0.50 N 
25 1 "O4'" B DT 16 ? ? "C1'" B DT 16 ? ? N1    B DT 16 ? ? 110.34 108.30 2.04   0.30 N 
26 1 C4    B DT 16 ? ? C5    B DT 16 ? ? C6    B DT 16 ? ? 122.04 118.00 4.04   0.60 N 
27 1 C6    B DT 16 ? ? C5    B DT 16 ? ? C7    B DT 16 ? ? 116.87 122.90 -6.03  0.60 N 
28 1 "O4'" B DC 17 ? ? "C4'" B DC 17 ? ? "C3'" B DC 17 ? ? 109.82 106.00 3.82   0.60 N 
29 1 "O4'" B DC 17 ? ? "C1'" B DC 17 ? ? "C2'" B DC 17 ? ? 100.42 105.90 -5.48  0.80 N 
30 1 "O4'" B DC 17 ? ? "C1'" B DC 17 ? ? N1    B DC 17 ? ? 116.41 108.30 8.11   0.30 N 
31 1 N1    B DC 17 ? ? C2    B DC 17 ? ? O2    B DC 17 ? ? 123.36 118.90 4.46   0.60 N 
32 1 "O4'" B DT 18 ? ? "C4'" B DT 18 ? ? "C3'" B DT 18 ? ? 99.43  104.50 -5.07  0.40 N 
33 1 "C5'" B DT 18 ? ? "C4'" B DT 18 ? ? "O4'" B DT 18 ? ? 117.55 109.80 7.75   1.10 N 
34 1 "C4'" B DT 18 ? ? "C3'" B DT 18 ? ? "O3'" B DT 18 ? ? 93.95  109.70 -15.75 2.50 N 
35 1 "O4'" B DT 18 ? ? "C1'" B DT 18 ? ? "C2'" B DT 18 ? ? 99.40  105.90 -6.50  0.80 N 
36 1 C6    B DT 18 ? ? C5    B DT 18 ? ? C7    B DT 18 ? ? 118.59 122.90 -4.31  0.60 N 
37 1 "O4'" B DA 19 ? ? "C1'" B DA 19 ? ? N9    B DA 19 ? ? 111.99 108.30 3.69   0.30 N 
38 1 "C3'" B DA 19 ? ? "O3'" B DA 19 ? ? P     B DG 20 ? ? 132.32 119.70 12.62  1.20 Y 
39 1 "O4'" B DG 20 ? ? "C1'" B DG 20 ? ? N9    B DG 20 ? ? 121.89 108.30 13.59  0.30 N 
40 1 "C3'" B DG 20 ? ? "O3'" B DG 20 ? ? P     B DA 21 ? ? 136.53 119.70 16.83  1.20 Y 
41 1 "O4'" B DA 21 ? ? "C1'" B DA 21 ? ? N9    B DA 21 ? ? 113.86 108.30 5.56   0.30 N 
42 1 "C3'" B DA 21 ? ? "O3'" B DA 21 ? ? P     B DG 22 ? ? 129.52 119.70 9.82   1.20 Y 
43 1 "O4'" B DG 22 ? ? "C1'" B DG 22 ? ? "C2'" B DG 22 ? ? 98.90  105.90 -7.00  0.80 N 
44 1 C6    B DC 23 ? ? N1    B DC 23 ? ? C2    B DC 23 ? ? 122.78 120.30 2.48   0.40 N 
45 1 N3    B DC 23 ? ? C4    B DC 23 ? ? C5    B DC 23 ? ? 124.79 121.90 2.89   0.40 N 
46 1 N1    B DC 23 ? ? C2    B DC 23 ? ? O2    B DC 23 ? ? 124.74 118.90 5.84   0.60 N 
47 1 "O4'" C DG 26 ? ? "C4'" C DG 26 ? ? "C3'" C DG 26 ? ? 99.79  104.50 -4.71  0.40 N 
48 1 N9    C DG 26 ? ? "C1'" C DG 26 ? ? "C2'" C DG 26 ? ? 124.90 114.30 10.60  1.40 N 
49 1 N1    C DC 27 ? ? "C1'" C DC 27 ? ? "C2'" C DC 27 ? ? 122.74 114.30 8.44   1.40 N 
50 1 "O4'" C DC 27 ? ? "C1'" C DC 27 ? ? N1    C DC 27 ? ? 111.65 108.30 3.35   0.30 N 
51 1 N1    C DC 27 ? ? C2    C DC 27 ? ? O2    C DC 27 ? ? 122.85 118.90 3.95   0.60 N 
52 1 C4    C DT 28 ? ? C5    C DT 28 ? ? C6    C DT 28 ? ? 122.97 118.00 4.97   0.60 N 
53 1 C6    C DT 28 ? ? C5    C DT 28 ? ? C7    C DT 28 ? ? 118.85 122.90 -4.05  0.60 N 
54 1 "O4'" C DC 29 ? ? "C4'" C DC 29 ? ? "C3'" C DC 29 ? ? 109.61 106.00 3.61   0.60 N 
55 1 N1    C DC 29 ? ? C2    C DC 29 ? ? O2    C DC 29 ? ? 123.45 118.90 4.55   0.60 N 
56 1 "C5'" C DT 30 ? ? "C4'" C DT 30 ? ? "O4'" C DT 30 ? ? 117.20 109.80 7.40   1.10 N 
57 1 "C5'" C DA 31 ? ? "C4'" C DA 31 ? ? "O4'" C DA 31 ? ? 117.30 109.80 7.50   1.10 N 
58 1 C2    C DA 31 ? ? N3    C DA 31 ? ? C4    C DA 31 ? ? 107.38 110.60 -3.22  0.50 N 
59 1 N1    C DA 31 ? ? C6    C DA 31 ? ? N6    C DA 31 ? ? 123.13 118.60 4.53   0.60 N 
60 1 "O4'" C DG 32 ? ? "C1'" C DG 32 ? ? "C2'" C DG 32 ? ? 99.42  105.90 -6.48  0.80 N 
61 1 "O4'" C DG 32 ? ? "C1'" C DG 32 ? ? N9    C DG 32 ? ? 116.30 108.30 8.00   0.30 N 
62 1 C4    C DG 32 ? ? C5    C DG 32 ? ? N7    C DG 32 ? ? 108.10 110.80 -2.70  0.40 N 
63 1 N9    C DG 32 ? ? C4    C DG 32 ? ? C5    C DG 32 ? ? 107.89 105.40 2.49   0.40 N 
64 1 C5    C DG 32 ? ? C6    C DG 32 ? ? O6    C DG 32 ? ? 132.39 128.60 3.79   0.60 N 
65 1 "O4'" C DA 33 ? ? "C1'" C DA 33 ? ? "C2'" C DA 33 ? ? 97.93  105.90 -7.97  0.80 N 
66 1 "O4'" C DA 33 ? ? "C1'" C DA 33 ? ? N9    C DA 33 ? ? 98.13  108.00 -9.87  0.70 N 
67 1 "O4'" C DG 34 ? ? "C1'" C DG 34 ? ? N9    C DG 34 ? ? 113.23 108.30 4.93   0.30 N 
68 1 N1    C DG 34 ? ? C2    C DG 34 ? ? N2    C DG 34 ? ? 122.67 116.20 6.47   0.90 N 
69 1 N3    C DG 34 ? ? C2    C DG 34 ? ? N2    C DG 34 ? ? 114.75 119.90 -5.15  0.70 N 
70 1 N1    C DG 34 ? ? C6    C DG 34 ? ? O6    C DG 34 ? ? 123.51 119.90 3.61   0.60 N 
71 1 "O4'" C DC 35 ? ? "C1'" C DC 35 ? ? "C2'" C DC 35 ? ? 98.07  105.90 -7.83  0.80 N 
72 1 N1    C DC 35 ? ? C2    C DC 35 ? ? O2    C DC 35 ? ? 125.73 118.90 6.83   0.60 N 
73 1 N3    C DC 35 ? ? C2    C DC 35 ? ? O2    C DC 35 ? ? 117.27 121.90 -4.63  0.70 N 
74 1 "O4'" C DG 36 ? ? "C4'" C DG 36 ? ? "C3'" C DG 36 ? ? 101.33 104.50 -3.17  0.40 N 
75 1 N1    D DC 37 ? ? "C1'" D DC 37 ? ? "C2'" D DC 37 ? ? 125.28 114.30 10.98  1.40 N 
76 1 N1    D DC 37 ? ? C2    D DC 37 ? ? O2    D DC 37 ? ? 122.75 118.90 3.85   0.60 N 
77 1 "C3'" D DC 37 ? ? "O3'" D DC 37 ? ? P     D DG 38 ? ? 126.93 119.70 7.23   1.20 Y 
78 1 "O4'" D DG 38 ? ? "C1'" D DG 38 ? ? N9    D DG 38 ? ? 110.78 108.30 2.48   0.30 N 
79 1 "O4'" D DC 39 ? ? "C4'" D DC 39 ? ? "C3'" D DC 39 ? ? 101.36 104.50 -3.14  0.40 N 
80 1 "C5'" D DC 39 ? ? "C4'" D DC 39 ? ? "C3'" D DC 39 ? ? 96.68  114.10 -17.42 1.80 N 
81 1 N1    D DC 39 ? ? C2    D DC 39 ? ? O2    D DC 39 ? ? 122.87 118.90 3.97   0.60 N 
82 1 C4    D DT 40 ? ? C5    D DT 40 ? ? C6    D DT 40 ? ? 121.73 118.00 3.73   0.60 N 
83 1 "O4'" D DC 41 ? ? "C1'" D DC 41 ? ? "C2'" D DC 41 ? ? 97.58  105.90 -8.32  0.80 N 
84 1 "O4'" D DC 41 ? ? "C1'" D DC 41 ? ? N1    D DC 41 ? ? 110.76 108.30 2.46   0.30 N 
85 1 N1    D DC 41 ? ? C2    D DC 41 ? ? O2    D DC 41 ? ? 123.97 118.90 5.07   0.60 N 
86 1 "O4'" D DT 42 ? ? "C1'" D DT 42 ? ? N1    D DT 42 ? ? 112.02 108.30 3.72   0.30 N 
87 1 C4    D DT 42 ? ? C5    D DT 42 ? ? C7    D DT 42 ? ? 122.92 119.00 3.92   0.60 N 
88 1 C6    D DT 42 ? ? C5    D DT 42 ? ? C7    D DT 42 ? ? 115.77 122.90 -7.13  0.60 N 
89 1 "O4'" D DA 43 ? ? "C4'" D DA 43 ? ? "C3'" D DA 43 ? ? 100.35 104.50 -4.15  0.40 N 
90 1 "O4'" D DA 43 ? ? "C1'" D DA 43 ? ? "C2'" D DA 43 ? ? 99.43  105.90 -6.47  0.80 N 
91 1 "O4'" D DA 43 ? ? "C1'" D DA 43 ? ? N9    D DA 43 ? ? 114.99 108.30 6.69   0.30 N 
92 1 "C4'" D DG 44 ? ? "C3'" D DG 44 ? ? "C2'" D DG 44 ? ? 96.46  102.20 -5.74  0.70 N 
93 1 "O4'" D DG 44 ? ? "C1'" D DG 44 ? ? N9    D DG 44 ? ? 121.98 108.30 13.68  0.30 N 
94 1 "C3'" D DG 44 ? ? "O3'" D DG 44 ? ? P     D DA 45 ? ? 135.24 119.70 15.54  1.20 Y 
95 1 "O4'" D DA 45 ? ? "C1'" D DA 45 ? ? N9    D DA 45 ? ? 118.04 108.30 9.74   0.30 N 
96 1 "C3'" D DA 45 ? ? "O3'" D DA 45 ? ? P     D DG 46 ? ? 133.00 119.70 13.30  1.20 Y 
97 1 "C1'" D DG 48 ? ? "O4'" D DG 48 ? ? "C4'" D DG 48 ? ? 102.18 110.10 -7.92  1.00 N 
# 
loop_
_pdbx_validate_planes.id 
_pdbx_validate_planes.PDB_model_num 
_pdbx_validate_planes.auth_comp_id 
_pdbx_validate_planes.auth_asym_id 
_pdbx_validate_planes.auth_seq_id 
_pdbx_validate_planes.PDB_ins_code 
_pdbx_validate_planes.label_alt_id 
_pdbx_validate_planes.rmsd 
_pdbx_validate_planes.type 
1 1 DC B 15 ? ? 0.090 'SIDE CHAIN' 
2 1 DT B 18 ? ? 0.085 'SIDE CHAIN' 
3 1 DG C 26 ? ? 0.065 'SIDE CHAIN' 
4 1 DC C 27 ? ? 0.079 'SIDE CHAIN' 
5 1 DC D 37 ? ? 0.083 'SIDE CHAIN' 
# 
loop_
_refine_B_iso.class 
_refine_B_iso.details 
_refine_B_iso.treatment 
_refine_B_iso.pdbx_refine_id 
'ALL ATOMS'  TR isotropic 'X-RAY DIFFRACTION' 
'ALL WATERS' TR isotropic 'X-RAY DIFFRACTION' 
# 
loop_
_refine_occupancy.class 
_refine_occupancy.treatment 
_refine_occupancy.pdbx_refine_id 
'ALL ATOMS'  fix 'X-RAY DIFFRACTION' 
'ALL WATERS' fix 'X-RAY DIFFRACTION' 
# 
_pdbx_unobs_or_zero_occ_residues.id               1 
_pdbx_unobs_or_zero_occ_residues.PDB_model_num    1 
_pdbx_unobs_or_zero_occ_residues.polymer_flag     Y 
_pdbx_unobs_or_zero_occ_residues.occupancy_flag   1 
_pdbx_unobs_or_zero_occ_residues.auth_asym_id     C 
_pdbx_unobs_or_zero_occ_residues.auth_comp_id     DC 
_pdbx_unobs_or_zero_occ_residues.auth_seq_id      25 
_pdbx_unobs_or_zero_occ_residues.PDB_ins_code     ? 
_pdbx_unobs_or_zero_occ_residues.label_asym_id    C 
_pdbx_unobs_or_zero_occ_residues.label_comp_id    DC 
_pdbx_unobs_or_zero_occ_residues.label_seq_id     1 
# 
loop_
_chem_comp_atom.comp_id 
_chem_comp_atom.atom_id 
_chem_comp_atom.type_symbol 
_chem_comp_atom.pdbx_aromatic_flag 
_chem_comp_atom.pdbx_stereo_config 
_chem_comp_atom.pdbx_ordinal 
CA  CA     CA N N 1   
DA  OP3    O  N N 2   
DA  P      P  N N 3   
DA  OP1    O  N N 4   
DA  OP2    O  N N 5   
DA  "O5'"  O  N N 6   
DA  "C5'"  C  N N 7   
DA  "C4'"  C  N R 8   
DA  "O4'"  O  N N 9   
DA  "C3'"  C  N S 10  
DA  "O3'"  O  N N 11  
DA  "C2'"  C  N N 12  
DA  "C1'"  C  N R 13  
DA  N9     N  Y N 14  
DA  C8     C  Y N 15  
DA  N7     N  Y N 16  
DA  C5     C  Y N 17  
DA  C6     C  Y N 18  
DA  N6     N  N N 19  
DA  N1     N  Y N 20  
DA  C2     C  Y N 21  
DA  N3     N  Y N 22  
DA  C4     C  Y N 23  
DA  HOP3   H  N N 24  
DA  HOP2   H  N N 25  
DA  "H5'"  H  N N 26  
DA  "H5''" H  N N 27  
DA  "H4'"  H  N N 28  
DA  "H3'"  H  N N 29  
DA  "HO3'" H  N N 30  
DA  "H2'"  H  N N 31  
DA  "H2''" H  N N 32  
DA  "H1'"  H  N N 33  
DA  H8     H  N N 34  
DA  H61    H  N N 35  
DA  H62    H  N N 36  
DA  H2     H  N N 37  
DC  OP3    O  N N 38  
DC  P      P  N N 39  
DC  OP1    O  N N 40  
DC  OP2    O  N N 41  
DC  "O5'"  O  N N 42  
DC  "C5'"  C  N N 43  
DC  "C4'"  C  N R 44  
DC  "O4'"  O  N N 45  
DC  "C3'"  C  N S 46  
DC  "O3'"  O  N N 47  
DC  "C2'"  C  N N 48  
DC  "C1'"  C  N R 49  
DC  N1     N  N N 50  
DC  C2     C  N N 51  
DC  O2     O  N N 52  
DC  N3     N  N N 53  
DC  C4     C  N N 54  
DC  N4     N  N N 55  
DC  C5     C  N N 56  
DC  C6     C  N N 57  
DC  HOP3   H  N N 58  
DC  HOP2   H  N N 59  
DC  "H5'"  H  N N 60  
DC  "H5''" H  N N 61  
DC  "H4'"  H  N N 62  
DC  "H3'"  H  N N 63  
DC  "HO3'" H  N N 64  
DC  "H2'"  H  N N 65  
DC  "H2''" H  N N 66  
DC  "H1'"  H  N N 67  
DC  H41    H  N N 68  
DC  H42    H  N N 69  
DC  H5     H  N N 70  
DC  H6     H  N N 71  
DG  OP3    O  N N 72  
DG  P      P  N N 73  
DG  OP1    O  N N 74  
DG  OP2    O  N N 75  
DG  "O5'"  O  N N 76  
DG  "C5'"  C  N N 77  
DG  "C4'"  C  N R 78  
DG  "O4'"  O  N N 79  
DG  "C3'"  C  N S 80  
DG  "O3'"  O  N N 81  
DG  "C2'"  C  N N 82  
DG  "C1'"  C  N R 83  
DG  N9     N  Y N 84  
DG  C8     C  Y N 85  
DG  N7     N  Y N 86  
DG  C5     C  Y N 87  
DG  C6     C  N N 88  
DG  O6     O  N N 89  
DG  N1     N  N N 90  
DG  C2     C  N N 91  
DG  N2     N  N N 92  
DG  N3     N  N N 93  
DG  C4     C  Y N 94  
DG  HOP3   H  N N 95  
DG  HOP2   H  N N 96  
DG  "H5'"  H  N N 97  
DG  "H5''" H  N N 98  
DG  "H4'"  H  N N 99  
DG  "H3'"  H  N N 100 
DG  "HO3'" H  N N 101 
DG  "H2'"  H  N N 102 
DG  "H2''" H  N N 103 
DG  "H1'"  H  N N 104 
DG  H8     H  N N 105 
DG  H1     H  N N 106 
DG  H21    H  N N 107 
DG  H22    H  N N 108 
DT  OP3    O  N N 109 
DT  P      P  N N 110 
DT  OP1    O  N N 111 
DT  OP2    O  N N 112 
DT  "O5'"  O  N N 113 
DT  "C5'"  C  N N 114 
DT  "C4'"  C  N R 115 
DT  "O4'"  O  N N 116 
DT  "C3'"  C  N S 117 
DT  "O3'"  O  N N 118 
DT  "C2'"  C  N N 119 
DT  "C1'"  C  N R 120 
DT  N1     N  N N 121 
DT  C2     C  N N 122 
DT  O2     O  N N 123 
DT  N3     N  N N 124 
DT  C4     C  N N 125 
DT  O4     O  N N 126 
DT  C5     C  N N 127 
DT  C7     C  N N 128 
DT  C6     C  N N 129 
DT  HOP3   H  N N 130 
DT  HOP2   H  N N 131 
DT  "H5'"  H  N N 132 
DT  "H5''" H  N N 133 
DT  "H4'"  H  N N 134 
DT  "H3'"  H  N N 135 
DT  "HO3'" H  N N 136 
DT  "H2'"  H  N N 137 
DT  "H2''" H  N N 138 
DT  "H1'"  H  N N 139 
DT  H3     H  N N 140 
DT  H71    H  N N 141 
DT  H72    H  N N 142 
DT  H73    H  N N 143 
DT  H6     H  N N 144 
HOH O      O  N N 145 
HOH H1     H  N N 146 
HOH H2     H  N N 147 
# 
loop_
_chem_comp_bond.comp_id 
_chem_comp_bond.atom_id_1 
_chem_comp_bond.atom_id_2 
_chem_comp_bond.value_order 
_chem_comp_bond.pdbx_aromatic_flag 
_chem_comp_bond.pdbx_stereo_config 
_chem_comp_bond.pdbx_ordinal 
DA  OP3   P      sing N N 1   
DA  OP3   HOP3   sing N N 2   
DA  P     OP1    doub N N 3   
DA  P     OP2    sing N N 4   
DA  P     "O5'"  sing N N 5   
DA  OP2   HOP2   sing N N 6   
DA  "O5'" "C5'"  sing N N 7   
DA  "C5'" "C4'"  sing N N 8   
DA  "C5'" "H5'"  sing N N 9   
DA  "C5'" "H5''" sing N N 10  
DA  "C4'" "O4'"  sing N N 11  
DA  "C4'" "C3'"  sing N N 12  
DA  "C4'" "H4'"  sing N N 13  
DA  "O4'" "C1'"  sing N N 14  
DA  "C3'" "O3'"  sing N N 15  
DA  "C3'" "C2'"  sing N N 16  
DA  "C3'" "H3'"  sing N N 17  
DA  "O3'" "HO3'" sing N N 18  
DA  "C2'" "C1'"  sing N N 19  
DA  "C2'" "H2'"  sing N N 20  
DA  "C2'" "H2''" sing N N 21  
DA  "C1'" N9     sing N N 22  
DA  "C1'" "H1'"  sing N N 23  
DA  N9    C8     sing Y N 24  
DA  N9    C4     sing Y N 25  
DA  C8    N7     doub Y N 26  
DA  C8    H8     sing N N 27  
DA  N7    C5     sing Y N 28  
DA  C5    C6     sing Y N 29  
DA  C5    C4     doub Y N 30  
DA  C6    N6     sing N N 31  
DA  C6    N1     doub Y N 32  
DA  N6    H61    sing N N 33  
DA  N6    H62    sing N N 34  
DA  N1    C2     sing Y N 35  
DA  C2    N3     doub Y N 36  
DA  C2    H2     sing N N 37  
DA  N3    C4     sing Y N 38  
DC  OP3   P      sing N N 39  
DC  OP3   HOP3   sing N N 40  
DC  P     OP1    doub N N 41  
DC  P     OP2    sing N N 42  
DC  P     "O5'"  sing N N 43  
DC  OP2   HOP2   sing N N 44  
DC  "O5'" "C5'"  sing N N 45  
DC  "C5'" "C4'"  sing N N 46  
DC  "C5'" "H5'"  sing N N 47  
DC  "C5'" "H5''" sing N N 48  
DC  "C4'" "O4'"  sing N N 49  
DC  "C4'" "C3'"  sing N N 50  
DC  "C4'" "H4'"  sing N N 51  
DC  "O4'" "C1'"  sing N N 52  
DC  "C3'" "O3'"  sing N N 53  
DC  "C3'" "C2'"  sing N N 54  
DC  "C3'" "H3'"  sing N N 55  
DC  "O3'" "HO3'" sing N N 56  
DC  "C2'" "C1'"  sing N N 57  
DC  "C2'" "H2'"  sing N N 58  
DC  "C2'" "H2''" sing N N 59  
DC  "C1'" N1     sing N N 60  
DC  "C1'" "H1'"  sing N N 61  
DC  N1    C2     sing N N 62  
DC  N1    C6     sing N N 63  
DC  C2    O2     doub N N 64  
DC  C2    N3     sing N N 65  
DC  N3    C4     doub N N 66  
DC  C4    N4     sing N N 67  
DC  C4    C5     sing N N 68  
DC  N4    H41    sing N N 69  
DC  N4    H42    sing N N 70  
DC  C5    C6     doub N N 71  
DC  C5    H5     sing N N 72  
DC  C6    H6     sing N N 73  
DG  OP3   P      sing N N 74  
DG  OP3   HOP3   sing N N 75  
DG  P     OP1    doub N N 76  
DG  P     OP2    sing N N 77  
DG  P     "O5'"  sing N N 78  
DG  OP2   HOP2   sing N N 79  
DG  "O5'" "C5'"  sing N N 80  
DG  "C5'" "C4'"  sing N N 81  
DG  "C5'" "H5'"  sing N N 82  
DG  "C5'" "H5''" sing N N 83  
DG  "C4'" "O4'"  sing N N 84  
DG  "C4'" "C3'"  sing N N 85  
DG  "C4'" "H4'"  sing N N 86  
DG  "O4'" "C1'"  sing N N 87  
DG  "C3'" "O3'"  sing N N 88  
DG  "C3'" "C2'"  sing N N 89  
DG  "C3'" "H3'"  sing N N 90  
DG  "O3'" "HO3'" sing N N 91  
DG  "C2'" "C1'"  sing N N 92  
DG  "C2'" "H2'"  sing N N 93  
DG  "C2'" "H2''" sing N N 94  
DG  "C1'" N9     sing N N 95  
DG  "C1'" "H1'"  sing N N 96  
DG  N9    C8     sing Y N 97  
DG  N9    C4     sing Y N 98  
DG  C8    N7     doub Y N 99  
DG  C8    H8     sing N N 100 
DG  N7    C5     sing Y N 101 
DG  C5    C6     sing N N 102 
DG  C5    C4     doub Y N 103 
DG  C6    O6     doub N N 104 
DG  C6    N1     sing N N 105 
DG  N1    C2     sing N N 106 
DG  N1    H1     sing N N 107 
DG  C2    N2     sing N N 108 
DG  C2    N3     doub N N 109 
DG  N2    H21    sing N N 110 
DG  N2    H22    sing N N 111 
DG  N3    C4     sing N N 112 
DT  OP3   P      sing N N 113 
DT  OP3   HOP3   sing N N 114 
DT  P     OP1    doub N N 115 
DT  P     OP2    sing N N 116 
DT  P     "O5'"  sing N N 117 
DT  OP2   HOP2   sing N N 118 
DT  "O5'" "C5'"  sing N N 119 
DT  "C5'" "C4'"  sing N N 120 
DT  "C5'" "H5'"  sing N N 121 
DT  "C5'" "H5''" sing N N 122 
DT  "C4'" "O4'"  sing N N 123 
DT  "C4'" "C3'"  sing N N 124 
DT  "C4'" "H4'"  sing N N 125 
DT  "O4'" "C1'"  sing N N 126 
DT  "C3'" "O3'"  sing N N 127 
DT  "C3'" "C2'"  sing N N 128 
DT  "C3'" "H3'"  sing N N 129 
DT  "O3'" "HO3'" sing N N 130 
DT  "C2'" "C1'"  sing N N 131 
DT  "C2'" "H2'"  sing N N 132 
DT  "C2'" "H2''" sing N N 133 
DT  "C1'" N1     sing N N 134 
DT  "C1'" "H1'"  sing N N 135 
DT  N1    C2     sing N N 136 
DT  N1    C6     sing N N 137 
DT  C2    O2     doub N N 138 
DT  C2    N3     sing N N 139 
DT  N3    C4     sing N N 140 
DT  N3    H3     sing N N 141 
DT  C4    O4     doub N N 142 
DT  C4    C5     sing N N 143 
DT  C5    C7     sing N N 144 
DT  C5    C6     doub N N 145 
DT  C7    H71    sing N N 146 
DT  C7    H72    sing N N 147 
DT  C7    H73    sing N N 148 
DT  C6    H6     sing N N 149 
HOH O     H1     sing N N 150 
HOH O     H2     sing N N 151 
# 
loop_
_ndb_struct_conf_na.entry_id 
_ndb_struct_conf_na.feature 
249D 'double helix'        
249D 'b-form double helix' 
# 
loop_
_ndb_struct_na_base_pair.model_number 
_ndb_struct_na_base_pair.i_label_asym_id 
_ndb_struct_na_base_pair.i_label_comp_id 
_ndb_struct_na_base_pair.i_label_seq_id 
_ndb_struct_na_base_pair.i_symmetry 
_ndb_struct_na_base_pair.j_label_asym_id 
_ndb_struct_na_base_pair.j_label_comp_id 
_ndb_struct_na_base_pair.j_label_seq_id 
_ndb_struct_na_base_pair.j_symmetry 
_ndb_struct_na_base_pair.shear 
_ndb_struct_na_base_pair.stretch 
_ndb_struct_na_base_pair.stagger 
_ndb_struct_na_base_pair.buckle 
_ndb_struct_na_base_pair.propeller 
_ndb_struct_na_base_pair.opening 
_ndb_struct_na_base_pair.pair_number 
_ndb_struct_na_base_pair.pair_name 
_ndb_struct_na_base_pair.i_auth_asym_id 
_ndb_struct_na_base_pair.i_auth_seq_id 
_ndb_struct_na_base_pair.i_PDB_ins_code 
_ndb_struct_na_base_pair.j_auth_asym_id 
_ndb_struct_na_base_pair.j_auth_seq_id 
_ndb_struct_na_base_pair.j_PDB_ins_code 
_ndb_struct_na_base_pair.hbond_type_28 
_ndb_struct_na_base_pair.hbond_type_12 
1 A DG 2  1_555 B DC 11 1_555 -0.639 -0.394 0.056  -12.215 -12.551 -1.748 1  A_DG2:DC23_B  A 2  ? B 23 ? 19 1 
1 A DC 3  1_555 B DG 10 1_555 0.124  -0.553 0.558  -14.360 -13.161 -1.983 2  A_DC3:DG22_B  A 3  ? B 22 ? 19 1 
1 A DT 4  1_555 B DA 9  1_555 0.176  -0.284 -0.031 -5.625  -7.822  -7.245 3  A_DT4:DA21_B  A 4  ? B 21 ? 20 1 
1 A DC 5  1_555 B DG 8  1_555 0.721  -0.492 -0.172 -1.205  -4.948  -7.040 4  A_DC5:DG20_B  A 5  ? B 20 ? 19 1 
1 A DT 6  1_555 B DA 7  1_555 -0.493 -0.356 -0.082 0.891   -6.025  -3.051 5  A_DT6:DA19_B  A 6  ? B 19 ? 20 1 
1 A DA 7  1_555 B DT 6  1_555 -0.126 -0.457 0.558  6.945   -18.699 3.508  6  A_DA7:DT18_B  A 7  ? B 18 ? 20 1 
1 A DG 8  1_555 B DC 5  1_555 -0.767 -0.628 -0.094 10.766  -11.134 -5.846 7  A_DG8:DC17_B  A 8  ? B 17 ? 19 1 
1 A DA 9  1_555 B DT 4  1_555 0.010  -0.301 -0.116 0.588   -17.147 -0.254 8  A_DA9:DT16_B  A 9  ? B 16 ? 20 1 
1 A DG 10 1_555 B DC 3  1_555 -0.213 -0.249 0.450  4.998   -15.948 1.653  9  A_DG10:DC15_B A 10 ? B 15 ? 19 1 
1 A DC 11 1_555 B DG 2  1_555 0.001  -0.272 0.043  -0.224  -12.335 -7.970 10 A_DC11:DG14_B A 11 ? B 14 ? 19 1 
1 A DG 12 1_555 B DC 1  1_555 -0.860 -0.603 0.736  9.110   -23.753 -1.651 11 A_DG12:DC13_B A 12 ? B 13 ? 19 1 
1 D DC 1  1_555 C DG 12 1_555 1.312  -0.562 0.198  3.619   -27.821 5.561  12 D_DC37:DG36_C D 37 ? C 36 ? 19 1 
1 D DG 2  1_555 C DC 11 1_555 -0.470 -0.558 0.315  1.402   -14.473 -9.593 13 D_DG38:DC35_C D 38 ? C 35 ? 19 1 
1 D DC 3  1_555 C DG 10 1_555 0.001  -0.382 0.604  -11.490 -18.315 2.035  14 D_DC39:DG34_C D 39 ? C 34 ? 19 1 
1 D DT 4  1_555 C DA 9  1_555 -0.189 -0.327 0.113  -0.477  -12.776 -7.045 15 D_DT40:DA33_C D 40 ? C 33 ? 20 1 
1 D DC 5  1_555 C DG 8  1_555 0.561  -0.429 0.152  0.370   -13.576 -3.195 16 D_DC41:DG32_C D 41 ? C 32 ? 19 1 
1 D DT 6  1_555 C DA 7  1_555 -0.462 -0.392 0.085  -3.090  -16.628 4.351  17 D_DT42:DA31_C D 42 ? C 31 ? 20 1 
1 D DA 7  1_555 C DT 6  1_555 -0.055 -0.286 -0.037 3.726   -7.965  -0.786 18 D_DA43:DT30_C D 43 ? C 30 ? 20 1 
1 D DG 8  1_555 C DC 5  1_555 -0.430 -0.440 -0.028 3.561   -6.664  -2.576 19 D_DG44:DC29_C D 44 ? C 29 ? 19 1 
1 D DA 9  1_555 C DT 4  1_555 0.081  -0.428 -0.170 -0.977  -8.792  -9.874 20 D_DA45:DT28_C D 45 ? C 28 ? 20 1 
1 D DG 10 1_555 C DC 3  1_555 -0.255 -0.389 0.194  11.601  -11.030 1.344  21 D_DG46:DC27_C D 46 ? C 27 ? 19 1 
1 D DC 11 1_555 C DG 2  1_555 0.443  -0.222 -0.125 6.026   -6.534  -4.373 22 D_DC47:DG26_C D 47 ? C 26 ? 19 1 
# 
loop_
_ndb_struct_na_base_pair_step.model_number 
_ndb_struct_na_base_pair_step.i_label_asym_id_1 
_ndb_struct_na_base_pair_step.i_label_comp_id_1 
_ndb_struct_na_base_pair_step.i_label_seq_id_1 
_ndb_struct_na_base_pair_step.i_symmetry_1 
_ndb_struct_na_base_pair_step.j_label_asym_id_1 
_ndb_struct_na_base_pair_step.j_label_comp_id_1 
_ndb_struct_na_base_pair_step.j_label_seq_id_1 
_ndb_struct_na_base_pair_step.j_symmetry_1 
_ndb_struct_na_base_pair_step.i_label_asym_id_2 
_ndb_struct_na_base_pair_step.i_label_comp_id_2 
_ndb_struct_na_base_pair_step.i_label_seq_id_2 
_ndb_struct_na_base_pair_step.i_symmetry_2 
_ndb_struct_na_base_pair_step.j_label_asym_id_2 
_ndb_struct_na_base_pair_step.j_label_comp_id_2 
_ndb_struct_na_base_pair_step.j_label_seq_id_2 
_ndb_struct_na_base_pair_step.j_symmetry_2 
_ndb_struct_na_base_pair_step.shift 
_ndb_struct_na_base_pair_step.slide 
_ndb_struct_na_base_pair_step.rise 
_ndb_struct_na_base_pair_step.tilt 
_ndb_struct_na_base_pair_step.roll 
_ndb_struct_na_base_pair_step.twist 
_ndb_struct_na_base_pair_step.x_displacement 
_ndb_struct_na_base_pair_step.y_displacement 
_ndb_struct_na_base_pair_step.helical_rise 
_ndb_struct_na_base_pair_step.inclination 
_ndb_struct_na_base_pair_step.tip 
_ndb_struct_na_base_pair_step.helical_twist 
_ndb_struct_na_base_pair_step.step_number 
_ndb_struct_na_base_pair_step.step_name 
_ndb_struct_na_base_pair_step.i_auth_asym_id_1 
_ndb_struct_na_base_pair_step.i_auth_seq_id_1 
_ndb_struct_na_base_pair_step.i_PDB_ins_code_1 
_ndb_struct_na_base_pair_step.j_auth_asym_id_1 
_ndb_struct_na_base_pair_step.j_auth_seq_id_1 
_ndb_struct_na_base_pair_step.j_PDB_ins_code_1 
_ndb_struct_na_base_pair_step.i_auth_asym_id_2 
_ndb_struct_na_base_pair_step.i_auth_seq_id_2 
_ndb_struct_na_base_pair_step.i_PDB_ins_code_2 
_ndb_struct_na_base_pair_step.j_auth_asym_id_2 
_ndb_struct_na_base_pair_step.j_auth_seq_id_2 
_ndb_struct_na_base_pair_step.j_PDB_ins_code_2 
1 A DG 2  1_555 B DC 11 1_555 A DC 3  1_555 B DG 10 1_555 0.411  -0.735 3.535 0.801  1.231  38.683  -1.271 -0.515 3.518 1.858  
-1.208  38.710  1  AA_DG2DC3:DG22DC23_BB   A 2  ? B 23 ? A 3  ? B 22 ? 
1 A DC 3  1_555 B DG 10 1_555 A DT 4  1_555 B DA 9  1_555 -0.821 -0.318 3.079 6.006  6.500  33.869  -1.424 2.192  2.791 10.927 
-10.096 34.974  2  AA_DC3DT4:DA21DG22_BB   A 3  ? B 22 ? A 4  ? B 21 ? 
1 A DT 4  1_555 B DA 9  1_555 A DC 5  1_555 B DG 8  1_555 0.407  -0.322 3.360 2.809  3.759  36.327  -1.042 -0.251 3.332 5.999  
-4.483  36.619  3  AA_DT4DC5:DG20DA21_BB   A 4  ? B 21 ? A 5  ? B 20 ? 
1 A DC 5  1_555 B DG 8  1_555 A DT 6  1_555 B DA 7  1_555 -0.196 0.275  3.403 -0.268 3.450  21.783  -0.664 0.405  3.406 9.055  
0.702   22.053  4  AA_DC5DT6:DA19DG20_BB   A 5  ? B 20 ? A 6  ? B 19 ? 
1 A DT 6  1_555 B DA 7  1_555 A DA 7  1_555 B DT 6  1_555 0.062  1.907  3.260 -4.746 -4.160 46.980  2.701  -0.451 3.070 -5.191 
5.922   47.378  5  AA_DT6DA7:DT18DA19_BB   A 6  ? B 19 ? A 7  ? B 18 ? 
1 A DA 7  1_555 B DT 6  1_555 A DG 8  1_555 B DC 5  1_555 -0.121 0.406  3.417 3.999  1.534  28.687  0.458  1.164  3.386 3.074  
-8.014  28.998  6  AA_DA7DG8:DC17DT18_BB   A 7  ? B 18 ? A 8  ? B 17 ? 
1 A DG 8  1_555 B DC 5  1_555 A DA 9  1_555 B DT 4  1_555 -0.640 0.465  3.553 -4.811 6.190  40.050  -0.090 0.330  3.632 8.934  
6.944   40.779  7  AA_DG8DA9:DT16DC17_BB   A 8  ? B 17 ? A 9  ? B 16 ? 
1 A DA 9  1_555 B DT 4  1_555 A DG 10 1_555 B DC 3  1_555 0.548  0.236  3.248 -4.865 6.732  35.142  -0.562 -1.566 3.137 10.961 
7.921   36.080  8  AA_DA9DG10:DC15DT16_BB  A 9  ? B 16 ? A 10 ? B 15 ? 
1 A DG 10 1_555 B DC 3  1_555 A DC 11 1_555 B DG 2  1_555 -1.590 0.790  3.521 -0.312 -4.551 41.091  1.640  2.217  3.429 -6.459 
0.443   41.332  9  AA_DG10DC11:DG14DC15_BB A 10 ? B 15 ? A 11 ? B 14 ? 
1 A DC 11 1_555 B DG 2  1_555 A DG 12 1_555 B DC 1  1_555 1.192  0.662  3.268 -3.139 2.572  31.698  0.742  -2.728 3.180 4.685  
5.717   31.950  10 AA_DC11DG12:DC13DG14_BB A 11 ? B 14 ? A 12 ? B 13 ? 
1 A DG 12 1_555 B DC 1  1_555 D DC 1  1_555 C DG 12 1_555 -0.001 -5.034 2.526 5.572  19.387 104.078 -3.343 0.052  1.848 12.219 
-3.512  105.453 11 AD_DG12DC37:DG36DC13_CB A 12 ? B 13 ? D 37 ? C 36 ? 
1 D DC 1  1_555 C DG 12 1_555 D DG 2  1_555 C DC 11 1_555 -1.602 0.954  3.496 -4.935 4.278  29.825  0.851  1.936  3.803 8.189  
9.445   30.516  12 DD_DC37DG38:DC35DG36_CC D 37 ? C 36 ? D 38 ? C 35 ? 
1 D DG 2  1_555 C DC 11 1_555 D DC 3  1_555 C DG 10 1_555 1.552  0.342  3.826 2.745  -4.485 43.620  0.958  -1.769 3.860 -6.010 
-3.678  43.921  13 DD_DG38DC39:DG34DC35_CC D 38 ? C 35 ? D 39 ? C 34 ? 
1 D DC 3  1_555 C DG 10 1_555 D DT 4  1_555 C DA 9  1_555 -0.956 0.310  3.096 1.571  14.299 27.847  -2.038 2.059  2.855 27.510 
-3.022  31.277  14 DD_DC39DT40:DA33DG34_CC D 39 ? C 34 ? D 40 ? C 33 ? 
1 D DT 4  1_555 C DA 9  1_555 D DC 5  1_555 C DG 8  1_555 0.760  0.382  3.355 1.705  -0.735 43.818  0.583  -0.851 3.374 -0.985 
-2.284  43.856  15 DD_DT40DC41:DG32DA33_CC D 40 ? C 33 ? D 41 ? C 32 ? 
1 D DC 5  1_555 C DG 8  1_555 D DT 6  1_555 C DA 7  1_555 0.170  0.312  3.469 3.789  5.243  24.161  -0.957 0.821  3.444 12.247 
-8.851  24.999  16 DD_DC41DT42:DA31DG32_CC D 41 ? C 32 ? D 42 ? C 31 ? 
1 D DT 6  1_555 C DA 7  1_555 D DA 7  1_555 C DT 6  1_555 -0.222 1.483  3.215 1.547  1.089  45.588  1.818  0.420  3.239 1.405  
-1.996  45.625  17 DD_DT42DA43:DT30DA31_CC D 42 ? C 31 ? D 43 ? C 30 ? 
1 D DA 7  1_555 C DT 6  1_555 D DG 8  1_555 C DC 5  1_555 0.285  0.293  3.436 -1.100 1.632  26.669  0.189  -0.916 3.433 3.531  
2.381   26.740  18 DD_DA43DG44:DC29DT30_CC D 43 ? C 30 ? D 44 ? C 29 ? 
1 D DG 8  1_555 C DC 5  1_555 D DA 9  1_555 C DT 4  1_555 -0.433 -0.001 3.626 -2.445 1.903  42.254  -0.218 0.322  3.641 2.636  
3.387   42.362  19 DD_DG44DA45:DT28DC29_CC D 44 ? C 29 ? D 45 ? C 28 ? 
1 D DA 9  1_555 C DT 4  1_555 D DG 10 1_555 C DC 3  1_555 0.887  -0.203 3.086 -3.283 4.545  31.592  -1.125 -2.153 2.924 8.267  
5.971   32.073  20 DD_DA45DG46:DC27DT28_CC D 45 ? C 28 ? D 46 ? C 27 ? 
1 D DG 10 1_555 C DC 3  1_555 D DC 11 1_555 C DG 2  1_555 -0.699 -0.567 3.674 0.533  -0.488 37.870  -0.803 1.153  3.671 -0.751 
-0.821  37.876  21 DD_DG46DC47:DG26DC27_CC D 46 ? C 27 ? D 47 ? C 26 ? 
# 
_atom_sites.entry_id                    249D 
_atom_sites.fract_transf_matrix[1][1]   -0.00076094 
_atom_sites.fract_transf_matrix[1][2]   -0.00447895 
_atom_sites.fract_transf_matrix[1][3]   0.02817290 
_atom_sites.fract_transf_matrix[2][1]   0.00958684 
_atom_sites.fract_transf_matrix[2][2]   -0.01079658 
_atom_sites.fract_transf_matrix[2][3]   -0.00145751 
_atom_sites.fract_transf_matrix[3][1]   0.02866982 
_atom_sites.fract_transf_matrix[3][2]   0.02471647 
_atom_sites.fract_transf_matrix[3][3]   0.00548853 
_atom_sites.fract_transf_vector[1]      0.261731 
_atom_sites.fract_transf_vector[2]      0.273469 
_atom_sites.fract_transf_vector[3]      0.271540 
# 
loop_
_atom_type.symbol 
C  
CA 
H  
N  
O  
P  
# 
loop_
_atom_site.group_PDB 
_atom_site.id 
_atom_site.type_symbol 
_atom_site.label_atom_id 
_atom_site.label_alt_id 
_atom_site.label_comp_id 
_atom_site.label_asym_id 
_atom_site.label_entity_id 
_atom_site.label_seq_id 
_atom_site.pdbx_PDB_ins_code 
_atom_site.Cartn_x 
_atom_site.Cartn_y 
_atom_site.Cartn_z 
_atom_site.occupancy 
_atom_site.B_iso_or_equiv 
_atom_site.pdbx_formal_charge 
_atom_site.auth_seq_id 
_atom_site.auth_comp_id 
_atom_site.auth_asym_id 
_atom_site.auth_atom_id 
_atom_site.pdbx_PDB_model_num 
ATOM   1    C  "C3'"  . DC  A 1 1  ? -20.723 17.837  22.423  1.00 40.08 ? 1  DC  A "C3'"  1 
ATOM   2    O  "O3'"  . DC  A 1 1  ? -21.987 17.591  21.765  1.00 41.35 ? 1  DC  A "O3'"  1 
ATOM   3    P  P      . DG  A 1 2  ? -22.917 18.712  20.986  1.00 39.81 ? 2  DG  A P      1 
ATOM   4    O  OP1    . DG  A 1 2  ? -22.177 19.337  19.883  1.00 36.58 ? 2  DG  A OP1    1 
ATOM   5    O  OP2    . DG  A 1 2  ? -23.461 19.549  22.161  1.00 37.30 ? 2  DG  A OP2    1 
ATOM   6    O  "O5'"  . DG  A 1 2  ? -24.050 17.749  20.384  1.00 36.27 ? 2  DG  A "O5'"  1 
ATOM   7    C  "C5'"  . DG  A 1 2  ? -25.255 17.389  21.045  1.00 27.02 ? 2  DG  A "C5'"  1 
ATOM   8    C  "C4'"  . DG  A 1 2  ? -26.419 17.384  20.034  1.00 23.30 ? 2  DG  A "C4'"  1 
ATOM   9    O  "O4'"  . DG  A 1 2  ? -26.508 18.607  19.298  1.00 20.94 ? 2  DG  A "O4'"  1 
ATOM   10   C  "C3'"  . DG  A 1 2  ? -26.258 16.401  18.928  1.00 20.15 ? 2  DG  A "C3'"  1 
ATOM   11   O  "O3'"  . DG  A 1 2  ? -26.521 15.071  19.420  1.00 22.35 ? 2  DG  A "O3'"  1 
ATOM   12   C  "C2'"  . DG  A 1 2  ? -27.357 16.904  17.996  1.00 15.32 ? 2  DG  A "C2'"  1 
ATOM   13   C  "C1'"  . DG  A 1 2  ? -27.242 18.367  18.068  1.00 15.51 ? 2  DG  A "C1'"  1 
ATOM   14   N  N9     . DG  A 1 2  ? -26.451 18.942  16.975  1.00 13.44 ? 2  DG  A N9     1 
ATOM   15   C  C8     . DG  A 1 2  ? -25.242 19.569  17.148  1.00 12.91 ? 2  DG  A C8     1 
ATOM   16   N  N7     . DG  A 1 2  ? -24.714 20.030  16.060  1.00 12.12 ? 2  DG  A N7     1 
ATOM   17   C  C5     . DG  A 1 2  ? -25.644 19.696  15.078  1.00 11.92 ? 2  DG  A C5     1 
ATOM   18   C  C6     . DG  A 1 2  ? -25.590 19.970  13.684  1.00 18.46 ? 2  DG  A C6     1 
ATOM   19   O  O6     . DG  A 1 2  ? -24.705 20.594  13.071  1.00 26.21 ? 2  DG  A O6     1 
ATOM   20   N  N1     . DG  A 1 2  ? -26.693 19.467  13.010  1.00 12.30 ? 2  DG  A N1     1 
ATOM   21   C  C2     . DG  A 1 2  ? -27.729 18.820  13.602  1.00 17.98 ? 2  DG  A C2     1 
ATOM   22   N  N2     . DG  A 1 2  ? -28.692 18.451  12.742  1.00 18.39 ? 2  DG  A N2     1 
ATOM   23   N  N3     . DG  A 1 2  ? -27.808 18.564  14.937  1.00 13.94 ? 2  DG  A N3     1 
ATOM   24   C  C4     . DG  A 1 2  ? -26.719 19.025  15.613  1.00 13.02 ? 2  DG  A C4     1 
ATOM   25   H  H1     . DG  A 1 2  ? -26.706 19.603  12.009  1.00 0.00  ? 2  DG  A H1     1 
ATOM   26   H  H21    . DG  A 1 2  ? -29.511 17.966  13.080  1.00 0.00  ? 2  DG  A H21    1 
ATOM   27   H  H22    . DG  A 1 2  ? -28.597 18.659  11.759  1.00 0.00  ? 2  DG  A H22    1 
ATOM   28   P  P      . DC  A 1 3  ? -25.798 13.750  18.835  1.00 21.20 ? 3  DC  A P      1 
ATOM   29   O  OP1    . DC  A 1 3  ? -26.217 12.608  19.686  1.00 25.10 ? 3  DC  A OP1    1 
ATOM   30   O  OP2    . DC  A 1 3  ? -24.367 14.061  18.726  1.00 25.90 ? 3  DC  A OP2    1 
ATOM   31   O  "O5'"  . DC  A 1 3  ? -26.378 13.552  17.346  1.00 17.55 ? 3  DC  A "O5'"  1 
ATOM   32   C  "C5'"  . DC  A 1 3  ? -27.765 13.305  17.195  1.00 15.99 ? 3  DC  A "C5'"  1 
ATOM   33   C  "C4'"  . DC  A 1 3  ? -28.232 13.697  15.826  1.00 13.02 ? 3  DC  A "C4'"  1 
ATOM   34   O  "O4'"  . DC  A 1 3  ? -27.679 14.957  15.530  1.00 3.84  ? 3  DC  A "O4'"  1 
ATOM   35   C  "C3'"  . DC  A 1 3  ? -27.680 12.827  14.763  1.00 13.10 ? 3  DC  A "C3'"  1 
ATOM   36   O  "O3'"  . DC  A 1 3  ? -28.453 11.649  14.602  1.00 24.30 ? 3  DC  A "O3'"  1 
ATOM   37   C  "C2'"  . DC  A 1 3  ? -27.729 13.686  13.561  1.00 8.90  ? 3  DC  A "C2'"  1 
ATOM   38   C  "C1'"  . DC  A 1 3  ? -27.364 14.984  14.121  1.00 4.26  ? 3  DC  A "C1'"  1 
ATOM   39   N  N1     . DC  A 1 3  ? -26.028 15.530  13.878  1.00 2.00  ? 3  DC  A N1     1 
ATOM   40   C  C2     . DC  A 1 3  ? -25.676 15.964  12.651  1.00 2.98  ? 3  DC  A C2     1 
ATOM   41   O  O2     . DC  A 1 3  ? -26.364 15.824  11.656  1.00 11.87 ? 3  DC  A O2     1 
ATOM   42   N  N3     . DC  A 1 3  ? -24.515 16.583  12.486  1.00 5.78  ? 3  DC  A N3     1 
ATOM   43   C  C4     . DC  A 1 3  ? -23.702 16.735  13.508  1.00 4.50  ? 3  DC  A C4     1 
ATOM   44   N  N4     . DC  A 1 3  ? -22.565 17.374  13.307  1.00 13.06 ? 3  DC  A N4     1 
ATOM   45   C  C5     . DC  A 1 3  ? -23.993 16.235  14.782  1.00 2.49  ? 3  DC  A C5     1 
ATOM   46   C  C6     . DC  A 1 3  ? -25.177 15.634  14.911  1.00 2.12  ? 3  DC  A C6     1 
ATOM   47   H  H41    . DC  A 1 3  ? -21.888 17.446  14.053  1.00 0.00  ? 3  DC  A H41    1 
ATOM   48   H  H42    . DC  A 1 3  ? -22.373 17.791  12.409  1.00 0.00  ? 3  DC  A H42    1 
ATOM   49   P  P      . DT  A 1 4  ? -27.769 10.276  13.972  1.00 29.83 ? 4  DT  A P      1 
ATOM   50   O  OP1    . DT  A 1 4  ? -28.723 9.159   14.195  1.00 29.84 ? 4  DT  A OP1    1 
ATOM   51   O  OP2    . DT  A 1 4  ? -26.355 10.173  14.483  1.00 26.66 ? 4  DT  A OP2    1 
ATOM   52   O  "O5'"  . DT  A 1 4  ? -27.703 10.571  12.393  1.00 26.74 ? 4  DT  A "O5'"  1 
ATOM   53   C  "C5'"  . DT  A 1 4  ? -28.900 10.716  11.642  1.00 26.41 ? 4  DT  A "C5'"  1 
ATOM   54   C  "C4'"  . DT  A 1 4  ? -28.585 11.041  10.196  1.00 28.32 ? 4  DT  A "C4'"  1 
ATOM   55   O  "O4'"  . DT  A 1 4  ? -27.626 12.093  10.234  1.00 25.79 ? 4  DT  A "O4'"  1 
ATOM   56   C  "C3'"  . DT  A 1 4  ? -27.900 9.920   9.416   1.00 29.51 ? 4  DT  A "C3'"  1 
ATOM   57   O  "O3'"  . DT  A 1 4  ? -28.365 10.020  8.099   1.00 36.18 ? 4  DT  A "O3'"  1 
ATOM   58   C  "C2'"  . DT  A 1 4  ? -26.458 10.284  9.422   1.00 23.40 ? 4  DT  A "C2'"  1 
ATOM   59   C  "C1'"  . DT  A 1 4  ? -26.473 11.772  9.438   1.00 19.97 ? 4  DT  A "C1'"  1 
ATOM   60   N  N1     . DT  A 1 4  ? -25.316 12.388  10.108  1.00 11.06 ? 4  DT  A N1     1 
ATOM   61   C  C2     . DT  A 1 4  ? -24.577 13.249  9.412   1.00 6.74  ? 4  DT  A C2     1 
ATOM   62   O  O2     . DT  A 1 4  ? -24.811 13.467  8.241   1.00 15.37 ? 4  DT  A O2     1 
ATOM   63   N  N3     . DT  A 1 4  ? -23.552 13.857  10.081  1.00 5.58  ? 4  DT  A N3     1 
ATOM   64   C  C4     . DT  A 1 4  ? -23.230 13.633  11.418  1.00 5.92  ? 4  DT  A C4     1 
ATOM   65   O  O4     . DT  A 1 4  ? -22.330 14.270  11.958  1.00 7.88  ? 4  DT  A O4     1 
ATOM   66   C  C5     . DT  A 1 4  ? -24.026 12.651  12.063  1.00 2.79  ? 4  DT  A C5     1 
ATOM   67   C  C7     . DT  A 1 4  ? -23.761 12.217  13.467  1.00 2.03  ? 4  DT  A C7     1 
ATOM   68   C  C6     . DT  A 1 4  ? -25.031 12.084  11.402  1.00 8.75  ? 4  DT  A C6     1 
ATOM   69   H  H3     . DT  A 1 4  ? -22.985 14.518  9.568   1.00 0.00  ? 4  DT  A H3     1 
ATOM   70   P  P      . DC  A 1 5  ? -28.141 8.897   6.949   1.00 41.91 ? 5  DC  A P      1 
ATOM   71   O  OP1    . DC  A 1 5  ? -29.304 9.073   6.020   1.00 42.24 ? 5  DC  A OP1    1 
ATOM   72   O  OP2    . DC  A 1 5  ? -27.845 7.551   7.548   1.00 40.79 ? 5  DC  A OP2    1 
ATOM   73   O  "O5'"  . DC  A 1 5  ? -26.817 9.438   6.253   1.00 36.55 ? 5  DC  A "O5'"  1 
ATOM   74   C  "C5'"  . DC  A 1 5  ? -26.782 10.409  5.228   1.00 30.66 ? 5  DC  A "C5'"  1 
ATOM   75   C  "C4'"  . DC  A 1 5  ? -25.336 10.616  4.959   1.00 30.43 ? 5  DC  A "C4'"  1 
ATOM   76   O  "O4'"  . DC  A 1 5  ? -24.566 11.003  6.110   1.00 30.71 ? 5  DC  A "O4'"  1 
ATOM   77   C  "C3'"  . DC  A 1 5  ? -24.794 9.278   4.533   1.00 32.87 ? 5  DC  A "C3'"  1 
ATOM   78   O  "O3'"  . DC  A 1 5  ? -24.654 9.506   3.116   1.00 36.70 ? 5  DC  A "O3'"  1 
ATOM   79   C  "C2'"  . DC  A 1 5  ? -23.523 9.154   5.408   1.00 32.78 ? 5  DC  A "C2'"  1 
ATOM   80   C  "C1'"  . DC  A 1 5  ? -23.220 10.560  5.920   1.00 24.88 ? 5  DC  A "C1'"  1 
ATOM   81   N  N1     . DC  A 1 5  ? -22.508 10.709  7.215   1.00 15.50 ? 5  DC  A N1     1 
ATOM   82   C  C2     . DC  A 1 5  ? -21.550 11.669  7.314   1.00 17.17 ? 5  DC  A C2     1 
ATOM   83   O  O2     . DC  A 1 5  ? -21.218 12.310  6.307   1.00 15.13 ? 5  DC  A O2     1 
ATOM   84   N  N3     . DC  A 1 5  ? -20.955 11.900  8.540   1.00 7.72  ? 5  DC  A N3     1 
ATOM   85   C  C4     . DC  A 1 5  ? -21.314 11.185  9.594   1.00 10.62 ? 5  DC  A C4     1 
ATOM   86   N  N4     . DC  A 1 5  ? -20.807 11.436  10.819  1.00 15.87 ? 5  DC  A N4     1 
ATOM   87   C  C5     . DC  A 1 5  ? -22.256 10.148  9.472   1.00 8.59  ? 5  DC  A C5     1 
ATOM   88   C  C6     . DC  A 1 5  ? -22.818 9.954   8.272   1.00 13.30 ? 5  DC  A C6     1 
ATOM   89   H  H41    . DC  A 1 5  ? -21.106 10.886  11.611  1.00 0.00  ? 5  DC  A H41    1 
ATOM   90   H  H42    . DC  A 1 5  ? -20.128 12.174  10.942  1.00 0.00  ? 5  DC  A H42    1 
ATOM   91   P  P      . DT  A 1 6  ? -24.240 8.469   1.987   1.00 34.71 ? 6  DT  A P      1 
ATOM   92   O  OP1    . DT  A 1 6  ? -25.052 8.718   0.768   1.00 34.08 ? 6  DT  A OP1    1 
ATOM   93   O  OP2    . DT  A 1 6  ? -24.293 7.156   2.678   1.00 35.47 ? 6  DT  A OP2    1 
ATOM   94   O  "O5'"  . DT  A 1 6  ? -22.754 8.930   1.739   1.00 32.47 ? 6  DT  A "O5'"  1 
ATOM   95   C  "C5'"  . DT  A 1 6  ? -22.518 10.163  1.112   1.00 31.98 ? 6  DT  A "C5'"  1 
ATOM   96   C  "C4'"  . DT  A 1 6  ? -21.066 10.536  1.321   1.00 34.58 ? 6  DT  A "C4'"  1 
ATOM   97   O  "O4'"  . DT  A 1 6  ? -20.675 10.561  2.707   1.00 26.29 ? 6  DT  A "O4'"  1 
ATOM   98   C  "C3'"  . DT  A 1 6  ? -20.262 9.436   0.706   1.00 37.76 ? 6  DT  A "C3'"  1 
ATOM   99   O  "O3'"  . DT  A 1 6  ? -19.270 10.104  -0.097  1.00 42.56 ? 6  DT  A "O3'"  1 
ATOM   100  C  "C2'"  . DT  A 1 6  ? -19.765 8.672   1.966   1.00 32.68 ? 6  DT  A "C2'"  1 
ATOM   101  C  "C1'"  . DT  A 1 6  ? -19.523 9.782   2.943   1.00 22.92 ? 6  DT  A "C1'"  1 
ATOM   102  N  N1     . DT  A 1 6  ? -19.354 9.459   4.394   1.00 14.50 ? 6  DT  A N1     1 
ATOM   103  C  C2     . DT  A 1 6  ? -18.435 10.253  5.084   1.00 16.78 ? 6  DT  A C2     1 
ATOM   104  O  O2     . DT  A 1 6  ? -17.712 11.127  4.552   1.00 20.68 ? 6  DT  A O2     1 
ATOM   105  N  N3     . DT  A 1 6  ? -18.344 10.020  6.437   1.00 6.44  ? 6  DT  A N3     1 
ATOM   106  C  C4     . DT  A 1 6  ? -19.012 9.115   7.143   1.00 5.97  ? 6  DT  A C4     1 
ATOM   107  O  O4     . DT  A 1 6  ? -18.840 9.020   8.354   1.00 16.05 ? 6  DT  A O4     1 
ATOM   108  C  C5     . DT  A 1 6  ? -19.890 8.326   6.366   1.00 9.00  ? 6  DT  A C5     1 
ATOM   109  C  C7     . DT  A 1 6  ? -20.655 7.273   7.132   1.00 2.00  ? 6  DT  A C7     1 
ATOM   110  C  C6     . DT  A 1 6  ? -20.039 8.495   5.047   1.00 8.15  ? 6  DT  A C6     1 
ATOM   111  H  H3     . DT  A 1 6  ? -17.697 10.601  6.950   1.00 0.00  ? 6  DT  A H3     1 
ATOM   112  P  P      . DA  A 1 7  ? -18.695 9.449   -1.469  1.00 46.29 ? 7  DA  A P      1 
ATOM   113  O  OP1    . DA  A 1 7  ? -19.599 9.701   -2.630  1.00 49.96 ? 7  DA  A OP1    1 
ATOM   114  O  OP2    . DA  A 1 7  ? -18.265 8.042   -1.212  1.00 47.96 ? 7  DA  A OP2    1 
ATOM   115  O  "O5'"  . DA  A 1 7  ? -17.383 10.362  -1.664  1.00 40.26 ? 7  DA  A "O5'"  1 
ATOM   116  C  "C5'"  . DA  A 1 7  ? -17.333 11.766  -1.494  1.00 34.40 ? 7  DA  A "C5'"  1 
ATOM   117  C  "C4'"  . DA  A 1 7  ? -16.036 12.143  -0.794  1.00 34.24 ? 7  DA  A "C4'"  1 
ATOM   118  O  "O4'"  . DA  A 1 7  ? -15.995 11.664  0.556   1.00 31.07 ? 7  DA  A "O4'"  1 
ATOM   119  C  "C3'"  . DA  A 1 7  ? -14.876 11.494  -1.472  1.00 35.09 ? 7  DA  A "C3'"  1 
ATOM   120  O  "O3'"  . DA  A 1 7  ? -13.830 12.439  -1.422  1.00 44.83 ? 7  DA  A "O3'"  1 
ATOM   121  C  "C2'"  . DA  A 1 7  ? -14.587 10.282  -0.616  1.00 33.75 ? 7  DA  A "C2'"  1 
ATOM   122  C  "C1'"  . DA  A 1 7  ? -14.956 10.683  0.793   1.00 29.03 ? 7  DA  A "C1'"  1 
ATOM   123  N  N9     . DA  A 1 7  ? -15.454 9.547   1.628   1.00 21.68 ? 7  DA  A N9     1 
ATOM   124  C  C8     . DA  A 1 7  ? -16.227 8.457   1.266   1.00 16.43 ? 7  DA  A C8     1 
ATOM   125  N  N7     . DA  A 1 7  ? -16.527 7.649   2.271   1.00 14.86 ? 7  DA  A N7     1 
ATOM   126  C  C5     . DA  A 1 7  ? -15.907 8.243   3.352   1.00 10.36 ? 7  DA  A C5     1 
ATOM   127  C  C6     . DA  A 1 7  ? -15.849 7.874   4.683   1.00 12.33 ? 7  DA  A C6     1 
ATOM   128  N  N6     . DA  A 1 7  ? -16.499 6.816   5.192   1.00 9.30  ? 7  DA  A N6     1 
ATOM   129  N  N1     . DA  A 1 7  ? -15.115 8.645   5.490   1.00 10.09 ? 7  DA  A N1     1 
ATOM   130  C  C2     . DA  A 1 7  ? -14.518 9.740   5.008   1.00 12.24 ? 7  DA  A C2     1 
ATOM   131  N  N3     . DA  A 1 7  ? -14.519 10.204  3.778   1.00 13.66 ? 7  DA  A N3     1 
ATOM   132  C  C4     . DA  A 1 7  ? -15.243 9.386   2.984   1.00 14.51 ? 7  DA  A C4     1 
ATOM   133  H  H61    . DA  A 1 7  ? -17.022 6.204   4.583   1.00 0.00  ? 7  DA  A H61    1 
ATOM   134  H  H62    . DA  A 1 7  ? -16.466 6.633   6.185   1.00 0.00  ? 7  DA  A H62    1 
ATOM   135  P  P      . DG  A 1 8  ? -12.395 12.059  -2.061  1.00 49.03 ? 8  DG  A P      1 
ATOM   136  O  OP1    . DG  A 1 8  ? -11.809 13.327  -2.598  1.00 48.49 ? 8  DG  A OP1    1 
ATOM   137  O  OP2    . DG  A 1 8  ? -12.531 10.836  -2.898  1.00 48.83 ? 8  DG  A OP2    1 
ATOM   138  O  "O5'"  . DG  A 1 8  ? -11.693 11.676  -0.726  1.00 45.69 ? 8  DG  A "O5'"  1 
ATOM   139  C  "C5'"  . DG  A 1 8  ? -10.915 12.611  -0.029  1.00 41.88 ? 8  DG  A "C5'"  1 
ATOM   140  C  "C4'"  . DG  A 1 8  ? -9.999  11.805  0.810   1.00 40.65 ? 8  DG  A "C4'"  1 
ATOM   141  O  "O4'"  . DG  A 1 8  ? -10.746 10.825  1.557   1.00 39.18 ? 8  DG  A "O4'"  1 
ATOM   142  C  "C3'"  . DG  A 1 8  ? -9.014  10.987  -0.018  1.00 40.60 ? 8  DG  A "C3'"  1 
ATOM   143  O  "O3'"  . DG  A 1 8  ? -7.906  10.813  0.879   1.00 40.98 ? 8  DG  A "O3'"  1 
ATOM   144  C  "C2'"  . DG  A 1 8  ? -9.779  9.675   -0.215  1.00 37.76 ? 8  DG  A "C2'"  1 
ATOM   145  C  "C1'"  . DG  A 1 8  ? -10.309 9.502   1.202   1.00 34.02 ? 8  DG  A "C1'"  1 
ATOM   146  N  N9     . DG  A 1 8  ? -11.294 8.426   1.470   1.00 27.10 ? 8  DG  A N9     1 
ATOM   147  C  C8     . DG  A 1 8  ? -12.048 7.654   0.636   1.00 21.50 ? 8  DG  A C8     1 
ATOM   148  N  N7     . DG  A 1 8  ? -12.788 6.785   1.270   1.00 20.50 ? 8  DG  A N7     1 
ATOM   149  C  C5     . DG  A 1 8  ? -12.496 7.011   2.601   1.00 17.74 ? 8  DG  A C5     1 
ATOM   150  C  C6     . DG  A 1 8  ? -12.988 6.386   3.730   1.00 19.77 ? 8  DG  A C6     1 
ATOM   151  O  O6     . DG  A 1 8  ? -13.808 5.482   3.754   1.00 25.56 ? 8  DG  A O6     1 
ATOM   152  N  N1     . DG  A 1 8  ? -12.451 6.876   4.903   1.00 18.29 ? 8  DG  A N1     1 
ATOM   153  C  C2     . DG  A 1 8  ? -11.523 7.880   4.965   1.00 22.80 ? 8  DG  A C2     1 
ATOM   154  N  N2     . DG  A 1 8  ? -11.058 8.246   6.161   1.00 22.64 ? 8  DG  A N2     1 
ATOM   155  N  N3     . DG  A 1 8  ? -11.066 8.493   3.883   1.00 23.26 ? 8  DG  A N3     1 
ATOM   156  C  C4     . DG  A 1 8  ? -11.590 7.998   2.741   1.00 21.22 ? 8  DG  A C4     1 
ATOM   157  H  H1     . DG  A 1 8  ? -12.778 6.453   5.760   1.00 0.00  ? 8  DG  A H1     1 
ATOM   158  H  H21    . DG  A 1 8  ? -10.414 9.019   6.238   1.00 0.00  ? 8  DG  A H21    1 
ATOM   159  H  H22    . DG  A 1 8  ? -11.350 7.748   6.990   1.00 0.00  ? 8  DG  A H22    1 
ATOM   160  P  P      . DA  A 1 9  ? -6.746  11.895  0.840   1.00 42.70 ? 9  DA  A P      1 
ATOM   161  O  OP1    . DA  A 1 9  ? -7.299  13.270  1.017   1.00 44.16 ? 9  DA  A OP1    1 
ATOM   162  O  OP2    . DA  A 1 9  ? -5.942  11.605  -0.374  1.00 42.71 ? 9  DA  A OP2    1 
ATOM   163  O  "O5'"  . DA  A 1 9  ? -5.824  11.563  2.125   1.00 40.65 ? 9  DA  A "O5'"  1 
ATOM   164  C  "C5'"  . DA  A 1 9  ? -6.250  11.837  3.455   1.00 41.62 ? 9  DA  A "C5'"  1 
ATOM   165  C  "C4'"  . DA  A 1 9  ? -6.130  10.656  4.417   1.00 40.05 ? 9  DA  A "C4'"  1 
ATOM   166  O  "O4'"  . DA  A 1 9  ? -7.119  9.648   4.288   1.00 41.31 ? 9  DA  A "O4'"  1 
ATOM   167  C  "C3'"  . DA  A 1 9  ? -4.830  9.954   4.245   1.00 39.16 ? 9  DA  A "C3'"  1 
ATOM   168  O  "O3'"  . DA  A 1 9  ? -4.383  9.728   5.540   1.00 39.64 ? 9  DA  A "O3'"  1 
ATOM   169  C  "C2'"  . DA  A 1 9  ? -5.155  8.646   3.573   1.00 36.40 ? 9  DA  A "C2'"  1 
ATOM   170  C  "C1'"  . DA  A 1 9  ? -6.481  8.348   4.165   1.00 34.09 ? 9  DA  A "C1'"  1 
ATOM   171  N  N9     . DA  A 1 9  ? -7.365  7.522   3.347   1.00 26.00 ? 9  DA  A N9     1 
ATOM   172  C  C8     . DA  A 1 9  ? -7.654  7.532   2.005   1.00 23.03 ? 9  DA  A C8     1 
ATOM   173  N  N7     . DA  A 1 9  ? -8.568  6.646   1.663   1.00 19.82 ? 9  DA  A N7     1 
ATOM   174  C  C5     . DA  A 1 9  ? -8.858  6.019   2.869   1.00 17.78 ? 9  DA  A C5     1 
ATOM   175  C  C6     . DA  A 1 9  ? -9.712  4.990   3.214   1.00 20.29 ? 9  DA  A C6     1 
ATOM   176  N  N6     . DA  A 1 9  ? -10.487 4.336   2.359   1.00 27.82 ? 9  DA  A N6     1 
ATOM   177  N  N1     . DA  A 1 9  ? -9.763  4.622   4.487   1.00 20.75 ? 9  DA  A N1     1 
ATOM   178  C  C2     . DA  A 1 9  ? -8.983  5.221   5.372   1.00 18.49 ? 9  DA  A C2     1 
ATOM   179  N  N3     . DA  A 1 9  ? -8.124  6.189   5.171   1.00 23.67 ? 9  DA  A N3     1 
ATOM   180  C  C4     . DA  A 1 9  ? -8.120  6.541   3.877   1.00 21.81 ? 9  DA  A C4     1 
ATOM   181  H  H61    . DA  A 1 9  ? -10.433 4.539   1.372   1.00 0.00  ? 9  DA  A H61    1 
ATOM   182  H  H62    . DA  A 1 9  ? -11.131 3.634   2.696   1.00 0.00  ? 9  DA  A H62    1 
ATOM   183  P  P      . DG  A 1 10 ? -2.808  9.580   5.703   1.00 40.20 ? 10 DG  A P      1 
ATOM   184  O  OP1    . DG  A 1 10 ? -2.383  10.367  6.886   1.00 39.22 ? 10 DG  A OP1    1 
ATOM   185  O  OP2    . DG  A 1 10 ? -2.144  9.809   4.393   1.00 39.46 ? 10 DG  A OP2    1 
ATOM   186  O  "O5'"  . DG  A 1 10 ? -2.649  8.038   6.088   1.00 37.05 ? 10 DG  A "O5'"  1 
ATOM   187  C  "C5'"  . DG  A 1 10 ? -3.163  7.537   7.323   1.00 30.88 ? 10 DG  A "C5'"  1 
ATOM   188  C  "C4'"  . DG  A 1 10 ? -3.333  6.042   7.180   1.00 28.25 ? 10 DG  A "C4'"  1 
ATOM   189  O  "O4'"  . DG  A 1 10 ? -4.335  5.705   6.206   1.00 23.77 ? 10 DG  A "O4'"  1 
ATOM   190  C  "C3'"  . DG  A 1 10 ? -2.007  5.390   6.719   1.00 26.18 ? 10 DG  A "C3'"  1 
ATOM   191  O  "O3'"  . DG  A 1 10 ? -1.897  4.202   7.474   1.00 29.91 ? 10 DG  A "O3'"  1 
ATOM   192  C  "C2'"  . DG  A 1 10 ? -2.299  5.009   5.307   1.00 18.80 ? 10 DG  A "C2'"  1 
ATOM   193  C  "C1'"  . DG  A 1 10 ? -3.768  4.682   5.425   1.00 18.31 ? 10 DG  A "C1'"  1 
ATOM   194  N  N9     . DG  A 1 10 ? -4.501  4.548   4.174   1.00 14.72 ? 10 DG  A N9     1 
ATOM   195  C  C8     . DG  A 1 10 ? -4.331  5.229   3.031   1.00 11.32 ? 10 DG  A C8     1 
ATOM   196  N  N7     . DG  A 1 10 ? -5.164  4.844   2.106   1.00 17.53 ? 10 DG  A N7     1 
ATOM   197  C  C5     . DG  A 1 10 ? -5.933  3.846   2.682   1.00 11.34 ? 10 DG  A C5     1 
ATOM   198  C  C6     . DG  A 1 10 ? -6.997  3.085   2.144   1.00 11.17 ? 10 DG  A C6     1 
ATOM   199  O  O6     . DG  A 1 10 ? -7.531  3.145   1.051   1.00 13.84 ? 10 DG  A O6     1 
ATOM   200  N  N1     . DG  A 1 10 ? -7.481  2.195   3.039   1.00 9.82  ? 10 DG  A N1     1 
ATOM   201  C  C2     . DG  A 1 10 ? -7.040  2.076   4.333   1.00 9.52  ? 10 DG  A C2     1 
ATOM   202  N  N2     . DG  A 1 10 ? -7.696  1.202   5.113   1.00 14.16 ? 10 DG  A N2     1 
ATOM   203  N  N3     . DG  A 1 10 ? -6.052  2.778   4.841   1.00 5.47  ? 10 DG  A N3     1 
ATOM   204  C  C4     . DG  A 1 10 ? -5.541  3.651   3.955   1.00 11.29 ? 10 DG  A C4     1 
ATOM   205  H  H1     . DG  A 1 10 ? -8.217  1.586   2.712   1.00 0.00  ? 10 DG  A H1     1 
ATOM   206  H  H21    . DG  A 1 10 ? -7.469  1.132   6.094   1.00 0.00  ? 10 DG  A H21    1 
ATOM   207  H  H22    . DG  A 1 10 ? -8.415  0.613   4.717   1.00 0.00  ? 10 DG  A H22    1 
ATOM   208  P  P      . DC  A 1 11 ? -0.645  3.965   8.366   1.00 31.40 ? 11 DC  A P      1 
ATOM   209  O  OP1    . DC  A 1 11 ? -0.675  4.878   9.543   1.00 35.13 ? 11 DC  A OP1    1 
ATOM   210  O  OP2    . DC  A 1 11 ? 0.522   3.947   7.461   1.00 30.17 ? 11 DC  A OP2    1 
ATOM   211  O  "O5'"  . DC  A 1 11 ? -0.919  2.490   8.883   1.00 32.92 ? 11 DC  A "O5'"  1 
ATOM   212  C  "C5'"  . DC  A 1 11 ? -1.740  2.194   10.011  1.00 34.90 ? 11 DC  A "C5'"  1 
ATOM   213  C  "C4'"  . DC  A 1 11 ? -2.373  0.799   9.896   1.00 34.85 ? 11 DC  A "C4'"  1 
ATOM   214  O  "O4'"  . DC  A 1 11 ? -3.173  0.654   8.712   1.00 34.66 ? 11 DC  A "O4'"  1 
ATOM   215  C  "C3'"  . DC  A 1 11 ? -1.365  -0.306  9.842   1.00 36.37 ? 11 DC  A "C3'"  1 
ATOM   216  O  "O3'"  . DC  A 1 11 ? -1.968  -1.268  10.689  1.00 42.19 ? 11 DC  A "O3'"  1 
ATOM   217  C  "C2'"  . DC  A 1 11 ? -1.318  -0.675  8.362   1.00 33.58 ? 11 DC  A "C2'"  1 
ATOM   218  C  "C1'"  . DC  A 1 11 ? -2.715  -0.386  7.821   1.00 29.50 ? 11 DC  A "C1'"  1 
ATOM   219  N  N1     . DC  A 1 11 ? -2.844  0.061   6.369   1.00 19.31 ? 11 DC  A N1     1 
ATOM   220  C  C2     . DC  A 1 11 ? -3.831  -0.479  5.572   1.00 13.96 ? 11 DC  A C2     1 
ATOM   221  O  O2     . DC  A 1 11 ? -4.585  -1.362  5.972   1.00 11.02 ? 11 DC  A O2     1 
ATOM   222  N  N3     . DC  A 1 11 ? -3.966  -0.046  4.299   1.00 11.67 ? 11 DC  A N3     1 
ATOM   223  C  C4     . DC  A 1 11 ? -3.136  0.842   3.800   1.00 12.50 ? 11 DC  A C4     1 
ATOM   224  N  N4     . DC  A 1 11 ? -3.263  1.197   2.532   1.00 17.08 ? 11 DC  A N4     1 
ATOM   225  C  C5     . DC  A 1 11 ? -2.115  1.405   4.577   1.00 17.32 ? 11 DC  A C5     1 
ATOM   226  C  C6     . DC  A 1 11 ? -2.013  0.988   5.858   1.00 22.74 ? 11 DC  A C6     1 
ATOM   227  H  H41    . DC  A 1 11 ? -2.590  1.823   2.114   1.00 0.00  ? 11 DC  A H41    1 
ATOM   228  H  H42    . DC  A 1 11 ? -4.033  0.842   1.983   1.00 0.00  ? 11 DC  A H42    1 
ATOM   229  P  P      . DG  A 1 12 ? -1.118  -2.442  11.405  1.00 44.12 ? 12 DG  A P      1 
ATOM   230  O  OP1    . DG  A 1 12 ? -1.849  -2.971  12.602  1.00 45.01 ? 12 DG  A OP1    1 
ATOM   231  O  OP2    . DG  A 1 12 ? 0.306   -1.999  11.539  1.00 42.93 ? 12 DG  A OP2    1 
ATOM   232  O  "O5'"  . DG  A 1 12 ? -1.271  -3.483  10.190  1.00 39.22 ? 12 DG  A "O5'"  1 
ATOM   233  C  "C5'"  . DG  A 1 12 ? -2.481  -4.236  10.056  1.00 33.78 ? 12 DG  A "C5'"  1 
ATOM   234  C  "C4'"  . DG  A 1 12 ? -2.498  -4.904  8.707   1.00 29.73 ? 12 DG  A "C4'"  1 
ATOM   235  O  "O4'"  . DG  A 1 12 ? -2.319  -3.919  7.682   1.00 29.32 ? 12 DG  A "O4'"  1 
ATOM   236  C  "C3'"  . DG  A 1 12 ? -1.253  -5.767  8.540   1.00 31.69 ? 12 DG  A "C3'"  1 
ATOM   237  O  "O3'"  . DG  A 1 12 ? -1.501  -7.126  8.934   1.00 29.27 ? 12 DG  A "O3'"  1 
ATOM   238  C  "C2'"  . DG  A 1 12 ? -0.914  -5.619  7.036   1.00 28.80 ? 12 DG  A "C2'"  1 
ATOM   239  C  "C1'"  . DG  A 1 12 ? -1.950  -4.631  6.526   1.00 24.28 ? 12 DG  A "C1'"  1 
ATOM   240  N  N9     . DG  A 1 12 ? -1.394  -3.716  5.564   1.00 17.06 ? 12 DG  A N9     1 
ATOM   241  C  C8     . DG  A 1 12 ? -0.280  -2.940  5.670   1.00 18.10 ? 12 DG  A C8     1 
ATOM   242  N  N7     . DG  A 1 12 ? -0.053  -2.247  4.598   1.00 20.51 ? 12 DG  A N7     1 
ATOM   243  C  C5     . DG  A 1 12 ? -1.074  -2.577  3.742   1.00 18.12 ? 12 DG  A C5     1 
ATOM   244  C  C6     . DG  A 1 12 ? -1.347  -2.115  2.456   1.00 21.03 ? 12 DG  A C6     1 
ATOM   245  O  O6     . DG  A 1 12 ? -0.747  -1.293  1.771   1.00 23.90 ? 12 DG  A O6     1 
ATOM   246  N  N1     . DG  A 1 12 ? -2.485  -2.695  1.947   1.00 20.93 ? 12 DG  A N1     1 
ATOM   247  C  C2     . DG  A 1 12 ? -3.272  -3.593  2.569   1.00 18.65 ? 12 DG  A C2     1 
ATOM   248  N  N2     . DG  A 1 12 ? -4.278  -4.024  1.814   1.00 17.94 ? 12 DG  A N2     1 
ATOM   249  N  N3     . DG  A 1 12 ? -3.052  -4.019  3.814   1.00 14.76 ? 12 DG  A N3     1 
ATOM   250  C  C4     . DG  A 1 12 ? -1.923  -3.472  4.329   1.00 17.47 ? 12 DG  A C4     1 
ATOM   251  H  "HO3'" . DG  A 1 12 ? -2.204  -7.462  8.372   1.00 0.00  ? 12 DG  A "HO3'" 1 
ATOM   252  H  H1     . DG  A 1 12 ? -2.738  -2.405  1.013   1.00 0.00  ? 12 DG  A H1     1 
ATOM   253  H  H21    . DG  A 1 12 ? -4.959  -4.663  2.197   1.00 0.00  ? 12 DG  A H21    1 
ATOM   254  H  H22    . DG  A 1 12 ? -4.360  -3.711  0.857   1.00 0.00  ? 12 DG  A H22    1 
ATOM   255  O  "O5'"  . DC  B 1 1  ? -7.040  -0.321  -4.209  1.00 34.46 ? 13 DC  B "O5'"  1 
ATOM   256  C  "C5'"  . DC  B 1 1  ? -6.746  -1.142  -5.373  1.00 27.31 ? 13 DC  B "C5'"  1 
ATOM   257  C  "C4'"  . DC  B 1 1  ? -6.008  -2.475  -5.037  1.00 22.32 ? 13 DC  B "C4'"  1 
ATOM   258  O  "O4'"  . DC  B 1 1  ? -4.733  -2.135  -4.496  1.00 15.61 ? 13 DC  B "O4'"  1 
ATOM   259  C  "C3'"  . DC  B 1 1  ? -6.744  -3.344  -4.018  1.00 15.21 ? 13 DC  B "C3'"  1 
ATOM   260  O  "O3'"  . DC  B 1 1  ? -7.016  -4.696  -4.451  1.00 15.89 ? 13 DC  B "O3'"  1 
ATOM   261  C  "C2'"  . DC  B 1 1  ? -5.934  -3.142  -2.750  1.00 13.41 ? 13 DC  B "C2'"  1 
ATOM   262  C  "C1'"  . DC  B 1 1  ? -4.557  -2.764  -3.238  1.00 14.53 ? 13 DC  B "C1'"  1 
ATOM   263  N  N1     . DC  B 1 1  ? -3.796  -1.816  -2.403  1.00 7.04  ? 13 DC  B N1     1 
ATOM   264  C  C2     . DC  B 1 1  ? -3.539  -2.109  -1.092  1.00 8.44  ? 13 DC  B C2     1 
ATOM   265  O  O2     . DC  B 1 1  ? -3.940  -3.134  -0.556  1.00 10.23 ? 13 DC  B O2     1 
ATOM   266  N  N3     . DC  B 1 1  ? -2.813  -1.217  -0.354  1.00 7.41  ? 13 DC  B N3     1 
ATOM   267  C  C4     . DC  B 1 1  ? -2.387  -0.065  -0.881  1.00 9.63  ? 13 DC  B C4     1 
ATOM   268  N  N4     . DC  B 1 1  ? -1.713  0.827   -0.153  1.00 13.08 ? 13 DC  B N4     1 
ATOM   269  C  C5     . DC  B 1 1  ? -2.659  0.245   -2.237  1.00 8.22  ? 13 DC  B C5     1 
ATOM   270  C  C6     . DC  B 1 1  ? -3.360  -0.663  -2.948  1.00 6.23  ? 13 DC  B C6     1 
ATOM   271  H  H41    . DC  B 1 1  ? -1.411  1.696   -0.571  1.00 0.00  ? 13 DC  B H41    1 
ATOM   272  H  H42    . DC  B 1 1  ? -1.505  0.634   0.816   1.00 0.00  ? 13 DC  B H42    1 
ATOM   273  H  "HO5'" . DC  B 1 1  ? -6.220  -0.212  -3.722  1.00 0.00  ? 13 DC  B "HO5'" 1 
ATOM   274  P  P      . DG  B 1 2  ? -8.564  -5.128  -4.771  1.00 19.84 ? 14 DG  B P      1 
ATOM   275  O  OP1    . DG  B 1 2  ? -8.676  -6.548  -5.338  1.00 24.53 ? 14 DG  B OP1    1 
ATOM   276  O  OP2    . DG  B 1 2  ? -9.108  -4.107  -5.682  1.00 22.74 ? 14 DG  B OP2    1 
ATOM   277  O  "O5'"  . DG  B 1 2  ? -9.290  -5.112  -3.332  1.00 18.22 ? 14 DG  B "O5'"  1 
ATOM   278  C  "C5'"  . DG  B 1 2  ? -9.232  -6.130  -2.351  1.00 17.96 ? 14 DG  B "C5'"  1 
ATOM   279  C  "C4'"  . DG  B 1 2  ? -9.679  -5.747  -0.927  1.00 14.94 ? 14 DG  B "C4'"  1 
ATOM   280  O  "O4'"  . DG  B 1 2  ? -8.822  -4.868  -0.171  1.00 18.93 ? 14 DG  B "O4'"  1 
ATOM   281  C  "C3'"  . DG  B 1 2  ? -11.013 -5.099  -0.883  1.00 18.09 ? 14 DG  B "C3'"  1 
ATOM   282  O  "O3'"  . DG  B 1 2  ? -11.474 -5.468  0.401   1.00 24.70 ? 14 DG  B "O3'"  1 
ATOM   283  C  "C2'"  . DG  B 1 2  ? -10.638 -3.646  -0.931  1.00 19.27 ? 14 DG  B "C2'"  1 
ATOM   284  C  "C1'"  . DG  B 1 2  ? -9.461  -3.605  0.011   1.00 16.60 ? 14 DG  B "C1'"  1 
ATOM   285  N  N9     . DG  B 1 2  ? -8.564  -2.434  -0.093  1.00 9.82  ? 14 DG  B N9     1 
ATOM   286  C  C8     . DG  B 1 2  ? -8.389  -1.503  -1.061  1.00 6.51  ? 14 DG  B C8     1 
ATOM   287  N  N7     . DG  B 1 2  ? -7.469  -0.615  -0.750  1.00 14.15 ? 14 DG  B N7     1 
ATOM   288  C  C5     . DG  B 1 2  ? -7.009  -0.994  0.519   1.00 11.00 ? 14 DG  B C5     1 
ATOM   289  C  C6     . DG  B 1 2  ? -6.031  -0.441  1.402   1.00 15.33 ? 14 DG  B C6     1 
ATOM   290  O  O6     . DG  B 1 2  ? -5.301  0.539   1.315   1.00 15.37 ? 14 DG  B O6     1 
ATOM   291  N  N1     . DG  B 1 2  ? -5.903  -1.156  2.546   1.00 9.00  ? 14 DG  B N1     1 
ATOM   292  C  C2     . DG  B 1 2  ? -6.621  -2.251  2.840   1.00 11.77 ? 14 DG  B C2     1 
ATOM   293  N  N2     . DG  B 1 2  ? -6.339  -2.825  4.013   1.00 17.21 ? 14 DG  B N2     1 
ATOM   294  N  N3     . DG  B 1 2  ? -7.549  -2.779  2.063   1.00 11.09 ? 14 DG  B N3     1 
ATOM   295  C  C4     . DG  B 1 2  ? -7.682  -2.103  0.912   1.00 11.07 ? 14 DG  B C4     1 
ATOM   296  H  H1     . DG  B 1 2  ? -5.216  -0.825  3.208   1.00 0.00  ? 14 DG  B H1     1 
ATOM   297  H  H21    . DG  B 1 2  ? -6.791  -3.690  4.274   1.00 0.00  ? 14 DG  B H21    1 
ATOM   298  H  H22    . DG  B 1 2  ? -5.674  -2.394  4.638   1.00 0.00  ? 14 DG  B H22    1 
ATOM   299  P  P      . DC  B 1 3  ? -12.997 -5.933  0.621   1.00 28.62 ? 15 DC  B P      1 
ATOM   300  O  OP1    . DC  B 1 3  ? -13.007 -7.037  1.621   1.00 30.60 ? 15 DC  B OP1    1 
ATOM   301  O  OP2    . DC  B 1 3  ? -13.721 -6.054  -0.681  1.00 21.40 ? 15 DC  B OP2    1 
ATOM   302  O  "O5'"  . DC  B 1 3  ? -13.591 -4.693  1.417   1.00 27.57 ? 15 DC  B "O5'"  1 
ATOM   303  C  "C5'"  . DC  B 1 3  ? -13.600 -4.789  2.831   1.00 23.74 ? 15 DC  B "C5'"  1 
ATOM   304  C  "C4'"  . DC  B 1 3  ? -12.316 -4.361  3.441   1.00 20.13 ? 15 DC  B "C4'"  1 
ATOM   305  O  "O4'"  . DC  B 1 3  ? -11.587 -3.484  2.579   1.00 18.72 ? 15 DC  B "O4'"  1 
ATOM   306  C  "C3'"  . DC  B 1 3  ? -12.766 -3.415  4.515   1.00 22.88 ? 15 DC  B "C3'"  1 
ATOM   307  O  "O3'"  . DC  B 1 3  ? -13.466 -4.119  5.563   1.00 20.45 ? 15 DC  B "O3'"  1 
ATOM   308  C  "C2'"  . DC  B 1 3  ? -11.522 -2.602  4.795   1.00 22.83 ? 15 DC  B "C2'"  1 
ATOM   309  C  "C1'"  . DC  B 1 3  ? -10.937 -2.545  3.421   1.00 14.49 ? 15 DC  B "C1'"  1 
ATOM   310  N  N1     . DC  B 1 3  ? -10.882 -1.312  2.663   1.00 16.66 ? 15 DC  B N1     1 
ATOM   311  C  C2     . DC  B 1 3  ? -9.934  -0.417  3.084   1.00 14.90 ? 15 DC  B C2     1 
ATOM   312  O  O2     . DC  B 1 3  ? -9.319  -0.605  4.139   1.00 14.19 ? 15 DC  B O2     1 
ATOM   313  N  N3     . DC  B 1 3  ? -9.700  0.686   2.301   1.00 15.87 ? 15 DC  B N3     1 
ATOM   314  C  C4     . DC  B 1 3  ? -10.395 0.889   1.164   1.00 17.21 ? 15 DC  B C4     1 
ATOM   315  N  N4     . DC  B 1 3  ? -10.052 1.908   0.383   1.00 21.77 ? 15 DC  B N4     1 
ATOM   316  C  C5     . DC  B 1 3  ? -11.475 0.011   0.772   1.00 17.87 ? 15 DC  B C5     1 
ATOM   317  C  C6     . DC  B 1 3  ? -11.675 -1.069  1.556   1.00 13.56 ? 15 DC  B C6     1 
ATOM   318  H  H41    . DC  B 1 3  ? -10.583 2.105   -0.453  1.00 0.00  ? 15 DC  B H41    1 
ATOM   319  H  H42    . DC  B 1 3  ? -9.259  2.485   0.625   1.00 0.00  ? 15 DC  B H42    1 
ATOM   320  P  P      . DT  B 1 4  ? -14.379 -3.350  6.573   1.00 21.95 ? 16 DT  B P      1 
ATOM   321  O  OP1    . DT  B 1 4  ? -14.964 -4.352  7.464   1.00 23.32 ? 16 DT  B OP1    1 
ATOM   322  O  OP2    . DT  B 1 4  ? -15.314 -2.474  5.841   1.00 26.49 ? 16 DT  B OP2    1 
ATOM   323  O  "O5'"  . DT  B 1 4  ? -13.414 -2.424  7.422   1.00 22.57 ? 16 DT  B "O5'"  1 
ATOM   324  C  "C5'"  . DT  B 1 4  ? -12.627 -2.980  8.444   1.00 23.12 ? 16 DT  B "C5'"  1 
ATOM   325  C  "C4'"  . DT  B 1 4  ? -11.791 -1.926  9.051   1.00 25.00 ? 16 DT  B "C4'"  1 
ATOM   326  O  "O4'"  . DT  B 1 4  ? -11.257 -1.170  7.971   1.00 26.99 ? 16 DT  B "O4'"  1 
ATOM   327  C  "C3'"  . DT  B 1 4  ? -12.673 -1.008  9.883   1.00 30.81 ? 16 DT  B "C3'"  1 
ATOM   328  O  "O3'"  . DT  B 1 4  ? -12.280 -1.009  11.264  1.00 31.27 ? 16 DT  B "O3'"  1 
ATOM   329  C  "C2'"  . DT  B 1 4  ? -12.577 0.349   9.182   1.00 28.57 ? 16 DT  B "C2'"  1 
ATOM   330  C  "C1'"  . DT  B 1 4  ? -11.439 0.255   8.193   1.00 25.34 ? 16 DT  B "C1'"  1 
ATOM   331  N  N1     . DT  B 1 4  ? -11.795 0.938   6.915   1.00 16.64 ? 16 DT  B N1     1 
ATOM   332  C  C2     . DT  B 1 4  ? -10.969 1.957   6.475   1.00 19.43 ? 16 DT  B C2     1 
ATOM   333  O  O2     . DT  B 1 4  ? -10.029 2.386   7.151   1.00 25.20 ? 16 DT  B O2     1 
ATOM   334  N  N3     . DT  B 1 4  ? -11.249 2.495   5.223   1.00 9.54  ? 16 DT  B N3     1 
ATOM   335  C  C4     . DT  B 1 4  ? -12.279 2.104   4.413   1.00 10.09 ? 16 DT  B C4     1 
ATOM   336  O  O4     . DT  B 1 4  ? -12.375 2.616   3.294   1.00 17.14 ? 16 DT  B O4     1 
ATOM   337  C  C5     . DT  B 1 4  ? -13.123 1.095   4.995   1.00 6.85  ? 16 DT  B C5     1 
ATOM   338  C  C7     . DT  B 1 4  ? -14.344 0.583   4.267   1.00 8.32  ? 16 DT  B C7     1 
ATOM   339  C  C6     . DT  B 1 4  ? -12.867 0.563   6.188   1.00 11.38 ? 16 DT  B C6     1 
ATOM   340  H  H3     . DT  B 1 4  ? -10.646 3.231   4.886   1.00 0.00  ? 16 DT  B H3     1 
ATOM   341  P  P      . DC  B 1 5  ? -12.804 0.074   12.359  1.00 38.39 ? 17 DC  B P      1 
ATOM   342  O  OP1    . DC  B 1 5  ? -12.000 -0.109  13.608  1.00 39.47 ? 17 DC  B OP1    1 
ATOM   343  O  OP2    . DC  B 1 5  ? -14.305 -0.009  12.443  1.00 34.14 ? 17 DC  B OP2    1 
ATOM   344  O  "O5'"  . DC  B 1 5  ? -12.432 1.580   11.856  1.00 31.06 ? 17 DC  B "O5'"  1 
ATOM   345  C  "C5'"  . DC  B 1 5  ? -11.330 2.253   12.387  1.00 29.92 ? 17 DC  B "C5'"  1 
ATOM   346  C  "C4'"  . DC  B 1 5  ? -11.276 3.617   11.836  1.00 29.74 ? 17 DC  B "C4'"  1 
ATOM   347  O  "O4'"  . DC  B 1 5  ? -11.386 3.578   10.397  1.00 27.92 ? 17 DC  B "O4'"  1 
ATOM   348  C  "C3'"  . DC  B 1 5  ? -12.482 4.323   12.425  1.00 30.94 ? 17 DC  B "C3'"  1 
ATOM   349  O  "O3'"  . DC  B 1 5  ? -12.218 5.663   12.818  1.00 35.12 ? 17 DC  B "O3'"  1 
ATOM   350  C  "C2'"  . DC  B 1 5  ? -13.323 4.398   11.228  1.00 26.63 ? 17 DC  B "C2'"  1 
ATOM   351  C  "C1'"  . DC  B 1 5  ? -12.346 4.568   10.070  1.00 22.79 ? 17 DC  B "C1'"  1 
ATOM   352  N  N1     . DC  B 1 5  ? -13.086 4.373   8.812   1.00 17.00 ? 17 DC  B N1     1 
ATOM   353  C  C2     . DC  B 1 5  ? -12.709 5.137   7.714   1.00 17.98 ? 17 DC  B C2     1 
ATOM   354  O  O2     . DC  B 1 5  ? -11.747 5.924   7.727   1.00 15.02 ? 17 DC  B O2     1 
ATOM   355  N  N3     . DC  B 1 5  ? -13.440 4.991   6.569   1.00 10.33 ? 17 DC  B N3     1 
ATOM   356  C  C4     . DC  B 1 5  ? -14.440 4.115   6.529   1.00 9.39  ? 17 DC  B C4     1 
ATOM   357  N  N4     . DC  B 1 5  ? -15.134 3.974   5.407   1.00 17.10 ? 17 DC  B N4     1 
ATOM   358  C  C5     . DC  B 1 5  ? -14.796 3.316   7.634   1.00 14.60 ? 17 DC  B C5     1 
ATOM   359  C  C6     . DC  B 1 5  ? -14.096 3.488   8.756   1.00 11.82 ? 17 DC  B C6     1 
ATOM   360  H  H41    . DC  B 1 5  ? -15.931 3.353   5.381   1.00 0.00  ? 17 DC  B H41    1 
ATOM   361  H  H42    . DC  B 1 5  ? -14.867 4.487   4.579   1.00 0.00  ? 17 DC  B H42    1 
ATOM   362  P  P      . DT  B 1 6  ? -11.920 6.000   14.347  1.00 38.26 ? 18 DT  B P      1 
ATOM   363  O  OP1    . DT  B 1 6  ? -10.614 5.374   14.695  1.00 39.75 ? 18 DT  B OP1    1 
ATOM   364  O  OP2    . DT  B 1 6  ? -13.125 5.570   15.090  1.00 37.25 ? 18 DT  B OP2    1 
ATOM   365  O  "O5'"  . DT  B 1 6  ? -11.784 7.611   14.368  1.00 36.57 ? 18 DT  B "O5'"  1 
ATOM   366  C  "C5'"  . DT  B 1 6  ? -10.731 8.216   13.659  1.00 31.05 ? 18 DT  B "C5'"  1 
ATOM   367  C  "C4'"  . DT  B 1 6  ? -11.210 8.922   12.391  1.00 32.53 ? 18 DT  B "C4'"  1 
ATOM   368  O  "O4'"  . DT  B 1 6  ? -12.128 8.244   11.581  1.00 30.38 ? 18 DT  B "O4'"  1 
ATOM   369  C  "C3'"  . DT  B 1 6  ? -11.917 10.182  12.550  1.00 31.21 ? 18 DT  B "C3'"  1 
ATOM   370  O  "O3'"  . DT  B 1 6  ? -10.764 10.896  12.899  1.00 37.03 ? 18 DT  B "O3'"  1 
ATOM   371  C  "C2'"  . DT  B 1 6  ? -12.309 10.405  11.081  1.00 26.03 ? 18 DT  B "C2'"  1 
ATOM   372  C  "C1'"  . DT  B 1 6  ? -12.366 9.092   10.428  1.00 21.31 ? 18 DT  B "C1'"  1 
ATOM   373  N  N1     . DT  B 1 6  ? -13.635 8.600   9.814   1.00 15.86 ? 18 DT  B N1     1 
ATOM   374  C  C2     . DT  B 1 6  ? -13.947 8.908   8.528   1.00 10.85 ? 18 DT  B C2     1 
ATOM   375  O  O2     . DT  B 1 6  ? -13.305 9.684   7.851   1.00 11.43 ? 18 DT  B O2     1 
ATOM   376  N  N3     . DT  B 1 6  ? -15.061 8.263   8.002   1.00 14.71 ? 18 DT  B N3     1 
ATOM   377  C  C4     . DT  B 1 6  ? -15.860 7.352   8.652   1.00 14.86 ? 18 DT  B C4     1 
ATOM   378  O  O4     . DT  B 1 6  ? -16.726 6.757   8.040   1.00 16.90 ? 18 DT  B O4     1 
ATOM   379  C  C5     . DT  B 1 6  ? -15.524 7.170   10.024  1.00 13.72 ? 18 DT  B C5     1 
ATOM   380  C  C7     . DT  B 1 6  ? -16.345 6.299   10.873  1.00 20.32 ? 18 DT  B C7     1 
ATOM   381  C  C6     . DT  B 1 6  ? -14.475 7.767   10.559  1.00 15.80 ? 18 DT  B C6     1 
ATOM   382  H  H3     . DT  B 1 6  ? -15.309 8.487   7.049   1.00 0.00  ? 18 DT  B H3     1 
ATOM   383  P  P      . DA  B 1 7  ? -10.709 12.317  13.554  1.00 36.81 ? 19 DA  B P      1 
ATOM   384  O  OP1    . DA  B 1 7  ? -9.649  12.283  14.584  1.00 38.25 ? 19 DA  B OP1    1 
ATOM   385  O  OP2    . DA  B 1 7  ? -12.096 12.688  13.899  1.00 36.04 ? 19 DA  B OP2    1 
ATOM   386  O  "O5'"  . DA  B 1 7  ? -10.134 13.274  12.326  1.00 36.04 ? 19 DA  B "O5'"  1 
ATOM   387  C  "C5'"  . DA  B 1 7  ? -10.478 13.053  10.960  1.00 31.53 ? 19 DA  B "C5'"  1 
ATOM   388  C  "C4'"  . DA  B 1 7  ? -10.781 14.297  10.121  1.00 30.54 ? 19 DA  B "C4'"  1 
ATOM   389  O  "O4'"  . DA  B 1 7  ? -11.883 14.028  9.195   1.00 28.03 ? 19 DA  B "O4'"  1 
ATOM   390  C  "C3'"  . DA  B 1 7  ? -11.229 15.556  10.862  1.00 25.56 ? 19 DA  B "C3'"  1 
ATOM   391  O  "O3'"  . DA  B 1 7  ? -10.909 16.485  9.847   1.00 27.68 ? 19 DA  B "O3'"  1 
ATOM   392  C  "C2'"  . DA  B 1 7  ? -12.705 15.275  11.002  1.00 18.48 ? 19 DA  B "C2'"  1 
ATOM   393  C  "C1'"  . DA  B 1 7  ? -13.107 14.552  9.718   1.00 15.27 ? 19 DA  B "C1'"  1 
ATOM   394  N  N9     . DA  B 1 7  ? -14.041 13.502  10.066  1.00 6.49  ? 19 DA  B N9     1 
ATOM   395  C  C8     . DA  B 1 7  ? -14.331 13.036  11.279  1.00 5.36  ? 19 DA  B C8     1 
ATOM   396  N  N7     . DA  B 1 7  ? -15.260 12.134  11.308  1.00 4.64  ? 19 DA  B N7     1 
ATOM   397  C  C5     . DA  B 1 7  ? -15.614 11.988  9.992   1.00 4.55  ? 19 DA  B C5     1 
ATOM   398  C  C6     . DA  B 1 7  ? -16.578 11.162  9.388   1.00 13.43 ? 19 DA  B C6     1 
ATOM   399  N  N6     . DA  B 1 7  ? -17.357 10.288  10.082  1.00 11.79 ? 19 DA  B N6     1 
ATOM   400  N  N1     . DA  B 1 7  ? -16.674 11.273  8.067   1.00 8.76  ? 19 DA  B N1     1 
ATOM   401  C  C2     . DA  B 1 7  ? -15.875 12.098  7.409   1.00 9.38  ? 19 DA  B C2     1 
ATOM   402  N  N3     . DA  B 1 7  ? -14.936 12.901  7.850   1.00 8.38  ? 19 DA  B N3     1 
ATOM   403  C  C4     . DA  B 1 7  ? -14.862 12.794  9.208   1.00 8.05  ? 19 DA  B C4     1 
ATOM   404  H  H61    . DA  B 1 7  ? -17.259 10.210  11.085  1.00 0.00  ? 19 DA  B H61    1 
ATOM   405  H  H62    . DA  B 1 7  ? -18.034 9.718   9.596   1.00 0.00  ? 19 DA  B H62    1 
ATOM   406  P  P      . DG  B 1 8  ? -11.045 18.056  9.762   1.00 31.68 ? 20 DG  B P      1 
ATOM   407  O  OP1    . DG  B 1 8  ? -9.763  18.641  10.230  1.00 31.46 ? 20 DG  B OP1    1 
ATOM   408  O  OP2    . DG  B 1 8  ? -12.303 18.504  10.415  1.00 35.74 ? 20 DG  B OP2    1 
ATOM   409  O  "O5'"  . DG  B 1 8  ? -11.207 18.143  8.140   1.00 28.14 ? 20 DG  B "O5'"  1 
ATOM   410  C  "C5'"  . DG  B 1 8  ? -12.334 17.413  7.560   1.00 31.13 ? 20 DG  B "C5'"  1 
ATOM   411  C  "C4'"  . DG  B 1 8  ? -13.533 18.196  6.945   1.00 28.14 ? 20 DG  B "C4'"  1 
ATOM   412  O  "O4'"  . DG  B 1 8  ? -14.725 17.354  6.947   1.00 24.73 ? 20 DG  B "O4'"  1 
ATOM   413  C  "C3'"  . DG  B 1 8  ? -13.938 19.365  7.809   1.00 31.12 ? 20 DG  B "C3'"  1 
ATOM   414  O  "O3'"  . DG  B 1 8  ? -14.704 20.402  7.207   1.00 37.24 ? 20 DG  B "O3'"  1 
ATOM   415  C  "C2'"  . DG  B 1 8  ? -14.815 18.693  8.843   1.00 23.61 ? 20 DG  B "C2'"  1 
ATOM   416  C  "C1'"  . DG  B 1 8  ? -15.598 17.695  8.035   1.00 18.15 ? 20 DG  B "C1'"  1 
ATOM   417  N  N9     . DG  B 1 8  ? -16.271 16.638  8.880   1.00 9.42  ? 20 DG  B N9     1 
ATOM   418  C  C8     . DG  B 1 8  ? -16.166 16.432  10.222  1.00 10.55 ? 20 DG  B C8     1 
ATOM   419  N  N7     . DG  B 1 8  ? -16.944 15.503  10.691  1.00 11.04 ? 20 DG  B N7     1 
ATOM   420  C  C5     . DG  B 1 8  ? -17.595 15.037  9.551   1.00 5.69  ? 20 DG  B C5     1 
ATOM   421  C  C6     . DG  B 1 8  ? -18.552 14.031  9.441   1.00 8.42  ? 20 DG  B C6     1 
ATOM   422  O  O6     . DG  B 1 8  ? -19.047 13.327  10.322  1.00 13.46 ? 20 DG  B O6     1 
ATOM   423  N  N1     . DG  B 1 8  ? -18.943 13.872  8.141   1.00 12.46 ? 20 DG  B N1     1 
ATOM   424  C  C2     . DG  B 1 8  ? -18.485 14.591  7.079   1.00 12.18 ? 20 DG  B C2     1 
ATOM   425  N  N2     . DG  B 1 8  ? -19.024 14.260  5.892   1.00 17.88 ? 20 DG  B N2     1 
ATOM   426  N  N3     . DG  B 1 8  ? -17.584 15.551  7.173   1.00 7.90  ? 20 DG  B N3     1 
ATOM   427  C  C4     . DG  B 1 8  ? -17.182 15.706  8.448   1.00 5.04  ? 20 DG  B C4     1 
ATOM   428  H  H1     . DG  B 1 8  ? -19.632 13.153  7.975   1.00 0.00  ? 20 DG  B H1     1 
ATOM   429  H  H21    . DG  B 1 8  ? -18.696 14.705  5.047   1.00 0.00  ? 20 DG  B H21    1 
ATOM   430  H  H22    . DG  B 1 8  ? -19.756 13.565  5.846   1.00 0.00  ? 20 DG  B H22    1 
ATOM   431  P  P      . DA  B 1 9  ? -15.369 20.686  5.747   1.00 43.87 ? 21 DA  B P      1 
ATOM   432  O  OP1    . DA  B 1 9  ? -14.230 20.876  4.804   1.00 42.13 ? 21 DA  B OP1    1 
ATOM   433  O  OP2    . DA  B 1 9  ? -16.330 21.801  6.002   1.00 42.50 ? 21 DA  B OP2    1 
ATOM   434  O  "O5'"  . DA  B 1 9  ? -16.301 19.457  5.237   1.00 42.73 ? 21 DA  B "O5'"  1 
ATOM   435  C  "C5'"  . DA  B 1 9  ? -16.828 19.456  3.889   1.00 41.21 ? 21 DA  B "C5'"  1 
ATOM   436  C  "C4'"  . DA  B 1 9  ? -18.357 19.549  3.788   1.00 41.86 ? 21 DA  B "C4'"  1 
ATOM   437  O  "O4'"  . DA  B 1 9  ? -18.964 18.530  4.614   1.00 39.17 ? 21 DA  B "O4'"  1 
ATOM   438  C  "C3'"  . DA  B 1 9  ? -18.924 20.935  4.178   1.00 45.26 ? 21 DA  B "C3'"  1 
ATOM   439  O  "O3'"  . DA  B 1 9  ? -20.027 21.507  3.417   1.00 51.11 ? 21 DA  B "O3'"  1 
ATOM   440  C  "C2'"  . DA  B 1 9  ? -19.484 20.617  5.543   1.00 42.33 ? 21 DA  B "C2'"  1 
ATOM   441  C  "C1'"  . DA  B 1 9  ? -19.912 19.158  5.486   1.00 33.77 ? 21 DA  B "C1'"  1 
ATOM   442  N  N9     . DA  B 1 9  ? -19.936 18.592  6.848   1.00 26.85 ? 21 DA  B N9     1 
ATOM   443  C  C8     . DA  B 1 9  ? -19.240 18.978  7.975   1.00 22.26 ? 21 DA  B C8     1 
ATOM   444  N  N7     . DA  B 1 9  ? -19.558 18.285  9.059   1.00 27.05 ? 21 DA  B N7     1 
ATOM   445  C  C5     . DA  B 1 9  ? -20.511 17.366  8.596   1.00 20.57 ? 21 DA  B C5     1 
ATOM   446  C  C6     . DA  B 1 9  ? -21.230 16.377  9.235   1.00 16.95 ? 21 DA  B C6     1 
ATOM   447  N  N6     . DA  B 1 9  ? -21.155 16.124  10.517  1.00 19.22 ? 21 DA  B N6     1 
ATOM   448  N  N1     . DA  B 1 9  ? -22.053 15.645  8.524   1.00 21.04 ? 21 DA  B N1     1 
ATOM   449  C  C2     . DA  B 1 9  ? -22.168 15.904  7.218   1.00 22.60 ? 21 DA  B C2     1 
ATOM   450  N  N3     . DA  B 1 9  ? -21.573 16.815  6.476   1.00 22.94 ? 21 DA  B N3     1 
ATOM   451  C  C4     . DA  B 1 9  ? -20.733 17.533  7.257   1.00 24.00 ? 21 DA  B C4     1 
ATOM   452  H  H61    . DA  B 1 9  ? -20.541 16.669  11.104  1.00 0.00  ? 21 DA  B H61    1 
ATOM   453  H  H62    . DA  B 1 9  ? -21.711 15.383  10.919  1.00 0.00  ? 21 DA  B H62    1 
ATOM   454  P  P      . DG  B 1 10 ? -20.841 20.886  2.104   1.00 54.63 ? 22 DG  B P      1 
ATOM   455  O  OP1    . DG  B 1 10 ? -19.825 20.525  1.072   1.00 53.19 ? 22 DG  B OP1    1 
ATOM   456  O  OP2    . DG  B 1 10 ? -21.929 21.848  1.734   1.00 55.10 ? 22 DG  B OP2    1 
ATOM   457  O  "O5'"  . DG  B 1 10 ? -21.544 19.533  2.710   1.00 52.67 ? 22 DG  B "O5'"  1 
ATOM   458  C  "C5'"  . DG  B 1 10 ? -22.894 19.135  2.402   1.00 48.24 ? 22 DG  B "C5'"  1 
ATOM   459  C  "C4'"  . DG  B 1 10 ? -23.889 19.460  3.548   1.00 43.66 ? 22 DG  B "C4'"  1 
ATOM   460  O  "O4'"  . DG  B 1 10 ? -23.316 19.342  4.848   1.00 42.36 ? 22 DG  B "O4'"  1 
ATOM   461  C  "C3'"  . DG  B 1 10 ? -24.543 20.807  3.579   1.00 41.15 ? 22 DG  B "C3'"  1 
ATOM   462  O  "O3'"  . DG  B 1 10 ? -25.833 20.552  3.000   1.00 41.68 ? 22 DG  B "O3'"  1 
ATOM   463  C  "C2'"  . DG  B 1 10 ? -24.567 21.156  5.063   1.00 33.40 ? 22 DG  B "C2'"  1 
ATOM   464  C  "C1'"  . DG  B 1 10 ? -24.323 19.838  5.720   1.00 29.50 ? 22 DG  B "C1'"  1 
ATOM   465  N  N9     . DG  B 1 10 ? -23.676 19.893  7.017   1.00 17.26 ? 22 DG  B N9     1 
ATOM   466  C  C8     . DG  B 1 10 ? -22.665 20.706  7.454   1.00 12.43 ? 22 DG  B C8     1 
ATOM   467  N  N7     . DG  B 1 10 ? -22.330 20.474  8.704   1.00 12.73 ? 22 DG  B N7     1 
ATOM   468  C  C5     . DG  B 1 10 ? -23.178 19.443  9.086   1.00 4.24  ? 22 DG  B C5     1 
ATOM   469  C  C6     . DG  B 1 10 ? -23.263 18.809  10.277  1.00 2.37  ? 22 DG  B C6     1 
ATOM   470  O  O6     . DG  B 1 10 ? -22.598 19.025  11.271  1.00 7.09  ? 22 DG  B O6     1 
ATOM   471  N  N1     . DG  B 1 10 ? -24.211 17.858  10.289  1.00 4.84  ? 22 DG  B N1     1 
ATOM   472  C  C2     . DG  B 1 10 ? -24.989 17.553  9.224   1.00 8.77  ? 22 DG  B C2     1 
ATOM   473  N  N2     . DG  B 1 10 ? -25.854 16.590  9.377   1.00 5.96  ? 22 DG  B N2     1 
ATOM   474  N  N3     . DG  B 1 10 ? -24.936 18.135  8.055   1.00 6.71  ? 22 DG  B N3     1 
ATOM   475  C  C4     . DG  B 1 10 ? -24.001 19.078  8.066   1.00 11.41 ? 22 DG  B C4     1 
ATOM   476  H  H1     . DG  B 1 10 ? -24.334 17.352  11.154  1.00 0.00  ? 22 DG  B H1     1 
ATOM   477  H  H21    . DG  B 1 10 ? -26.409 16.281  8.592   1.00 0.00  ? 22 DG  B H21    1 
ATOM   478  H  H22    . DG  B 1 10 ? -25.970 16.154  10.281  1.00 0.00  ? 22 DG  B H22    1 
ATOM   479  P  P      . DC  B 1 11 ? -27.059 21.628  3.098   1.00 40.61 ? 23 DC  B P      1 
ATOM   480  O  OP1    . DC  B 1 11 ? -27.822 21.450  1.840   1.00 38.58 ? 23 DC  B OP1    1 
ATOM   481  O  OP2    . DC  B 1 11 ? -26.503 22.960  3.506   1.00 41.34 ? 23 DC  B OP2    1 
ATOM   482  O  "O5'"  . DC  B 1 11 ? -27.992 21.152  4.329   1.00 39.87 ? 23 DC  B "O5'"  1 
ATOM   483  C  "C5'"  . DC  B 1 11 ? -29.012 20.158  4.151   1.00 33.99 ? 23 DC  B "C5'"  1 
ATOM   484  C  "C4'"  . DC  B 1 11 ? -29.533 19.725  5.487   1.00 29.67 ? 23 DC  B "C4'"  1 
ATOM   485  O  "O4'"  . DC  B 1 11 ? -28.509 19.500  6.454   1.00 23.62 ? 23 DC  B "O4'"  1 
ATOM   486  C  "C3'"  . DC  B 1 11 ? -30.437 20.780  6.021   1.00 27.93 ? 23 DC  B "C3'"  1 
ATOM   487  O  "O3'"  . DC  B 1 11 ? -31.667 20.166  6.361   1.00 33.80 ? 23 DC  B "O3'"  1 
ATOM   488  C  "C2'"  . DC  B 1 11 ? -29.802 21.194  7.265   1.00 25.20 ? 23 DC  B "C2'"  1 
ATOM   489  C  "C1'"  . DC  B 1 11 ? -28.992 19.986  7.708   1.00 20.56 ? 23 DC  B "C1'"  1 
ATOM   490  N  N1     . DC  B 1 11 ? -27.872 20.491  8.503   1.00 13.76 ? 23 DC  B N1     1 
ATOM   491  C  C2     . DC  B 1 11 ? -27.651 20.003  9.804   1.00 8.70  ? 23 DC  B C2     1 
ATOM   492  O  O2     . DC  B 1 11 ? -28.359 19.166  10.370  1.00 12.58 ? 23 DC  B O2     1 
ATOM   493  N  N3     . DC  B 1 11 ? -26.595 20.512  10.479  1.00 4.52  ? 23 DC  B N3     1 
ATOM   494  C  C4     . DC  B 1 11 ? -25.845 21.461  9.911   1.00 2.71  ? 23 DC  B C4     1 
ATOM   495  N  N4     . DC  B 1 11 ? -24.868 21.974  10.600  1.00 9.60  ? 23 DC  B N4     1 
ATOM   496  C  C5     . DC  B 1 11 ? -26.041 21.971  8.605   1.00 5.51  ? 23 DC  B C5     1 
ATOM   497  C  C6     . DC  B 1 11 ? -27.069 21.458  7.917   1.00 7.37  ? 23 DC  B C6     1 
ATOM   498  H  H41    . DC  B 1 11 ? -24.331 22.741  10.223  1.00 0.00  ? 23 DC  B H41    1 
ATOM   499  H  H42    . DC  B 1 11 ? -24.647 21.604  11.514  1.00 0.00  ? 23 DC  B H42    1 
ATOM   500  P  P      . DG  B 1 12 ? -32.930 21.104  6.211   1.00 36.68 ? 24 DG  B P      1 
ATOM   501  O  OP1    . DG  B 1 12 ? -34.062 20.221  5.822   1.00 39.01 ? 24 DG  B OP1    1 
ATOM   502  O  OP2    . DG  B 1 12 ? -32.592 22.301  5.377   1.00 35.81 ? 24 DG  B OP2    1 
ATOM   503  O  "O5'"  . DG  B 1 12 ? -33.161 21.621  7.738   1.00 34.37 ? 24 DG  B "O5'"  1 
ATOM   504  C  "C5'"  . DG  B 1 12 ? -33.569 20.610  8.652   1.00 32.28 ? 24 DG  B "C5'"  1 
ATOM   505  C  "C4'"  . DG  B 1 12 ? -33.056 20.801  10.055  1.00 32.67 ? 24 DG  B "C4'"  1 
ATOM   506  O  "O4'"  . DG  B 1 12 ? -31.634 20.911  10.178  1.00 28.44 ? 24 DG  B "O4'"  1 
ATOM   507  C  "C3'"  . DG  B 1 12 ? -33.643 22.031  10.703  1.00 31.64 ? 24 DG  B "C3'"  1 
ATOM   508  O  "O3'"  . DG  B 1 12 ? -35.031 21.715  11.008  1.00 34.17 ? 24 DG  B "O3'"  1 
ATOM   509  C  "C2'"  . DG  B 1 12 ? -32.682 22.148  11.922  1.00 28.78 ? 24 DG  B "C2'"  1 
ATOM   510  C  "C1'"  . DG  B 1 12 ? -31.400 21.391  11.518  1.00 23.82 ? 24 DG  B "C1'"  1 
ATOM   511  N  N9     . DG  B 1 12 ? -30.224 22.280  11.461  1.00 19.58 ? 24 DG  B N9     1 
ATOM   512  C  C8     . DG  B 1 12 ? -29.819 23.073  10.405  1.00 21.40 ? 24 DG  B C8     1 
ATOM   513  N  N7     . DG  B 1 12 ? -28.728 23.751  10.608  1.00 18.49 ? 24 DG  B N7     1 
ATOM   514  C  C5     . DG  B 1 12 ? -28.410 23.381  11.902  1.00 14.96 ? 24 DG  B C5     1 
ATOM   515  C  C6     . DG  B 1 12 ? -27.346 23.804  12.656  1.00 16.16 ? 24 DG  B C6     1 
ATOM   516  O  O6     . DG  B 1 12 ? -26.471 24.592  12.305  1.00 14.41 ? 24 DG  B O6     1 
ATOM   517  N  N1     . DG  B 1 12 ? -27.360 23.211  13.909  1.00 15.24 ? 24 DG  B N1     1 
ATOM   518  C  C2     . DG  B 1 12 ? -28.288 22.341  14.356  1.00 9.73  ? 24 DG  B C2     1 
ATOM   519  N  N2     . DG  B 1 12 ? -28.146 21.911  15.610  1.00 13.10 ? 24 DG  B N2     1 
ATOM   520  N  N3     . DG  B 1 12 ? -29.299 21.932  13.630  1.00 12.59 ? 24 DG  B N3     1 
ATOM   521  C  C4     . DG  B 1 12 ? -29.300 22.493  12.426  1.00 13.22 ? 24 DG  B C4     1 
ATOM   522  H  "HO3'" . DG  B 1 12 ? -35.416 22.491  11.422  1.00 0.00  ? 24 DG  B "HO3'" 1 
ATOM   523  H  H1     . DG  B 1 12 ? -26.602 23.467  14.525  1.00 0.00  ? 24 DG  B H1     1 
ATOM   524  H  H21    . DG  B 1 12 ? -28.819 21.268  16.003  1.00 0.00  ? 24 DG  B H21    1 
ATOM   525  H  H22    . DG  B 1 12 ? -27.365 22.228  16.167  1.00 0.00  ? 24 DG  B H22    1 
ATOM   526  P  P      . DG  C 1 2  ? 34.864  -11.158 -8.370  1.00 46.40 ? 26 DG  C P      1 
ATOM   527  O  OP1    . DG  C 1 2  ? 36.145  -10.462 -8.720  1.00 43.57 ? 26 DG  C OP1    1 
ATOM   528  O  OP2    . DG  C 1 2  ? 34.691  -11.972 -7.129  1.00 44.89 ? 26 DG  C OP2    1 
ATOM   529  O  "O5'"  . DG  C 1 2  ? 34.225  -11.881 -9.626  1.00 37.29 ? 26 DG  C "O5'"  1 
ATOM   530  C  "C5'"  . DG  C 1 2  ? 34.857  -11.768 -10.900 1.00 33.39 ? 26 DG  C "C5'"  1 
ATOM   531  C  "C4'"  . DG  C 1 2  ? 34.268  -12.802 -11.783 1.00 28.52 ? 26 DG  C "C4'"  1 
ATOM   532  O  "O4'"  . DG  C 1 2  ? 34.093  -13.911 -10.917 1.00 29.13 ? 26 DG  C "O4'"  1 
ATOM   533  C  "C3'"  . DG  C 1 2  ? 32.872  -12.534 -12.129 1.00 25.62 ? 26 DG  C "C3'"  1 
ATOM   534  O  "O3'"  . DG  C 1 2  ? 32.735  -11.504 -13.105 1.00 29.85 ? 26 DG  C "O3'"  1 
ATOM   535  C  "C2'"  . DG  C 1 2  ? 32.495  -13.907 -12.560 1.00 25.55 ? 26 DG  C "C2'"  1 
ATOM   536  C  "C1'"  . DG  C 1 2  ? 33.082  -14.740 -11.462 1.00 26.37 ? 26 DG  C "C1'"  1 
ATOM   537  N  N9     . DG  C 1 2  ? 32.316  -15.314 -10.333 1.00 20.79 ? 26 DG  C N9     1 
ATOM   538  C  C8     . DG  C 1 2  ? 32.475  -15.076 -8.996  1.00 20.67 ? 26 DG  C C8     1 
ATOM   539  N  N7     . DG  C 1 2  ? 31.754  -15.878 -8.245  1.00 18.40 ? 26 DG  C N7     1 
ATOM   540  C  C5     . DG  C 1 2  ? 31.047  -16.649 -9.132  1.00 11.60 ? 26 DG  C C5     1 
ATOM   541  C  C6     . DG  C 1 2  ? 30.142  -17.680 -8.889  1.00 16.38 ? 26 DG  C C6     1 
ATOM   542  O  O6     . DG  C 1 2  ? 29.803  -18.180 -7.824  1.00 19.72 ? 26 DG  C O6     1 
ATOM   543  N  N1     . DG  C 1 2  ? 29.616  -18.191 -10.049 1.00 18.69 ? 26 DG  C N1     1 
ATOM   544  C  C2     . DG  C 1 2  ? 29.959  -17.796 -11.317 1.00 20.73 ? 26 DG  C C2     1 
ATOM   545  N  N2     . DG  C 1 2  ? 29.376  -18.459 -12.321 1.00 20.94 ? 26 DG  C N2     1 
ATOM   546  N  N3     . DG  C 1 2  ? 30.841  -16.811 -11.565 1.00 23.05 ? 26 DG  C N3     1 
ATOM   547  C  C4     . DG  C 1 2  ? 31.342  -16.287 -10.414 1.00 19.15 ? 26 DG  C C4     1 
ATOM   548  H  H1     . DG  C 1 2  ? 28.921  -18.916 -9.938  1.00 0.00  ? 26 DG  C H1     1 
ATOM   549  H  H21    . DG  C 1 2  ? 29.596  -18.223 -13.279 1.00 0.00  ? 26 DG  C H21    1 
ATOM   550  H  H22    . DG  C 1 2  ? 28.715  -19.196 -12.122 1.00 0.00  ? 26 DG  C H22    1 
ATOM   551  P  P      . DC  C 1 3  ? 31.384  -10.599 -13.061 1.00 27.25 ? 27 DC  C P      1 
ATOM   552  O  OP1    . DC  C 1 3  ? 31.509  -9.575  -14.135 1.00 32.47 ? 27 DC  C OP1    1 
ATOM   553  O  OP2    . DC  C 1 3  ? 31.151  -10.201 -11.649 1.00 25.80 ? 27 DC  C OP2    1 
ATOM   554  O  "O5'"  . DC  C 1 3  ? 30.213  -11.610 -13.562 1.00 28.99 ? 27 DC  C "O5'"  1 
ATOM   555  C  "C5'"  . DC  C 1 3  ? 30.292  -12.322 -14.808 1.00 22.01 ? 27 DC  C "C5'"  1 
ATOM   556  C  "C4'"  . DC  C 1 3  ? 29.471  -13.589 -14.715 1.00 24.13 ? 27 DC  C "C4'"  1 
ATOM   557  O  "O4'"  . DC  C 1 3  ? 29.690  -14.312 -13.521 1.00 23.95 ? 27 DC  C "O4'"  1 
ATOM   558  C  "C3'"  . DC  C 1 3  ? 28.036  -13.252 -14.618 1.00 22.54 ? 27 DC  C "C3'"  1 
ATOM   559  O  "O3'"  . DC  C 1 3  ? 27.691  -13.005 -15.944 1.00 28.66 ? 27 DC  C "O3'"  1 
ATOM   560  C  "C2'"  . DC  C 1 3  ? 27.427  -14.497 -14.064 1.00 17.22 ? 27 DC  C "C2'"  1 
ATOM   561  C  "C1'"  . DC  C 1 3  ? 28.418  -14.856 -13.063 1.00 17.10 ? 27 DC  C "C1'"  1 
ATOM   562  N  N1     . DC  C 1 3  ? 28.214  -14.622 -11.612 1.00 10.15 ? 27 DC  C N1     1 
ATOM   563  C  C2     . DC  C 1 3  ? 27.344  -15.435 -10.967 1.00 12.34 ? 27 DC  C C2     1 
ATOM   564  O  O2     . DC  C 1 3  ? 26.578  -16.191 -11.556 1.00 13.73 ? 27 DC  C O2     1 
ATOM   565  N  N3     . DC  C 1 3  ? 27.280  -15.401 -9.613  1.00 11.60 ? 27 DC  C N3     1 
ATOM   566  C  C4     . DC  C 1 3  ? 27.979  -14.534 -8.906  1.00 7.01  ? 27 DC  C C4     1 
ATOM   567  N  N4     . DC  C 1 3  ? 27.818  -14.596 -7.599  1.00 11.45 ? 27 DC  C N4     1 
ATOM   568  C  C5     . DC  C 1 3  ? 28.816  -13.610 -9.549  1.00 2.55  ? 27 DC  C C5     1 
ATOM   569  C  C6     . DC  C 1 3  ? 28.897  -13.698 -10.903 1.00 8.70  ? 27 DC  C C6     1 
ATOM   570  H  H41    . DC  C 1 3  ? 28.266  -13.916 -7.003  1.00 0.00  ? 27 DC  C H41    1 
ATOM   571  H  H42    . DC  C 1 3  ? 27.247  -15.325 -7.195  1.00 0.00  ? 27 DC  C H42    1 
ATOM   572  P  P      . DT  C 1 4  ? 26.303  -12.266 -16.190 1.00 35.07 ? 28 DT  C P      1 
ATOM   573  O  OP1    . DT  C 1 4  ? 26.164  -12.014 -17.653 1.00 34.38 ? 28 DT  C OP1    1 
ATOM   574  O  OP2    . DT  C 1 4  ? 26.150  -11.177 -15.189 1.00 33.93 ? 28 DT  C OP2    1 
ATOM   575  O  "O5'"  . DT  C 1 4  ? 25.230  -13.366 -15.835 1.00 32.95 ? 28 DT  C "O5'"  1 
ATOM   576  C  "C5'"  . DT  C 1 4  ? 24.789  -14.367 -16.737 1.00 28.02 ? 28 DT  C "C5'"  1 
ATOM   577  C  "C4'"  . DT  C 1 4  ? 23.657  -15.029 -16.052 1.00 24.81 ? 28 DT  C "C4'"  1 
ATOM   578  O  "O4'"  . DT  C 1 4  ? 24.002  -15.081 -14.657 1.00 26.64 ? 28 DT  C "O4'"  1 
ATOM   579  C  "C3'"  . DT  C 1 4  ? 22.421  -14.175 -16.095 1.00 27.58 ? 28 DT  C "C3'"  1 
ATOM   580  O  "O3'"  . DT  C 1 4  ? 21.389  -15.095 -16.467 1.00 33.07 ? 28 DT  C "O3'"  1 
ATOM   581  C  "C2'"  . DT  C 1 4  ? 22.278  -13.599 -14.693 1.00 22.43 ? 28 DT  C "C2'"  1 
ATOM   582  C  "C1'"  . DT  C 1 4  ? 22.900  -14.640 -13.847 1.00 18.92 ? 28 DT  C "C1'"  1 
ATOM   583  N  N1     . DT  C 1 4  ? 23.441  -14.159 -12.564 1.00 13.84 ? 28 DT  C N1     1 
ATOM   584  C  C2     . DT  C 1 4  ? 23.069  -14.854 -11.488 1.00 10.01 ? 28 DT  C C2     1 
ATOM   585  O  O2     . DT  C 1 4  ? 22.267  -15.764 -11.599 1.00 13.32 ? 28 DT  C O2     1 
ATOM   586  N  N3     . DT  C 1 4  ? 23.591  -14.461 -10.271 1.00 6.83  ? 28 DT  C N3     1 
ATOM   587  C  C4     . DT  C 1 4  ? 24.413  -13.383 -10.102 1.00 8.94  ? 28 DT  C C4     1 
ATOM   588  O  O4     . DT  C 1 4  ? 24.810  -13.041 -8.975  1.00 9.56  ? 28 DT  C O4     1 
ATOM   589  C  C5     . DT  C 1 4  ? 24.716  -12.714 -11.328 1.00 2.00  ? 28 DT  C C5     1 
ATOM   590  C  C7     . DT  C 1 4  ? 25.612  -11.504 -11.275 1.00 6.05  ? 28 DT  C C7     1 
ATOM   591  C  C6     . DT  C 1 4  ? 24.254  -13.098 -12.472 1.00 7.38  ? 28 DT  C C6     1 
ATOM   592  H  H3     . DT  C 1 4  ? 23.349  -15.005 -9.455  1.00 0.00  ? 28 DT  C H3     1 
ATOM   593  P  P      . DC  C 1 5  ? 19.891  -14.634 -16.889 1.00 37.19 ? 29 DC  C P      1 
ATOM   594  O  OP1    . DC  C 1 5  ? 19.231  -15.601 -17.838 1.00 33.19 ? 29 DC  C OP1    1 
ATOM   595  O  OP2    . DC  C 1 5  ? 20.002  -13.190 -17.246 1.00 38.51 ? 29 DC  C OP2    1 
ATOM   596  O  "O5'"  . DC  C 1 5  ? 19.229  -14.763 -15.413 1.00 34.35 ? 29 DC  C "O5'"  1 
ATOM   597  C  "C5'"  . DC  C 1 5  ? 19.168  -16.075 -14.874 1.00 31.75 ? 29 DC  C "C5'"  1 
ATOM   598  C  "C4'"  . DC  C 1 5  ? 18.188  -16.155 -13.766 1.00 31.89 ? 29 DC  C "C4'"  1 
ATOM   599  O  "O4'"  . DC  C 1 5  ? 18.698  -15.845 -12.493 1.00 26.71 ? 29 DC  C "O4'"  1 
ATOM   600  C  "C3'"  . DC  C 1 5  ? 16.997  -15.299 -14.051 1.00 33.51 ? 29 DC  C "C3'"  1 
ATOM   601  O  "O3'"  . DC  C 1 5  ? 16.050  -16.260 -13.752 1.00 43.37 ? 29 DC  C "O3'"  1 
ATOM   602  C  "C2'"  . DC  C 1 5  ? 17.117  -14.239 -13.006 1.00 27.49 ? 29 DC  C "C2'"  1 
ATOM   603  C  "C1'"  . DC  C 1 5  ? 17.946  -14.810 -11.860 1.00 22.39 ? 29 DC  C "C1'"  1 
ATOM   604  N  N1     . DC  C 1 5  ? 18.925  -13.826 -11.326 1.00 16.67 ? 29 DC  C N1     1 
ATOM   605  C  C2     . DC  C 1 5  ? 19.274  -13.819 -9.962  1.00 14.89 ? 29 DC  C C2     1 
ATOM   606  O  O2     . DC  C 1 5  ? 18.814  -14.612 -9.140  1.00 13.06 ? 29 DC  C O2     1 
ATOM   607  N  N3     . DC  C 1 5  ? 20.154  -12.878 -9.538  1.00 5.83  ? 29 DC  C N3     1 
ATOM   608  C  C4     . DC  C 1 5  ? 20.650  -11.991 -10.398 1.00 7.28  ? 29 DC  C C4     1 
ATOM   609  N  N4     . DC  C 1 5  ? 21.473  -11.031 -9.990  1.00 13.35 ? 29 DC  C N4     1 
ATOM   610  C  C5     . DC  C 1 5  ? 20.334  -11.996 -11.766 1.00 12.82 ? 29 DC  C C5     1 
ATOM   611  C  C6     . DC  C 1 5  ? 19.471  -12.931 -12.192 1.00 13.91 ? 29 DC  C C6     1 
ATOM   612  H  H41    . DC  C 1 5  ? 21.786  -10.324 -10.641 1.00 0.00  ? 29 DC  C H41    1 
ATOM   613  H  H42    . DC  C 1 5  ? 21.787  -11.008 -9.031  1.00 0.00  ? 29 DC  C H42    1 
ATOM   614  P  P      . DT  C 1 6  ? 14.509  -16.040 -13.813 1.00 50.51 ? 30 DT  C P      1 
ATOM   615  O  OP1    . DT  C 1 6  ? 13.876  -17.300 -14.314 1.00 51.47 ? 30 DT  C OP1    1 
ATOM   616  O  OP2    . DT  C 1 6  ? 14.261  -14.746 -14.525 1.00 51.97 ? 30 DT  C OP2    1 
ATOM   617  O  "O5'"  . DT  C 1 6  ? 14.274  -15.841 -12.223 1.00 47.08 ? 30 DT  C "O5'"  1 
ATOM   618  C  "C5'"  . DT  C 1 6  ? 14.475  -16.902 -11.290 1.00 41.64 ? 30 DT  C "C5'"  1 
ATOM   619  C  "C4'"  . DT  C 1 6  ? 14.182  -16.482 -9.817  1.00 42.30 ? 30 DT  C "C4'"  1 
ATOM   620  O  "O4'"  . DT  C 1 6  ? 15.072  -15.501 -9.216  1.00 39.58 ? 30 DT  C "O4'"  1 
ATOM   621  C  "C3'"  . DT  C 1 6  ? 12.799  -15.899 -9.604  1.00 40.92 ? 30 DT  C "C3'"  1 
ATOM   622  O  "O3'"  . DT  C 1 6  ? 12.432  -16.351 -8.305  1.00 44.31 ? 30 DT  C "O3'"  1 
ATOM   623  C  "C2'"  . DT  C 1 6  ? 13.115  -14.399 -9.625  1.00 36.58 ? 30 DT  C "C2'"  1 
ATOM   624  C  "C1'"  . DT  C 1 6  ? 14.395  -14.296 -8.831  1.00 30.43 ? 30 DT  C "C1'"  1 
ATOM   625  N  N1     . DT  C 1 6  ? 15.251  -13.118 -9.130  1.00 21.87 ? 30 DT  C N1     1 
ATOM   626  C  C2     . DT  C 1 6  ? 15.973  -12.610 -8.104  1.00 18.13 ? 30 DT  C C2     1 
ATOM   627  O  O2     . DT  C 1 6  ? 15.895  -13.073 -6.982  1.00 18.76 ? 30 DT  C O2     1 
ATOM   628  N  N3     . DT  C 1 6  ? 16.810  -11.542 -8.377  1.00 18.57 ? 30 DT  C N3     1 
ATOM   629  C  C4     . DT  C 1 6  ? 16.994  -10.947 -9.611  1.00 21.93 ? 30 DT  C C4     1 
ATOM   630  O  O4     . DT  C 1 6  ? 17.811  -10.035 -9.776  1.00 22.22 ? 30 DT  C O4     1 
ATOM   631  C  C5     . DT  C 1 6  ? 16.161  -11.517 -10.635 1.00 20.06 ? 30 DT  C C5     1 
ATOM   632  C  C7     . DT  C 1 6  ? 16.241  -10.917 -12.037 1.00 14.22 ? 30 DT  C C7     1 
ATOM   633  C  C6     . DT  C 1 6  ? 15.335  -12.560 -10.366 1.00 22.34 ? 30 DT  C C6     1 
ATOM   634  H  H3     . DT  C 1 6  ? 17.334  -11.161 -7.602  1.00 0.00  ? 30 DT  C H3     1 
ATOM   635  P  P      . DA  C 1 7  ? 10.897  -16.626 -7.906  1.00 47.78 ? 31 DA  C P      1 
ATOM   636  O  OP1    . DA  C 1 7  ? 10.638  -18.091 -7.793  1.00 47.65 ? 31 DA  C OP1    1 
ATOM   637  O  OP2    . DA  C 1 7  ? 10.019  -15.756 -8.743  1.00 46.78 ? 31 DA  C OP2    1 
ATOM   638  O  "O5'"  . DA  C 1 7  ? 10.873  -16.068 -6.420  1.00 46.17 ? 31 DA  C "O5'"  1 
ATOM   639  C  "C5'"  . DA  C 1 7  ? 11.826  -16.520 -5.457  1.00 43.05 ? 31 DA  C "C5'"  1 
ATOM   640  C  "C4'"  . DA  C 1 7  ? 12.102  -15.449 -4.379  1.00 40.30 ? 31 DA  C "C4'"  1 
ATOM   641  O  "O4'"  . DA  C 1 7  ? 12.875  -14.278 -4.782  1.00 38.57 ? 31 DA  C "O4'"  1 
ATOM   642  C  "C3'"  . DA  C 1 7  ? 10.732  -14.918 -3.953  1.00 38.01 ? 31 DA  C "C3'"  1 
ATOM   643  O  "O3'"  . DA  C 1 7  ? 10.734  -14.664 -2.574  1.00 38.33 ? 31 DA  C "O3'"  1 
ATOM   644  C  "C2'"  . DA  C 1 7  ? 10.629  -13.625 -4.694  1.00 32.57 ? 31 DA  C "C2'"  1 
ATOM   645  C  "C1'"  . DA  C 1 7  ? 12.043  -13.072 -4.648  1.00 29.84 ? 31 DA  C "C1'"  1 
ATOM   646  N  N9     . DA  C 1 7  ? 12.253  -12.214 -5.820  1.00 20.28 ? 31 DA  C N9     1 
ATOM   647  C  C8     . DA  C 1 7  ? 11.594  -12.258 -7.022  1.00 16.30 ? 31 DA  C C8     1 
ATOM   648  N  N7     . DA  C 1 7  ? 12.060  -11.418 -7.887  1.00 18.96 ? 31 DA  C N7     1 
ATOM   649  C  C5     . DA  C 1 7  ? 13.064  -10.766 -7.207  1.00 9.27  ? 31 DA  C C5     1 
ATOM   650  C  C6     . DA  C 1 7  ? 13.915  -9.784  -7.624  1.00 14.70 ? 31 DA  C C6     1 
ATOM   651  N  N6     . DA  C 1 7  ? 13.867  -9.342  -8.890  1.00 17.99 ? 31 DA  C N6     1 
ATOM   652  N  N1     . DA  C 1 7  ? 14.791  -9.322  -6.719  1.00 15.50 ? 31 DA  C N1     1 
ATOM   653  C  C2     . DA  C 1 7  ? 14.783  -9.864  -5.489  1.00 17.96 ? 31 DA  C C2     1 
ATOM   654  N  N3     . DA  C 1 7  ? 14.032  -10.822 -4.969  1.00 15.27 ? 31 DA  C N3     1 
ATOM   655  C  C4     . DA  C 1 7  ? 13.173  -11.226 -5.927  1.00 13.80 ? 31 DA  C C4     1 
ATOM   656  H  H61    . DA  C 1 7  ? 13.161  -9.693  -9.521  1.00 0.00  ? 31 DA  C H61    1 
ATOM   657  H  H62    . DA  C 1 7  ? 14.538  -8.659  -9.211  1.00 0.00  ? 31 DA  C H62    1 
ATOM   658  P  P      . DG  C 1 8  ? 9.330   -14.669 -1.845  1.00 42.09 ? 32 DG  C P      1 
ATOM   659  O  OP1    . DG  C 1 8  ? 9.273   -15.878 -0.971  1.00 41.98 ? 32 DG  C OP1    1 
ATOM   660  O  OP2    . DG  C 1 8  ? 8.250   -14.350 -2.839  1.00 39.46 ? 32 DG  C OP2    1 
ATOM   661  O  "O5'"  . DG  C 1 8  ? 9.461   -13.390 -0.865  1.00 42.09 ? 32 DG  C "O5'"  1 
ATOM   662  C  "C5'"  . DG  C 1 8  ? 10.586  -13.077 -0.061  1.00 37.51 ? 32 DG  C "C5'"  1 
ATOM   663  C  "C4'"  . DG  C 1 8  ? 10.790  -11.556 -0.179  1.00 34.28 ? 32 DG  C "C4'"  1 
ATOM   664  O  "O4'"  . DG  C 1 8  ? 11.255  -11.111 -1.483  1.00 28.94 ? 32 DG  C "O4'"  1 
ATOM   665  C  "C3'"  . DG  C 1 8  ? 9.503   -10.771 0.062   1.00 31.09 ? 32 DG  C "C3'"  1 
ATOM   666  O  "O3'"  . DG  C 1 8  ? 9.980   -9.571  0.641   1.00 32.78 ? 32 DG  C "O3'"  1 
ATOM   667  C  "C2'"  . DG  C 1 8  ? 9.145   -10.397 -1.337  1.00 27.83 ? 32 DG  C "C2'"  1 
ATOM   668  C  "C1'"  . DG  C 1 8  ? 10.487  -9.986  -1.883  1.00 18.21 ? 32 DG  C "C1'"  1 
ATOM   669  N  N9     . DG  C 1 8  ? 10.423  -9.726  -3.312  1.00 9.98  ? 32 DG  C N9     1 
ATOM   670  C  C8     . DG  C 1 8  ? 9.647   -10.317 -4.269  1.00 5.21  ? 32 DG  C C8     1 
ATOM   671  N  N7     . DG  C 1 8  ? 9.828   -9.723  -5.429  1.00 15.62 ? 32 DG  C N7     1 
ATOM   672  C  C5     . DG  C 1 8  ? 10.802  -8.731  -5.212  1.00 6.41  ? 32 DG  C C5     1 
ATOM   673  C  C6     . DG  C 1 8  ? 11.434  -7.796  -6.090  1.00 8.68  ? 32 DG  C C6     1 
ATOM   674  O  O6     . DG  C 1 8  ? 11.348  -7.609  -7.301  1.00 9.50  ? 32 DG  C O6     1 
ATOM   675  N  N1     . DG  C 1 8  ? 12.301  -6.986  -5.406  1.00 8.21  ? 32 DG  C N1     1 
ATOM   676  C  C2     . DG  C 1 8  ? 12.560  -7.093  -4.051  1.00 8.46  ? 32 DG  C C2     1 
ATOM   677  N  N2     . DG  C 1 8  ? 13.412  -6.220  -3.507  1.00 12.31 ? 32 DG  C N2     1 
ATOM   678  N  N3     . DG  C 1 8  ? 12.014  -7.999  -3.275  1.00 7.19  ? 32 DG  C N3     1 
ATOM   679  C  C4     . DG  C 1 8  ? 11.151  -8.764  -3.911  1.00 3.62  ? 32 DG  C C4     1 
ATOM   680  H  H1     . DG  C 1 8  ? 12.770  -6.273  -5.944  1.00 0.00  ? 32 DG  C H1     1 
ATOM   681  H  H21    . DG  C 1 8  ? 13.669  -6.303  -2.534  1.00 0.00  ? 32 DG  C H21    1 
ATOM   682  H  H22    . DG  C 1 8  ? 13.800  -5.475  -4.069  1.00 0.00  ? 32 DG  C H22    1 
ATOM   683  P  P      . DA  C 1 9  ? 9.558   -9.390  2.118   1.00 33.47 ? 33 DA  C P      1 
ATOM   684  O  OP1    . DA  C 1 9  ? 9.934   -10.640 2.807   1.00 32.99 ? 33 DA  C OP1    1 
ATOM   685  O  OP2    . DA  C 1 9  ? 8.139   -8.911  2.105   1.00 34.69 ? 33 DA  C OP2    1 
ATOM   686  O  "O5'"  . DA  C 1 9  ? 10.439  -8.248  2.735   1.00 30.98 ? 33 DA  C "O5'"  1 
ATOM   687  C  "C5'"  . DA  C 1 9  ? 11.744  -7.858  2.367   1.00 25.98 ? 33 DA  C "C5'"  1 
ATOM   688  C  "C4'"  . DA  C 1 9  ? 11.663  -6.431  1.863   1.00 24.73 ? 33 DA  C "C4'"  1 
ATOM   689  O  "O4'"  . DA  C 1 9  ? 11.344  -6.341  0.484   1.00 27.00 ? 33 DA  C "O4'"  1 
ATOM   690  C  "C3'"  . DA  C 1 9  ? 10.675  -5.536  2.589   1.00 21.46 ? 33 DA  C "C3'"  1 
ATOM   691  O  "O3'"  . DA  C 1 9  ? 11.451  -4.432  2.979   1.00 26.74 ? 33 DA  C "O3'"  1 
ATOM   692  C  "C2'"  . DA  C 1 9  ? 9.795   -5.102  1.443   1.00 23.50 ? 33 DA  C "C2'"  1 
ATOM   693  C  "C1'"  . DA  C 1 9  ? 10.659  -5.135  0.210   1.00 17.65 ? 33 DA  C "C1'"  1 
ATOM   694  N  N9     . DA  C 1 9  ? 9.910   -5.581  -0.933  1.00 8.92  ? 33 DA  C N9     1 
ATOM   695  C  C8     . DA  C 1 9  ? 8.926   -6.527  -1.048  1.00 3.76  ? 33 DA  C C8     1 
ATOM   696  N  N7     . DA  C 1 9  ? 8.504   -6.652  -2.298  1.00 5.43  ? 33 DA  C N7     1 
ATOM   697  C  C5     . DA  C 1 9  ? 9.261   -5.749  -3.013  1.00 5.34  ? 33 DA  C C5     1 
ATOM   698  C  C6     . DA  C 1 9  ? 9.311   -5.425  -4.349  1.00 5.63  ? 33 DA  C C6     1 
ATOM   699  N  N6     . DA  C 1 9  ? 8.593   -6.031  -5.297  1.00 11.90 ? 33 DA  C N6     1 
ATOM   700  N  N1     . DA  C 1 9  ? 10.133  -4.463  -4.702  1.00 7.12  ? 33 DA  C N1     1 
ATOM   701  C  C2     . DA  C 1 9  ? 10.910  -3.876  -3.785  1.00 17.33 ? 33 DA  C C2     1 
ATOM   702  N  N3     . DA  C 1 9  ? 10.995  -4.114  -2.477  1.00 17.67 ? 33 DA  C N3     1 
ATOM   703  C  C4     . DA  C 1 9  ? 10.108  -5.087  -2.170  1.00 9.55  ? 33 DA  C C4     1 
ATOM   704  H  H61    . DA  C 1 9  ? 7.962   -6.781  -5.051  1.00 0.00  ? 33 DA  C H61    1 
ATOM   705  H  H62    . DA  C 1 9  ? 8.680   -5.740  -6.260  1.00 0.00  ? 33 DA  C H62    1 
ATOM   706  P  P      . DG  C 1 10 ? 10.849  -3.240  3.823   1.00 30.06 ? 34 DG  C P      1 
ATOM   707  O  OP1    . DG  C 1 10 ? 11.991  -2.657  4.558   1.00 34.43 ? 34 DG  C OP1    1 
ATOM   708  O  OP2    . DG  C 1 10 ? 9.645   -3.679  4.589   1.00 30.52 ? 34 DG  C OP2    1 
ATOM   709  O  "O5'"  . DG  C 1 10 ? 10.287  -2.212  2.755   1.00 24.53 ? 34 DG  C "O5'"  1 
ATOM   710  C  "C5'"  . DG  C 1 10 ? 10.990  -1.202  2.132   1.00 22.07 ? 34 DG  C "C5'"  1 
ATOM   711  C  "C4'"  . DG  C 1 10 ? 10.051  -0.521  1.202   1.00 19.94 ? 34 DG  C "C4'"  1 
ATOM   712  O  "O4'"  . DG  C 1 10 ? 9.575   -1.308  0.104   1.00 19.37 ? 34 DG  C "O4'"  1 
ATOM   713  C  "C3'"  . DG  C 1 10 ? 8.867   -0.071  1.994   1.00 18.56 ? 34 DG  C "C3'"  1 
ATOM   714  O  "O3'"  . DG  C 1 10 ? 8.628   1.147   1.385   1.00 25.21 ? 34 DG  C "O3'"  1 
ATOM   715  C  "C2'"  . DG  C 1 10 ? 7.799   -0.984  1.551   1.00 16.83 ? 34 DG  C "C2'"  1 
ATOM   716  C  "C1'"  . DG  C 1 10 ? 8.144   -1.146  0.085   1.00 14.72 ? 34 DG  C "C1'"  1 
ATOM   717  N  N9     . DG  C 1 10 ? 7.442   -2.275  -0.537  1.00 11.18 ? 34 DG  C N9     1 
ATOM   718  C  C8     . DG  C 1 10 ? 6.787   -3.333  0.030   1.00 6.95  ? 34 DG  C C8     1 
ATOM   719  N  N7     . DG  C 1 10 ? 6.261   -4.143  -0.866  1.00 6.99  ? 34 DG  C N7     1 
ATOM   720  C  C5     . DG  C 1 10 ? 6.598   -3.586  -2.091  1.00 6.53  ? 34 DG  C C5     1 
ATOM   721  C  C6     . DG  C 1 10 ? 6.317   -4.032  -3.383  1.00 8.08  ? 34 DG  C C6     1 
ATOM   722  O  O6     . DG  C 1 10 ? 5.692   -5.054  -3.664  1.00 15.85 ? 34 DG  C O6     1 
ATOM   723  N  N1     . DG  C 1 10 ? 6.863   -3.162  -4.353  1.00 4.63  ? 34 DG  C N1     1 
ATOM   724  C  C2     . DG  C 1 10 ? 7.609   -2.033  -4.046  1.00 6.59  ? 34 DG  C C2     1 
ATOM   725  N  N2     . DG  C 1 10 ? 8.183   -1.259  -4.992  1.00 13.16 ? 34 DG  C N2     1 
ATOM   726  N  N3     . DG  C 1 10 ? 7.833   -1.653  -2.822  1.00 7.40  ? 34 DG  C N3     1 
ATOM   727  C  C4     . DG  C 1 10 ? 7.317   -2.457  -1.901  1.00 5.84  ? 34 DG  C C4     1 
ATOM   728  H  H1     . DG  C 1 10 ? 6.689   -3.395  -5.320  1.00 0.00  ? 34 DG  C H1     1 
ATOM   729  H  H21    . DG  C 1 10 ? 8.784   -0.493  -4.723  1.00 0.00  ? 34 DG  C H21    1 
ATOM   730  H  H22    . DG  C 1 10 ? 8.011   -1.446  -5.971  1.00 0.00  ? 34 DG  C H22    1 
ATOM   731  P  P      . DC  C 1 11 ? 8.717   2.473   2.208   1.00 28.51 ? 35 DC  C P      1 
ATOM   732  O  OP1    . DC  C 1 11 ? 10.071  2.715   2.770   1.00 30.90 ? 35 DC  C OP1    1 
ATOM   733  O  OP2    . DC  C 1 11 ? 7.536   2.445   3.107   1.00 26.01 ? 35 DC  C OP2    1 
ATOM   734  O  "O5'"  . DC  C 1 11 ? 8.508   3.409   0.921   1.00 29.29 ? 35 DC  C "O5'"  1 
ATOM   735  C  "C5'"  . DC  C 1 11 ? 9.531   3.596   -0.077  1.00 26.61 ? 35 DC  C "C5'"  1 
ATOM   736  C  "C4'"  . DC  C 1 11 ? 8.974   4.061   -1.430  1.00 25.78 ? 35 DC  C "C4'"  1 
ATOM   737  O  "O4'"  . DC  C 1 11 ? 8.242   3.006   -2.073  1.00 27.87 ? 35 DC  C "O4'"  1 
ATOM   738  C  "C3'"  . DC  C 1 11 ? 8.004   5.204   -1.217  1.00 25.45 ? 35 DC  C "C3'"  1 
ATOM   739  O  "O3'"  . DC  C 1 11 ? 8.184   6.242   -2.189  1.00 29.02 ? 35 DC  C "O3'"  1 
ATOM   740  C  "C2'"  . DC  C 1 11 ? 6.703   4.489   -1.418  1.00 25.02 ? 35 DC  C "C2'"  1 
ATOM   741  C  "C1'"  . DC  C 1 11 ? 6.958   3.438   -2.508  1.00 21.51 ? 35 DC  C "C1'"  1 
ATOM   742  N  N1     . DC  C 1 11 ? 6.090   2.263   -2.388  1.00 15.55 ? 35 DC  C N1     1 
ATOM   743  C  C2     . DC  C 1 11 ? 5.576   1.607   -3.520  1.00 16.68 ? 35 DC  C C2     1 
ATOM   744  O  O2     . DC  C 1 11 ? 5.756   1.947   -4.696  1.00 11.56 ? 35 DC  C O2     1 
ATOM   745  N  N3     . DC  C 1 11 ? 4.813   0.494   -3.300  1.00 11.63 ? 35 DC  C N3     1 
ATOM   746  C  C4     . DC  C 1 11 ? 4.601   0.072   -2.052  1.00 8.73  ? 35 DC  C C4     1 
ATOM   747  N  N4     . DC  C 1 11 ? 3.909   -1.020  -1.883  1.00 10.26 ? 35 DC  C N4     1 
ATOM   748  C  C5     . DC  C 1 11 ? 5.088   0.727   -0.905  1.00 11.02 ? 35 DC  C C5     1 
ATOM   749  C  C6     . DC  C 1 11 ? 5.821   1.824   -1.126  1.00 13.38 ? 35 DC  C C6     1 
ATOM   750  H  H41    . DC  C 1 11 ? 3.737   -1.369  -0.951  1.00 0.00  ? 35 DC  C H41    1 
ATOM   751  H  H42    . DC  C 1 11 ? 3.543   -1.515  -2.684  1.00 0.00  ? 35 DC  C H42    1 
ATOM   752  P  P      . DG  C 1 12 ? 7.915   7.809   -1.809  1.00 32.83 ? 36 DG  C P      1 
ATOM   753  O  OP1    . DG  C 1 12 ? 9.156   8.511   -2.397  1.00 31.35 ? 36 DG  C OP1    1 
ATOM   754  O  OP2    . DG  C 1 12 ? 7.662   7.881   -0.352  1.00 29.56 ? 36 DG  C OP2    1 
ATOM   755  O  "O5'"  . DG  C 1 12 ? 6.614   8.088   -2.719  1.00 29.53 ? 36 DG  C "O5'"  1 
ATOM   756  C  "C5'"  . DG  C 1 12 ? 6.687   7.869   -4.143  1.00 24.89 ? 36 DG  C "C5'"  1 
ATOM   757  C  "C4'"  . DG  C 1 12 ? 5.461   7.207   -4.848  1.00 22.94 ? 36 DG  C "C4'"  1 
ATOM   758  O  "O4'"  . DG  C 1 12 ? 5.121   5.969   -4.280  1.00 22.91 ? 36 DG  C "O4'"  1 
ATOM   759  C  "C3'"  . DG  C 1 12 ? 4.123   7.955   -4.764  1.00 25.88 ? 36 DG  C "C3'"  1 
ATOM   760  O  "O3'"  . DG  C 1 12 ? 3.996   8.886   -5.843  1.00 25.48 ? 36 DG  C "O3'"  1 
ATOM   761  C  "C2'"  . DG  C 1 12 ? 3.070   6.887   -4.924  1.00 20.28 ? 36 DG  C "C2'"  1 
ATOM   762  C  "C1'"  . DG  C 1 12 ? 3.786   5.617   -4.703  1.00 22.00 ? 36 DG  C "C1'"  1 
ATOM   763  N  N9     . DG  C 1 12 ? 3.173   4.814   -3.636  1.00 19.89 ? 36 DG  C N9     1 
ATOM   764  C  C8     . DG  C 1 12 ? 3.142   5.049   -2.279  1.00 16.88 ? 36 DG  C C8     1 
ATOM   765  N  N7     . DG  C 1 12 ? 2.569   4.088   -1.586  1.00 17.19 ? 36 DG  C N7     1 
ATOM   766  C  C5     . DG  C 1 12 ? 2.190   3.149   -2.555  1.00 15.48 ? 36 DG  C C5     1 
ATOM   767  C  C6     . DG  C 1 12 ? 1.564   1.899   -2.414  1.00 12.88 ? 36 DG  C C6     1 
ATOM   768  O  O6     . DG  C 1 12 ? 1.252   1.314   -1.376  1.00 14.80 ? 36 DG  C O6     1 
ATOM   769  N  N1     . DG  C 1 12 ? 1.338   1.312   -3.638  1.00 9.28  ? 36 DG  C N1     1 
ATOM   770  C  C2     . DG  C 1 12 ? 1.663   1.806   -4.847  1.00 8.39  ? 36 DG  C C2     1 
ATOM   771  N  N2     . DG  C 1 12 ? 1.277   1.084   -5.877  1.00 10.77 ? 36 DG  C N2     1 
ATOM   772  N  N3     . DG  C 1 12 ? 2.306   2.940   -5.023  1.00 11.18 ? 36 DG  C N3     1 
ATOM   773  C  C4     . DG  C 1 12 ? 2.533   3.576   -3.823  1.00 19.24 ? 36 DG  C C4     1 
ATOM   774  H  "HO3'" . DG  C 1 12 ? 4.040   8.383   -6.660  1.00 0.00  ? 36 DG  C "HO3'" 1 
ATOM   775  H  H1     . DG  C 1 12 ? 0.879   0.414   -3.603  1.00 0.00  ? 36 DG  C H1     1 
ATOM   776  H  H21    . DG  C 1 12 ? 1.475   1.398   -6.817  1.00 0.00  ? 36 DG  C H21    1 
ATOM   777  H  H22    . DG  C 1 12 ? 0.784   0.215   -5.728  1.00 0.00  ? 36 DG  C H22    1 
ATOM   778  O  "O5'"  . DC  D 1 1  ? -1.263  -7.124  -5.386  1.00 20.43 ? 37 DC  D "O5'"  1 
ATOM   779  C  "C5'"  . DC  D 1 1  ? -2.418  -6.493  -5.968  1.00 19.83 ? 37 DC  D "C5'"  1 
ATOM   780  C  "C4'"  . DC  D 1 1  ? -2.312  -4.953  -6.170  1.00 22.07 ? 37 DC  D "C4'"  1 
ATOM   781  O  "O4'"  . DC  D 1 1  ? -1.994  -4.344  -4.931  1.00 16.49 ? 37 DC  D "O4'"  1 
ATOM   782  C  "C3'"  . DC  D 1 1  ? -1.351  -4.401  -7.224  1.00 19.41 ? 37 DC  D "C3'"  1 
ATOM   783  O  "O3'"  . DC  D 1 1  ? -2.115  -4.294  -8.434  1.00 25.18 ? 37 DC  D "O3'"  1 
ATOM   784  C  "C2'"  . DC  D 1 1  ? -0.981  -3.014  -6.594  1.00 17.10 ? 37 DC  D "C2'"  1 
ATOM   785  C  "C1'"  . DC  D 1 1  ? -1.510  -3.043  -5.152  1.00 15.12 ? 37 DC  D "C1'"  1 
ATOM   786  N  N1     . DC  D 1 1  ? -0.705  -2.746  -3.934  1.00 10.12 ? 37 DC  D N1     1 
ATOM   787  C  C2     . DC  D 1 1  ? -0.172  -1.498  -3.802  1.00 6.06  ? 37 DC  D C2     1 
ATOM   788  O  O2     . DC  D 1 1  ? -0.183  -0.674  -4.708  1.00 12.02 ? 37 DC  D O2     1 
ATOM   789  N  N3     . DC  D 1 1  ? 0.402   -1.174  -2.633  1.00 5.33  ? 37 DC  D N3     1 
ATOM   790  C  C4     . DC  D 1 1  ? 0.486   -2.089  -1.656  1.00 5.17  ? 37 DC  D C4     1 
ATOM   791  N  N4     . DC  D 1 1  ? 0.970   -1.735  -0.496  1.00 12.74 ? 37 DC  D N4     1 
ATOM   792  C  C5     . DC  D 1 1  ? 0.053   -3.426  -1.792  1.00 5.21  ? 37 DC  D C5     1 
ATOM   793  C  C6     . DC  D 1 1  ? -0.554  -3.703  -2.951  1.00 6.83  ? 37 DC  D C6     1 
ATOM   794  H  H41    . DC  D 1 1  ? 1.022   -2.408  0.256   1.00 0.00  ? 37 DC  D H41    1 
ATOM   795  H  H42    . DC  D 1 1  ? 1.293   -0.789  -0.350  1.00 0.00  ? 37 DC  D H42    1 
ATOM   796  H  "HO5'" . DC  D 1 1  ? -1.089  -6.684  -4.550  1.00 0.00  ? 37 DC  D "HO5'" 1 
ATOM   797  P  P      . DG  D 1 2  ? -1.716  -4.906  -9.919  1.00 31.76 ? 38 DG  D P      1 
ATOM   798  O  OP1    . DG  D 1 2  ? -2.872  -4.735  -10.858 1.00 26.53 ? 38 DG  D OP1    1 
ATOM   799  O  OP2    . DG  D 1 2  ? -1.011  -6.214  -9.734  1.00 29.81 ? 38 DG  D OP2    1 
ATOM   800  O  "O5'"  . DG  D 1 2  ? -0.576  -3.916  -10.336 1.00 28.89 ? 38 DG  D "O5'"  1 
ATOM   801  C  "C5'"  . DG  D 1 2  ? -0.808  -2.715  -11.040 1.00 28.80 ? 38 DG  D "C5'"  1 
ATOM   802  C  "C4'"  . DG  D 1 2  ? 0.484   -2.024  -11.243 1.00 25.67 ? 38 DG  D "C4'"  1 
ATOM   803  O  "O4'"  . DG  D 1 2  ? 0.991   -1.837  -9.944  1.00 24.38 ? 38 DG  D "O4'"  1 
ATOM   804  C  "C3'"  . DG  D 1 2  ? 1.514   -2.900  -11.952 1.00 29.14 ? 38 DG  D "C3'"  1 
ATOM   805  O  "O3'"  . DG  D 1 2  ? 2.364   -1.952  -12.600 1.00 36.03 ? 38 DG  D "O3'"  1 
ATOM   806  C  "C2'"  . DG  D 1 2  ? 2.191   -3.670  -10.811 1.00 21.15 ? 38 DG  D "C2'"  1 
ATOM   807  C  "C1'"  . DG  D 1 2  ? 2.196   -2.598  -9.770  1.00 20.01 ? 38 DG  D "C1'"  1 
ATOM   808  N  N9     . DG  D 1 2  ? 2.414   -2.910  -8.350  1.00 12.85 ? 38 DG  D N9     1 
ATOM   809  C  C8     . DG  D 1 2  ? 2.136   -4.014  -7.586  1.00 9.34  ? 38 DG  D C8     1 
ATOM   810  N  N7     . DG  D 1 2  ? 2.497   -3.848  -6.329  1.00 16.45 ? 38 DG  D N7     1 
ATOM   811  C  C5     . DG  D 1 2  ? 3.048   -2.566  -6.298  1.00 9.24  ? 38 DG  D C5     1 
ATOM   812  C  C6     . DG  D 1 2  ? 3.618   -1.846  -5.250  1.00 14.31 ? 38 DG  D C6     1 
ATOM   813  O  O6     . DG  D 1 2  ? 3.740   -2.189  -4.076  1.00 19.73 ? 38 DG  D O6     1 
ATOM   814  N  N1     . DG  D 1 2  ? 4.090   -0.617  -5.639  1.00 13.28 ? 38 DG  D N1     1 
ATOM   815  C  C2     . DG  D 1 2  ? 4.027   -0.116  -6.906  1.00 18.42 ? 38 DG  D C2     1 
ATOM   816  N  N2     . DG  D 1 2  ? 4.565   1.097   -7.131  1.00 18.18 ? 38 DG  D N2     1 
ATOM   817  N  N3     . DG  D 1 2  ? 3.459   -0.805  -7.912  1.00 19.24 ? 38 DG  D N3     1 
ATOM   818  C  C4     . DG  D 1 2  ? 3.006   -2.012  -7.527  1.00 10.70 ? 38 DG  D C4     1 
ATOM   819  H  H1     . DG  D 1 2  ? 4.513   -0.055  -4.913  1.00 0.00  ? 38 DG  D H1     1 
ATOM   820  H  H21    . DG  D 1 2  ? 4.491   1.520   -8.046  1.00 0.00  ? 38 DG  D H21    1 
ATOM   821  H  H22    . DG  D 1 2  ? 5.043   1.584   -6.387  1.00 0.00  ? 38 DG  D H22    1 
ATOM   822  P  P      . DC  D 1 3  ? 3.228   -2.311  -13.915 1.00 40.38 ? 39 DC  D P      1 
ATOM   823  O  OP1    . DC  D 1 3  ? 3.816   -1.017  -14.387 1.00 45.27 ? 39 DC  D OP1    1 
ATOM   824  O  OP2    . DC  D 1 3  ? 2.450   -3.181  -14.838 1.00 39.30 ? 39 DC  D OP2    1 
ATOM   825  O  "O5'"  . DC  D 1 3  ? 4.452   -3.234  -13.391 1.00 39.16 ? 39 DC  D "O5'"  1 
ATOM   826  C  "C5'"  . DC  D 1 3  ? 5.773   -2.702  -13.274 1.00 29.02 ? 39 DC  D "C5'"  1 
ATOM   827  C  "C4'"  . DC  D 1 3  ? 5.898   -1.579  -12.311 1.00 21.72 ? 39 DC  D "C4'"  1 
ATOM   828  O  "O4'"  . DC  D 1 3  ? 5.389   -1.907  -11.047 1.00 19.08 ? 39 DC  D "O4'"  1 
ATOM   829  C  "C3'"  . DC  D 1 3  ? 7.324   -1.708  -12.086 1.00 21.15 ? 39 DC  D "C3'"  1 
ATOM   830  O  "O3'"  . DC  D 1 3  ? 7.880   -0.944  -13.133 1.00 23.66 ? 39 DC  D "O3'"  1 
ATOM   831  C  "C2'"  . DC  D 1 3  ? 7.576   -1.304  -10.679 1.00 17.12 ? 39 DC  D "C2'"  1 
ATOM   832  C  "C1'"  . DC  D 1 3  ? 6.328   -1.626  -9.998  1.00 14.78 ? 39 DC  D "C1'"  1 
ATOM   833  N  N1     . DC  D 1 3  ? 6.311   -2.736  -9.051  1.00 16.61 ? 39 DC  D N1     1 
ATOM   834  C  C2     . DC  D 1 3  ? 6.699   -2.552  -7.745  1.00 16.75 ? 39 DC  D C2     1 
ATOM   835  O  O2     . DC  D 1 3  ? 7.131   -1.476  -7.319  1.00 11.83 ? 39 DC  D O2     1 
ATOM   836  N  N3     . DC  D 1 3  ? 6.584   -3.641  -6.914  1.00 18.05 ? 39 DC  D N3     1 
ATOM   837  C  C4     . DC  D 1 3  ? 6.160   -4.851  -7.362  1.00 19.79 ? 39 DC  D C4     1 
ATOM   838  N  N4     . DC  D 1 3  ? 6.094   -5.908  -6.568  1.00 25.14 ? 39 DC  D N4     1 
ATOM   839  C  C5     . DC  D 1 3  ? 5.781   -5.051  -8.686  1.00 16.21 ? 39 DC  D C5     1 
ATOM   840  C  C6     . DC  D 1 3  ? 5.876   -3.972  -9.484  1.00 22.05 ? 39 DC  D C6     1 
ATOM   841  H  H41    . DC  D 1 3  ? 5.783   -6.796  -6.934  1.00 0.00  ? 39 DC  D H41    1 
ATOM   842  H  H42    . DC  D 1 3  ? 6.355   -5.826  -5.596  1.00 0.00  ? 39 DC  D H42    1 
ATOM   843  P  P      . DT  D 1 4  ? 9.426   -1.168  -13.516 1.00 25.22 ? 40 DT  D P      1 
ATOM   844  O  OP1    . DT  D 1 4  ? 9.841   -0.155  -14.501 1.00 20.25 ? 40 DT  D OP1    1 
ATOM   845  O  OP2    . DT  D 1 4  ? 9.611   -2.612  -13.812 1.00 26.52 ? 40 DT  D OP2    1 
ATOM   846  O  "O5'"  . DT  D 1 4  ? 10.111  -0.793  -12.153 1.00 23.21 ? 40 DT  D "O5'"  1 
ATOM   847  C  "C5'"  . DT  D 1 4  ? 10.408  0.572   -11.962 1.00 22.97 ? 40 DT  D "C5'"  1 
ATOM   848  C  "C4'"  . DT  D 1 4  ? 11.331  0.742   -10.805 1.00 27.85 ? 40 DT  D "C4'"  1 
ATOM   849  O  "O4'"  . DT  D 1 4  ? 10.777  -0.073  -9.775  1.00 24.90 ? 40 DT  D "O4'"  1 
ATOM   850  C  "C3'"  . DT  D 1 4  ? 12.747  0.283   -11.097 1.00 30.05 ? 40 DT  D "C3'"  1 
ATOM   851  O  "O3'"  . DT  D 1 4  ? 13.630  1.217   -10.454 1.00 37.19 ? 40 DT  D "O3'"  1 
ATOM   852  C  "C2'"  . DT  D 1 4  ? 12.734  -1.109  -10.509 1.00 27.39 ? 40 DT  D "C2'"  1 
ATOM   853  C  "C1'"  . DT  D 1 4  ? 11.750  -1.028  -9.343  1.00 24.41 ? 40 DT  D "C1'"  1 
ATOM   854  N  N1     . DT  D 1 4  ? 11.037  -2.308  -9.013  1.00 20.42 ? 40 DT  D N1     1 
ATOM   855  C  C2     . DT  D 1 4  ? 11.004  -2.638  -7.686  1.00 14.62 ? 40 DT  D C2     1 
ATOM   856  O  O2     . DT  D 1 4  ? 11.555  -1.979  -6.834  1.00 20.60 ? 40 DT  D O2     1 
ATOM   857  N  N3     . DT  D 1 4  ? 10.329  -3.747  -7.322  1.00 11.53 ? 40 DT  D N3     1 
ATOM   858  C  C4     . DT  D 1 4  ? 9.678   -4.588  -8.152  1.00 12.31 ? 40 DT  D C4     1 
ATOM   859  O  O4     . DT  D 1 4  ? 9.043   -5.517  -7.667  1.00 8.31  ? 40 DT  D O4     1 
ATOM   860  C  C5     . DT  D 1 4  ? 9.800   -4.239  -9.532  1.00 17.53 ? 40 DT  D C5     1 
ATOM   861  C  C7     . DT  D 1 4  ? 9.180   -5.165  -10.575 1.00 23.42 ? 40 DT  D C7     1 
ATOM   862  C  C6     . DT  D 1 4  ? 10.445  -3.123  -9.926  1.00 16.56 ? 40 DT  D C6     1 
ATOM   863  H  H3     . DT  D 1 4  ? 10.309  -3.969  -6.337  1.00 0.00  ? 40 DT  D H3     1 
ATOM   864  P  P      . DC  D 1 5  ? 15.257  1.174   -10.563 1.00 42.06 ? 41 DC  D P      1 
ATOM   865  O  OP1    . DC  D 1 5  ? 15.766  2.535   -10.261 1.00 42.81 ? 41 DC  D OP1    1 
ATOM   866  O  OP2    . DC  D 1 5  ? 15.664  0.497   -11.837 1.00 38.11 ? 41 DC  D OP2    1 
ATOM   867  O  "O5'"  . DC  D 1 5  ? 15.596  0.278   -9.285  1.00 39.03 ? 41 DC  D "O5'"  1 
ATOM   868  C  "C5'"  . DC  D 1 5  ? 15.626  0.908   -7.992  1.00 36.39 ? 41 DC  D "C5'"  1 
ATOM   869  C  "C4'"  . DC  D 1 5  ? 15.985  -0.139  -6.983  1.00 31.87 ? 41 DC  D "C4'"  1 
ATOM   870  O  "O4'"  . DC  D 1 5  ? 15.010  -1.166  -7.122  1.00 29.43 ? 41 DC  D "O4'"  1 
ATOM   871  C  "C3'"  . DC  D 1 5  ? 17.312  -0.808  -7.267  1.00 31.23 ? 41 DC  D "C3'"  1 
ATOM   872  O  "O3'"  . DC  D 1 5  ? 17.981  -1.039  -6.069  1.00 36.56 ? 41 DC  D "O3'"  1 
ATOM   873  C  "C2'"  . DC  D 1 5  ? 16.890  -2.180  -7.666  1.00 29.94 ? 41 DC  D "C2'"  1 
ATOM   874  C  "C1'"  . DC  D 1 5  ? 15.614  -2.440  -6.914  1.00 26.80 ? 41 DC  D "C1'"  1 
ATOM   875  N  N1     . DC  D 1 5  ? 14.808  -3.517  -7.554  1.00 19.47 ? 41 DC  D N1     1 
ATOM   876  C  C2     . DC  D 1 5  ? 14.119  -4.415  -6.755  1.00 17.01 ? 41 DC  D C2     1 
ATOM   877  O  O2     . DC  D 1 5  ? 14.100  -4.367  -5.520  1.00 20.85 ? 41 DC  D O2     1 
ATOM   878  N  N3     . DC  D 1 5  ? 13.433  -5.391  -7.360  1.00 10.64 ? 41 DC  D N3     1 
ATOM   879  C  C4     . DC  D 1 5  ? 13.386  -5.468  -8.669  1.00 5.93  ? 41 DC  D C4     1 
ATOM   880  N  N4     . DC  D 1 5  ? 12.657  -6.413  -9.217  1.00 14.11 ? 41 DC  D N4     1 
ATOM   881  C  C5     . DC  D 1 5  ? 14.057  -4.576  -9.504  1.00 10.49 ? 41 DC  D C5     1 
ATOM   882  C  C6     . DC  D 1 5  ? 14.760  -3.611  -8.894  1.00 12.29 ? 41 DC  D C6     1 
ATOM   883  H  H41    . DC  D 1 5  ? 12.640  -6.520  -10.222 1.00 0.00  ? 41 DC  D H41    1 
ATOM   884  H  H42    . DC  D 1 5  ? 12.115  -7.033  -8.634  1.00 0.00  ? 41 DC  D H42    1 
ATOM   885  P  P      . DT  D 1 6  ? 19.561  -0.720  -5.939  1.00 40.48 ? 42 DT  D P      1 
ATOM   886  O  OP1    . DT  D 1 6  ? 19.790  0.505   -5.113  1.00 39.16 ? 42 DT  D OP1    1 
ATOM   887  O  OP2    . DT  D 1 6  ? 20.129  -0.847  -7.302  1.00 39.96 ? 42 DT  D OP2    1 
ATOM   888  O  "O5'"  . DT  D 1 6  ? 20.016  -1.948  -5.032  1.00 37.54 ? 42 DT  D "O5'"  1 
ATOM   889  C  "C5'"  . DT  D 1 6  ? 19.538  -2.021  -3.688  1.00 32.43 ? 42 DT  D "C5'"  1 
ATOM   890  C  "C4'"  . DT  D 1 6  ? 19.212  -3.454  -3.389  1.00 29.57 ? 42 DT  D "C4'"  1 
ATOM   891  O  "O4'"  . DT  D 1 6  ? 18.232  -3.966  -4.250  1.00 24.76 ? 42 DT  D "O4'"  1 
ATOM   892  C  "C3'"  . DT  D 1 6  ? 20.446  -4.249  -3.718  1.00 30.17 ? 42 DT  D "C3'"  1 
ATOM   893  O  "O3'"  . DT  D 1 6  ? 20.759  -4.776  -2.476  1.00 36.39 ? 42 DT  D "O3'"  1 
ATOM   894  C  "C2'"  . DT  D 1 6  ? 20.018  -5.282  -4.661  1.00 22.52 ? 42 DT  D "C2'"  1 
ATOM   895  C  "C1'"  . DT  D 1 6  ? 18.559  -5.323  -4.438  1.00 21.05 ? 42 DT  D "C1'"  1 
ATOM   896  N  N1     . DT  D 1 6  ? 17.924  -5.883  -5.646  1.00 17.36 ? 42 DT  D N1     1 
ATOM   897  C  C2     . DT  D 1 6  ? 16.989  -6.896  -5.484  1.00 17.00 ? 42 DT  D C2     1 
ATOM   898  O  O2     . DT  D 1 6  ? 16.592  -7.331  -4.403  1.00 24.06 ? 42 DT  D O2     1 
ATOM   899  N  N3     . DT  D 1 6  ? 16.486  -7.423  -6.627  1.00 12.21 ? 42 DT  D N3     1 
ATOM   900  C  C4     . DT  D 1 6  ? 16.803  -7.032  -7.868  1.00 8.92  ? 42 DT  D C4     1 
ATOM   901  O  O4     . DT  D 1 6  ? 16.238  -7.600  -8.785  1.00 20.45 ? 42 DT  D O4     1 
ATOM   902  C  C5     . DT  D 1 6  ? 17.756  -5.977  -7.944  1.00 2.00  ? 42 DT  D C5     1 
ATOM   903  C  C7     . DT  D 1 6  ? 18.238  -5.419  -9.229  1.00 2.00  ? 42 DT  D C7     1 
ATOM   904  C  C6     . DT  D 1 6  ? 18.264  -5.443  -6.867  1.00 11.35 ? 42 DT  D C6     1 
ATOM   905  H  H3     . DT  D 1 6  ? 15.816  -8.173  -6.535  1.00 0.00  ? 42 DT  D H3     1 
ATOM   906  P  P      . DA  D 1 7  ? 22.264  -5.024  -1.949  1.00 40.45 ? 43 DA  D P      1 
ATOM   907  O  OP1    . DA  D 1 7  ? 22.843  -3.745  -1.432  1.00 39.24 ? 43 DA  D OP1    1 
ATOM   908  O  OP2    . DA  D 1 7  ? 22.931  -5.797  -3.048  1.00 38.71 ? 43 DA  D OP2    1 
ATOM   909  O  "O5'"  . DA  D 1 7  ? 21.927  -5.962  -0.637  1.00 38.07 ? 43 DA  D "O5'"  1 
ATOM   910  C  "C5'"  . DA  D 1 7  ? 20.770  -6.765  -0.829  1.00 35.09 ? 43 DA  D "C5'"  1 
ATOM   911  C  "C4'"  . DA  D 1 7  ? 20.458  -7.924  0.069   1.00 34.35 ? 43 DA  D "C4'"  1 
ATOM   912  O  "O4'"  . DA  D 1 7  ? 19.672  -8.740  -0.828  1.00 32.93 ? 43 DA  D "O4'"  1 
ATOM   913  C  "C3'"  . DA  D 1 7  ? 21.529  -8.864  0.410   1.00 35.88 ? 43 DA  D "C3'"  1 
ATOM   914  O  "O3'"  . DA  D 1 7  ? 20.899  -9.748  1.335   1.00 42.51 ? 43 DA  D "O3'"  1 
ATOM   915  C  "C2'"  . DA  D 1 7  ? 21.795  -9.490  -0.967  1.00 32.99 ? 43 DA  D "C2'"  1 
ATOM   916  C  "C1'"  . DA  D 1 7  ? 20.446  -9.630  -1.650  1.00 25.92 ? 43 DA  D "C1'"  1 
ATOM   917  N  N9     . DA  D 1 7  ? 20.410  -9.325  -3.124  1.00 17.41 ? 43 DA  D N9     1 
ATOM   918  C  C8     . DA  D 1 7  ? 21.214  -8.481  -3.859  1.00 19.02 ? 43 DA  D C8     1 
ATOM   919  N  N7     . DA  D 1 7  ? 20.933  -8.435  -5.154  1.00 16.82 ? 43 DA  D N7     1 
ATOM   920  C  C5     . DA  D 1 7  ? 19.865  -9.303  -5.288  1.00 14.47 ? 43 DA  D C5     1 
ATOM   921  C  C6     . DA  D 1 7  ? 19.130  -9.702  -6.394  1.00 14.17 ? 43 DA  D C6     1 
ATOM   922  N  N6     . DA  D 1 7  ? 19.393  -9.229  -7.591  1.00 16.71 ? 43 DA  D N6     1 
ATOM   923  N  N1     . DA  D 1 7  ? 18.144  -10.594 -6.246  1.00 13.89 ? 43 DA  D N1     1 
ATOM   924  C  C2     . DA  D 1 7  ? 17.927  -11.052 -5.033  1.00 13.88 ? 43 DA  D C2     1 
ATOM   925  N  N3     . DA  D 1 7  ? 18.539  -10.768 -3.885  1.00 18.03 ? 43 DA  D N3     1 
ATOM   926  C  C4     . DA  D 1 7  ? 19.532  -9.858  -4.078  1.00 18.29 ? 43 DA  D C4     1 
ATOM   927  H  H61    . DA  D 1 7  ? 20.141  -8.563  -7.718  1.00 0.00  ? 43 DA  D H61    1 
ATOM   928  H  H62    . DA  D 1 7  ? 18.846  -9.532  -8.385  1.00 0.00  ? 43 DA  D H62    1 
ATOM   929  P  P      . DG  D 1 8  ? 21.756  -10.849 2.127   1.00 48.80 ? 44 DG  D P      1 
ATOM   930  O  OP1    . DG  D 1 8  ? 21.625  -10.568 3.589   1.00 49.25 ? 44 DG  D OP1    1 
ATOM   931  O  OP2    . DG  D 1 8  ? 23.104  -10.893 1.486   1.00 46.50 ? 44 DG  D OP2    1 
ATOM   932  O  "O5'"  . DG  D 1 8  ? 21.014  -12.313 1.874   1.00 47.38 ? 44 DG  D "O5'"  1 
ATOM   933  C  "C5'"  . DG  D 1 8  ? 20.308  -12.561 0.639   1.00 43.02 ? 44 DG  D "C5'"  1 
ATOM   934  C  "C4'"  . DG  D 1 8  ? 20.346  -13.983 0.069   1.00 38.57 ? 44 DG  D "C4'"  1 
ATOM   935  O  "O4'"  . DG  D 1 8  ? 20.092  -13.830 -1.363  1.00 30.73 ? 44 DG  D "O4'"  1 
ATOM   936  C  "C3'"  . DG  D 1 8  ? 21.746  -14.551 0.276   1.00 41.87 ? 44 DG  D "C3'"  1 
ATOM   937  O  "O3'"  . DG  D 1 8  ? 22.075  -15.963 0.162   1.00 48.42 ? 44 DG  D "O3'"  1 
ATOM   938  C  "C2'"  . DG  D 1 8  ? 22.390  -13.859 -0.917  1.00 37.07 ? 44 DG  D "C2'"  1 
ATOM   939  C  "C1'"  . DG  D 1 8  ? 21.345  -13.917 -1.996  1.00 26.32 ? 44 DG  D "C1'"  1 
ATOM   940  N  N9     . DG  D 1 8  ? 21.719  -13.027 -3.118  1.00 17.53 ? 44 DG  D N9     1 
ATOM   941  C  C8     . DG  D 1 8  ? 22.665  -12.073 -3.201  1.00 11.39 ? 44 DG  D C8     1 
ATOM   942  N  N7     . DG  D 1 8  ? 22.804  -11.574 -4.403  1.00 16.85 ? 44 DG  D N7     1 
ATOM   943  C  C5     . DG  D 1 8  ? 21.850  -12.245 -5.159  1.00 11.48 ? 44 DG  D C5     1 
ATOM   944  C  C6     . DG  D 1 8  ? 21.548  -12.176 -6.541  1.00 14.18 ? 44 DG  D C6     1 
ATOM   945  O  O6     . DG  D 1 8  ? 22.068  -11.443 -7.429  1.00 16.68 ? 44 DG  D O6     1 
ATOM   946  N  N1     . DG  D 1 8  ? 20.520  -13.077 -6.859  1.00 8.02  ? 44 DG  D N1     1 
ATOM   947  C  C2     . DG  D 1 8  ? 19.868  -13.888 -5.985  1.00 6.03  ? 44 DG  D C2     1 
ATOM   948  N  N2     . DG  D 1 8  ? 18.859  -14.671 -6.411  1.00 5.28  ? 44 DG  D N2     1 
ATOM   949  N  N3     . DG  D 1 8  ? 20.182  -13.927 -4.725  1.00 11.12 ? 44 DG  D N3     1 
ATOM   950  C  C4     . DG  D 1 8  ? 21.169  -13.102 -4.373  1.00 12.26 ? 44 DG  D C4     1 
ATOM   951  H  H1     . DG  D 1 8  ? 20.255  -13.111 -7.833  1.00 0.00  ? 44 DG  D H1     1 
ATOM   952  H  H21    . DG  D 1 8  ? 18.331  -15.219 -5.747  1.00 0.00  ? 44 DG  D H21    1 
ATOM   953  H  H22    . DG  D 1 8  ? 18.630  -14.709 -7.394  1.00 0.00  ? 44 DG  D H22    1 
ATOM   954  P  P      . DA  D 1 9  ? 21.322  -17.372 0.549   1.00 52.75 ? 45 DA  D P      1 
ATOM   955  O  OP1    . DA  D 1 9  ? 20.224  -17.122 1.524   1.00 52.47 ? 45 DA  D OP1    1 
ATOM   956  O  OP2    . DA  D 1 9  ? 22.415  -18.346 0.827   1.00 52.51 ? 45 DA  D OP2    1 
ATOM   957  O  "O5'"  . DA  D 1 9  ? 20.670  -17.745 -0.862  1.00 51.36 ? 45 DA  D "O5'"  1 
ATOM   958  C  "C5'"  . DA  D 1 9  ? 19.511  -18.572 -1.071  1.00 46.93 ? 45 DA  D "C5'"  1 
ATOM   959  C  "C4'"  . DA  D 1 9  ? 19.648  -19.212 -2.451  1.00 42.13 ? 45 DA  D "C4'"  1 
ATOM   960  O  "O4'"  . DA  D 1 9  ? 19.891  -18.100 -3.363  1.00 37.24 ? 45 DA  D "O4'"  1 
ATOM   961  C  "C3'"  . DA  D 1 9  ? 20.985  -20.002 -2.380  1.00 41.27 ? 45 DA  D "C3'"  1 
ATOM   962  O  "O3'"  . DA  D 1 9  ? 21.038  -21.436 -2.424  1.00 44.03 ? 45 DA  D "O3'"  1 
ATOM   963  C  "C2'"  . DA  D 1 9  ? 21.927  -19.279 -3.254  1.00 37.01 ? 45 DA  D "C2'"  1 
ATOM   964  C  "C1'"  . DA  D 1 9  ? 21.039  -18.400 -4.153  1.00 27.41 ? 45 DA  D "C1'"  1 
ATOM   965  N  N9     . DA  D 1 9  ? 21.914  -17.303 -4.530  1.00 17.52 ? 45 DA  D N9     1 
ATOM   966  C  C8     . DA  D 1 9  ? 22.806  -16.571 -3.735  1.00 14.72 ? 45 DA  D C8     1 
ATOM   967  N  N7     . DA  D 1 9  ? 23.516  -15.715 -4.452  1.00 15.53 ? 45 DA  D N7     1 
ATOM   968  C  C5     . DA  D 1 9  ? 23.032  -15.876 -5.768  1.00 7.30  ? 45 DA  D C5     1 
ATOM   969  C  C6     . DA  D 1 9  ? 23.372  -15.278 -6.949  1.00 6.53  ? 45 DA  D C6     1 
ATOM   970  N  N6     . DA  D 1 9  ? 24.325  -14.395 -7.004  1.00 7.76  ? 45 DA  D N6     1 
ATOM   971  N  N1     . DA  D 1 9  ? 22.736  -15.601 -8.065  1.00 11.27 ? 45 DA  D N1     1 
ATOM   972  C  C2     . DA  D 1 9  ? 21.793  -16.540 -7.990  1.00 7.77  ? 45 DA  D C2     1 
ATOM   973  N  N3     . DA  D 1 9  ? 21.369  -17.220 -6.942  1.00 10.21 ? 45 DA  D N3     1 
ATOM   974  C  C4     . DA  D 1 9  ? 22.050  -16.815 -5.828  1.00 12.82 ? 45 DA  D C4     1 
ATOM   975  H  H61    . DA  D 1 9  ? 24.828  -14.142 -6.165  1.00 0.00  ? 45 DA  D H61    1 
ATOM   976  H  H62    . DA  D 1 9  ? 24.563  -13.963 -7.885  1.00 0.00  ? 45 DA  D H62    1 
ATOM   977  P  P      . DG  D 1 10 ? 20.349  -22.536 -3.389  1.00 43.56 ? 46 DG  D P      1 
ATOM   978  O  OP1    . DG  D 1 10 ? 19.015  -22.942 -2.853  1.00 40.52 ? 46 DG  D OP1    1 
ATOM   979  O  OP2    . DG  D 1 10 ? 21.417  -23.549 -3.609  1.00 45.54 ? 46 DG  D OP2    1 
ATOM   980  O  "O5'"  . DG  D 1 10 ? 20.175  -21.809 -4.757  1.00 41.98 ? 46 DG  D "O5'"  1 
ATOM   981  C  "C5'"  . DG  D 1 10 ? 19.811  -22.537 -5.931  1.00 39.01 ? 46 DG  D "C5'"  1 
ATOM   982  C  "C4'"  . DG  D 1 10 ? 20.845  -22.349 -7.033  1.00 34.01 ? 46 DG  D "C4'"  1 
ATOM   983  O  "O4'"  . DG  D 1 10 ? 21.536  -21.107 -6.949  1.00 30.29 ? 46 DG  D "O4'"  1 
ATOM   984  C  "C3'"  . DG  D 1 10 ? 21.849  -23.443 -7.070  1.00 34.00 ? 46 DG  D "C3'"  1 
ATOM   985  O  "O3'"  . DG  D 1 10 ? 21.433  -24.066 -8.301  1.00 39.07 ? 46 DG  D "O3'"  1 
ATOM   986  C  "C2'"  . DG  D 1 10 ? 23.175  -22.671 -7.072  1.00 30.40 ? 46 DG  D "C2'"  1 
ATOM   987  C  "C1'"  . DG  D 1 10 ? 22.834  -21.257 -7.485  1.00 22.59 ? 46 DG  D "C1'"  1 
ATOM   988  N  N9     . DG  D 1 10 ? 23.736  -20.256 -6.896  1.00 11.21 ? 46 DG  D N9     1 
ATOM   989  C  C8     . DG  D 1 10 ? 24.190  -20.095 -5.618  1.00 10.43 ? 46 DG  D C8     1 
ATOM   990  N  N7     . DG  D 1 10 ? 25.035  -19.088 -5.467  1.00 9.11  ? 46 DG  D N7     1 
ATOM   991  C  C5     . DG  D 1 10 ? 25.113  -18.555 -6.744  1.00 7.43  ? 46 DG  D C5     1 
ATOM   992  C  C6     . DG  D 1 10 ? 25.834  -17.482 -7.216  1.00 8.00  ? 46 DG  D C6     1 
ATOM   993  O  O6     . DG  D 1 10 ? 26.609  -16.733 -6.631  1.00 21.56 ? 46 DG  D O6     1 
ATOM   994  N  N1     . DG  D 1 10 ? 25.646  -17.297 -8.543  1.00 4.88  ? 46 DG  D N1     1 
ATOM   995  C  C2     . DG  D 1 10 ? 24.896  -18.065 -9.344  1.00 2.18  ? 46 DG  D C2     1 
ATOM   996  N  N2     . DG  D 1 10 ? 24.933  -17.821 -10.647 1.00 2.00  ? 46 DG  D N2     1 
ATOM   997  N  N3     . DG  D 1 10 ? 24.181  -19.044 -8.922  1.00 6.29  ? 46 DG  D N3     1 
ATOM   998  C  C4     . DG  D 1 10 ? 24.340  -19.248 -7.609  1.00 8.35  ? 46 DG  D C4     1 
ATOM   999  H  H1     . DG  D 1 10 ? 26.123  -16.503 -8.945  1.00 0.00  ? 46 DG  D H1     1 
ATOM   1000 H  H21    . DG  D 1 10 ? 24.359  -18.361 -11.277 1.00 0.00  ? 46 DG  D H21    1 
ATOM   1001 H  H22    . DG  D 1 10 ? 25.535  -17.095 -11.008 1.00 0.00  ? 46 DG  D H22    1 
ATOM   1002 P  P      . DC  D 1 11 ? 22.192  -25.297 -9.057  1.00 41.29 ? 47 DC  D P      1 
ATOM   1003 O  OP1    . DC  D 1 11 ? 21.219  -25.959 -9.971  1.00 38.31 ? 47 DC  D OP1    1 
ATOM   1004 O  OP2    . DC  D 1 11 ? 22.822  -26.127 -7.992  1.00 42.04 ? 47 DC  D OP2    1 
ATOM   1005 O  "O5'"  . DC  D 1 11 ? 23.315  -24.510 -9.902  1.00 35.19 ? 47 DC  D "O5'"  1 
ATOM   1006 C  "C5'"  . DC  D 1 11 ? 22.788  -23.868 -11.056 1.00 25.50 ? 47 DC  D "C5'"  1 
ATOM   1007 C  "C4'"  . DC  D 1 11 ? 23.808  -23.406 -12.034 1.00 21.98 ? 47 DC  D "C4'"  1 
ATOM   1008 O  "O4'"  . DC  D 1 11 ? 24.513  -22.316 -11.511 1.00 18.98 ? 47 DC  D "O4'"  1 
ATOM   1009 C  "C3'"  . DC  D 1 11 ? 24.820  -24.498 -12.329 1.00 23.14 ? 47 DC  D "C3'"  1 
ATOM   1010 O  "O3'"  . DC  D 1 11 ? 25.005  -24.427 -13.741 1.00 25.47 ? 47 DC  D "O3'"  1 
ATOM   1011 C  "C2'"  . DC  D 1 11 ? 26.025  -24.097 -11.539 1.00 17.78 ? 47 DC  D "C2'"  1 
ATOM   1012 C  "C1'"  . DC  D 1 11 ? 25.883  -22.615 -11.486 1.00 15.68 ? 47 DC  D "C1'"  1 
ATOM   1013 N  N1     . DC  D 1 11 ? 26.414  -22.052 -10.268 1.00 7.56  ? 47 DC  D N1     1 
ATOM   1014 C  C2     . DC  D 1 11 ? 27.193  -20.945 -10.424 1.00 6.46  ? 47 DC  D C2     1 
ATOM   1015 O  O2     . DC  D 1 11 ? 27.393  -20.460 -11.531 1.00 8.12  ? 47 DC  D O2     1 
ATOM   1016 N  N3     . DC  D 1 11 ? 27.775  -20.354 -9.363  1.00 4.45  ? 47 DC  D N3     1 
ATOM   1017 C  C4     . DC  D 1 11 ? 27.580  -20.879 -8.211  1.00 7.61  ? 47 DC  D C4     1 
ATOM   1018 N  N4     . DC  D 1 11 ? 28.202  -20.269 -7.232  1.00 20.89 ? 47 DC  D N4     1 
ATOM   1019 C  C5     . DC  D 1 11 ? 26.769  -22.031 -7.986  1.00 6.30  ? 47 DC  D C5     1 
ATOM   1020 C  C6     . DC  D 1 11 ? 26.179  -22.591 -9.057  1.00 5.02  ? 47 DC  D C6     1 
ATOM   1021 H  H41    . DC  D 1 11 ? 28.115  -20.613 -6.287  1.00 0.00  ? 47 DC  D H41    1 
ATOM   1022 H  H42    . DC  D 1 11 ? 28.769  -19.455 -7.423  1.00 0.00  ? 47 DC  D H42    1 
ATOM   1023 P  P      . DG  D 1 12 ? 25.831  -25.576 -14.540 1.00 28.55 ? 48 DG  D P      1 
ATOM   1024 O  OP1    . DG  D 1 12 ? 25.181  -25.484 -15.893 1.00 17.56 ? 48 DG  D OP1    1 
ATOM   1025 O  OP2    . DG  D 1 12 ? 25.772  -26.825 -13.746 1.00 22.90 ? 48 DG  D OP2    1 
ATOM   1026 O  "O5'"  . DG  D 1 12 ? 27.338  -25.144 -14.539 1.00 24.14 ? 48 DG  D "O5'"  1 
ATOM   1027 C  "C5'"  . DG  D 1 12 ? 27.863  -24.081 -15.212 1.00 20.16 ? 48 DG  D "C5'"  1 
ATOM   1028 C  "C4'"  . DG  D 1 12 ? 29.097  -23.708 -14.466 1.00 23.71 ? 48 DG  D "C4'"  1 
ATOM   1029 O  "O4'"  . DG  D 1 12 ? 28.902  -23.561 -13.060 1.00 24.03 ? 48 DG  D "O4'"  1 
ATOM   1030 C  "C3'"  . DG  D 1 12 ? 30.088  -24.819 -14.532 1.00 21.66 ? 48 DG  D "C3'"  1 
ATOM   1031 O  "O3'"  . DG  D 1 12 ? 30.637  -24.710 -15.854 1.00 24.52 ? 48 DG  D "O3'"  1 
ATOM   1032 C  "C2'"  . DG  D 1 12 ? 30.995  -24.378 -13.370 1.00 22.61 ? 48 DG  D "C2'"  1 
ATOM   1033 C  "C1'"  . DG  D 1 12 ? 30.213  -23.325 -12.602 1.00 17.45 ? 48 DG  D "C1'"  1 
ATOM   1034 N  N9     . DG  D 1 12 ? 30.212  -23.336 -11.153 1.00 12.03 ? 48 DG  D N9     1 
ATOM   1035 C  C8     . DG  D 1 12 ? 29.657  -24.265 -10.336 1.00 13.05 ? 48 DG  D C8     1 
ATOM   1036 N  N7     . DG  D 1 12 ? 29.852  -23.991 -9.054  1.00 15.46 ? 48 DG  D N7     1 
ATOM   1037 C  C5     . DG  D 1 12 ? 30.578  -22.814 -9.035  1.00 15.97 ? 48 DG  D C5     1 
ATOM   1038 C  C6     . DG  D 1 12 ? 31.070  -22.061 -7.921  1.00 20.96 ? 48 DG  D C6     1 
ATOM   1039 O  O6     . DG  D 1 12 ? 30.957  -22.363 -6.721  1.00 27.48 ? 48 DG  D O6     1 
ATOM   1040 N  N1     . DG  D 1 12 ? 31.750  -20.884 -8.323  1.00 20.64 ? 48 DG  D N1     1 
ATOM   1041 C  C2     . DG  D 1 12 ? 31.943  -20.522 -9.639  1.00 19.90 ? 48 DG  D C2     1 
ATOM   1042 N  N2     . DG  D 1 12 ? 32.638  -19.404 -9.884  1.00 21.14 ? 48 DG  D N2     1 
ATOM   1043 N  N3     . DG  D 1 12 ? 31.477  -21.241 -10.680 1.00 21.21 ? 48 DG  D N3     1 
ATOM   1044 C  C4     . DG  D 1 12 ? 30.801  -22.386 -10.313 1.00 15.02 ? 48 DG  D C4     1 
ATOM   1045 H  "HO3'" . DG  D 1 12 ? 31.038  -23.841 -15.926 1.00 0.00  ? 48 DG  D "HO3'" 1 
ATOM   1046 H  H1     . DG  D 1 12 ? 32.105  -20.291 -7.587  1.00 0.00  ? 48 DG  D H1     1 
ATOM   1047 H  H21    . DG  D 1 12 ? 32.805  -19.112 -10.836 1.00 0.00  ? 48 DG  D H21    1 
ATOM   1048 H  H22    . DG  D 1 12 ? 32.994  -18.852 -9.116  1.00 0.00  ? 48 DG  D H22    1 
HETATM 1049 CA CA     . CA  E 2 .  ? -24.038 20.142  24.278  1.00 42.37 ? 49 CA  A CA     1 
HETATM 1050 O  O      . HOH F 3 .  ? -7.114  4.075   -1.220  1.00 13.87 ? 50 HOH A O      1 
HETATM 1051 H  H1     . HOH F 3 .  ? -7.799  4.719   -1.046  1.00 0.00  ? 50 HOH A H1     1 
HETATM 1052 H  H2     . HOH F 3 .  ? -6.809  4.281   -2.104  1.00 0.00  ? 50 HOH A H2     1 
HETATM 1053 O  O      . HOH F 3 .  ? -18.577 4.851   4.006   1.00 32.67 ? 53 HOH A O      1 
HETATM 1054 H  H1     . HOH F 3 .  ? -18.806 4.474   3.156   1.00 0.00  ? 53 HOH A H1     1 
HETATM 1055 H  H2     . HOH F 3 .  ? -19.410 4.911   4.473   1.00 0.00  ? 53 HOH A H2     1 
HETATM 1056 O  O      . HOH F 3 .  ? -25.869 7.450   10.336  1.00 24.14 ? 55 HOH A O      1 
HETATM 1057 H  H1     . HOH F 3 .  ? -25.391 6.778   9.851   1.00 0.00  ? 55 HOH A H1     1 
HETATM 1058 H  H2     . HOH F 3 .  ? -25.401 7.523   11.168  1.00 0.00  ? 55 HOH A H2     1 
HETATM 1059 O  O      . HOH F 3 .  ? -21.103 20.967  14.290  1.00 33.40 ? 63 HOH A O      1 
HETATM 1060 H  H1     . HOH F 3 .  ? -20.592 20.453  13.665  1.00 0.00  ? 63 HOH A H1     1 
HETATM 1061 H  H2     . HOH F 3 .  ? -22.008 20.879  13.991  1.00 0.00  ? 63 HOH A H2     1 
HETATM 1062 O  O      . HOH F 3 .  ? -4.596  4.921   11.365  1.00 36.53 ? 66 HOH A O      1 
HETATM 1063 H  H1     . HOH F 3 .  ? -4.224  5.447   12.073  1.00 0.00  ? 66 HOH A H1     1 
HETATM 1064 H  H2     . HOH F 3 .  ? -5.518  4.817   11.602  1.00 0.00  ? 66 HOH A H2     1 
HETATM 1065 O  O      . HOH F 3 .  ? -3.136  13.641  2.242   1.00 25.97 ? 77 HOH A O      1 
HETATM 1066 H  H1     . HOH F 3 .  ? -2.214  13.701  2.491   1.00 0.00  ? 77 HOH A H1     1 
HETATM 1067 H  H2     . HOH F 3 .  ? -3.577  14.285  2.796   1.00 0.00  ? 77 HOH A H2     1 
HETATM 1068 O  O      . HOH F 3 .  ? -6.293  11.657  8.516   1.00 42.71 ? 78 HOH A O      1 
HETATM 1069 H  H1     . HOH F 3 .  ? -6.337  11.480  7.577   1.00 0.00  ? 78 HOH A H1     1 
HETATM 1070 H  H2     . HOH F 3 .  ? -5.382  11.480  8.752   1.00 0.00  ? 78 HOH A H2     1 
HETATM 1071 O  O      . HOH F 3 .  ? -0.102  15.470  5.023   1.00 27.23 ? 82 HOH A O      1 
HETATM 1072 H  H1     . HOH F 3 .  ? -0.407  15.054  5.830   1.00 0.00  ? 82 HOH A H1     1 
HETATM 1073 H  H2     . HOH F 3 .  ? 0.180   16.343  5.295   1.00 0.00  ? 82 HOH A H2     1 
HETATM 1074 O  O      . HOH F 3 .  ? -22.174 9.123   12.594  1.00 36.04 ? 84 HOH A O      1 
HETATM 1075 H  H1     . HOH F 3 .  ? -21.451 9.201   11.972  1.00 0.00  ? 84 HOH A H1     1 
HETATM 1076 H  H2     . HOH F 3 .  ? -22.807 9.782   12.312  1.00 0.00  ? 84 HOH A H2     1 
HETATM 1077 O  O      . HOH F 3 .  ? -19.125 6.705   13.357  1.00 37.88 ? 85 HOH A O      1 
HETATM 1078 H  H1     . HOH F 3 .  ? -19.796 7.325   13.642  1.00 0.00  ? 85 HOH A H1     1 
HETATM 1079 H  H2     . HOH F 3 .  ? -18.982 6.140   14.115  1.00 0.00  ? 85 HOH A H2     1 
HETATM 1080 O  O      . HOH F 3 .  ? -14.252 14.494  0.867   1.00 26.99 ? 95 HOH A O      1 
HETATM 1081 H  H1     . HOH F 3 .  ? -14.703 14.367  1.703   1.00 0.00  ? 95 HOH A H1     1 
HETATM 1082 H  H2     . HOH F 3 .  ? -13.853 13.644  0.678   1.00 0.00  ? 95 HOH A H2     1 
HETATM 1083 O  O      . HOH F 3 .  ? -12.564 16.796  0.545   1.00 36.83 ? 96 HOH A O      1 
HETATM 1084 H  H1     . HOH F 3 .  ? -13.271 16.950  1.171   1.00 0.00  ? 96 HOH A H1     1 
HETATM 1085 H  H2     . HOH F 3 .  ? -12.805 15.980  0.108   1.00 0.00  ? 96 HOH A H2     1 
HETATM 1086 O  O      . HOH G 3 .  ? -7.626  5.913   10.013  1.00 25.00 ? 51 HOH B O      1 
HETATM 1087 H  H1     . HOH G 3 .  ? -6.681  5.933   10.163  1.00 0.00  ? 51 HOH B H1     1 
HETATM 1088 H  H2     . HOH G 3 .  ? -7.718  5.967   9.061   1.00 0.00  ? 51 HOH B H2     1 
HETATM 1089 O  O      . HOH G 3 .  ? -26.125 16.158  6.558   1.00 26.18 ? 52 HOH B O      1 
HETATM 1090 H  H1     . HOH G 3 .  ? -25.715 15.470  7.081   1.00 0.00  ? 52 HOH B H1     1 
HETATM 1091 H  H2     . HOH G 3 .  ? -25.813 16.974  6.949   1.00 0.00  ? 52 HOH B H2     1 
HETATM 1092 O  O      . HOH G 3 .  ? -15.085 3.073   16.354  1.00 29.58 ? 57 HOH B O      1 
HETATM 1093 H  H1     . HOH G 3 .  ? -15.634 2.374   16.709  1.00 0.00  ? 57 HOH B H1     1 
HETATM 1094 H  H2     . HOH G 3 .  ? -14.766 2.729   15.520  1.00 0.00  ? 57 HOH B H2     1 
HETATM 1095 O  O      . HOH G 3 .  ? -14.584 -7.235  10.944  1.00 39.40 ? 67 HOH B O      1 
HETATM 1096 H  H1     . HOH G 3 .  ? -14.862 -6.326  10.830  1.00 0.00  ? 67 HOH B H1     1 
HETATM 1097 H  H2     . HOH G 3 .  ? -14.348 -7.526  10.062  1.00 0.00  ? 67 HOH B H2     1 
HETATM 1098 O  O      . HOH G 3 .  ? -16.266 -5.383  9.456   1.00 29.80 ? 69 HOH B O      1 
HETATM 1099 H  H1     . HOH G 3 .  ? -17.095 -4.932  9.615   1.00 0.00  ? 69 HOH B H1     1 
HETATM 1100 H  H2     . HOH G 3 .  ? -15.880 -4.923  8.711   1.00 0.00  ? 69 HOH B H2     1 
HETATM 1101 O  O      . HOH G 3 .  ? -27.434 25.397  8.053   1.00 43.40 ? 70 HOH B O      1 
HETATM 1102 H  H1     . HOH G 3 .  ? -27.461 25.621  8.983   1.00 0.00  ? 70 HOH B H1     1 
HETATM 1103 H  H2     . HOH G 3 .  ? -27.906 26.107  7.619   1.00 0.00  ? 70 HOH B H2     1 
HETATM 1104 O  O      . HOH G 3 .  ? -21.932 15.654  0.149   1.00 46.10 ? 75 HOH B O      1 
HETATM 1105 H  H1     . HOH G 3 .  ? -22.788 16.018  0.374   1.00 0.00  ? 75 HOH B H1     1 
HETATM 1106 H  H2     . HOH G 3 .  ? -21.325 16.389  0.244   1.00 0.00  ? 75 HOH B H2     1 
HETATM 1107 O  O      . HOH G 3 .  ? -8.088  4.225   14.427  1.00 26.54 ? 79 HOH B O      1 
HETATM 1108 H  H1     . HOH G 3 .  ? -7.167  4.412   14.248  1.00 0.00  ? 79 HOH B H1     1 
HETATM 1109 H  H2     . HOH G 3 .  ? -8.118  3.277   14.560  1.00 0.00  ? 79 HOH B H2     1 
HETATM 1110 O  O      . HOH G 3 .  ? -29.301 22.354  -0.505  1.00 24.70 ? 83 HOH B O      1 
HETATM 1111 H  H1     . HOH G 3 .  ? -28.834 21.994  0.249   1.00 0.00  ? 83 HOH B H1     1 
HETATM 1112 H  H2     . HOH G 3 .  ? -29.687 21.590  -0.934  1.00 0.00  ? 83 HOH B H2     1 
HETATM 1113 O  O      . HOH G 3 .  ? -7.452  14.006  13.322  1.00 28.45 ? 86 HOH B O      1 
HETATM 1114 H  H1     . HOH G 3 .  ? -7.930  13.359  13.841  1.00 0.00  ? 86 HOH B H1     1 
HETATM 1115 H  H2     . HOH G 3 .  ? -6.535  13.875  13.561  1.00 0.00  ? 86 HOH B H2     1 
HETATM 1116 O  O      . HOH H 3 .  ? 15.875  -6.968  -0.446  1.00 40.10 ? 58 HOH C O      1 
HETATM 1117 H  H1     . HOH H 3 .  ? 15.409  -7.151  -1.263  1.00 0.00  ? 58 HOH C H1     1 
HETATM 1118 H  H2     . HOH H 3 .  ? 16.785  -6.839  -0.713  1.00 0.00  ? 58 HOH C H2     1 
HETATM 1119 O  O      . HOH H 3 .  ? 3.371   -6.352  -3.197  1.00 9.40  ? 59 HOH C O      1 
HETATM 1120 H  H1     . HOH H 3 .  ? 3.640   -7.257  -3.038  1.00 0.00  ? 59 HOH C H1     1 
HETATM 1121 H  H2     . HOH H 3 .  ? 2.417   -6.366  -3.111  1.00 0.00  ? 59 HOH C H2     1 
HETATM 1122 O  O      . HOH H 3 .  ? 14.501  -11.161 -0.714  1.00 50.61 ? 60 HOH C O      1 
HETATM 1123 H  H1     . HOH H 3 .  ? 14.282  -10.927 -1.616  1.00 0.00  ? 60 HOH C H1     1 
HETATM 1124 H  H2     . HOH H 3 .  ? 15.068  -11.927 -0.795  1.00 0.00  ? 60 HOH C H2     1 
HETATM 1125 O  O      . HOH H 3 .  ? 5.933   -8.284  -3.153  1.00 27.64 ? 61 HOH C O      1 
HETATM 1126 H  H1     . HOH H 3 .  ? 6.124   -9.114  -2.715  1.00 0.00  ? 61 HOH C H1     1 
HETATM 1127 H  H2     . HOH H 3 .  ? 6.192   -7.614  -2.520  1.00 0.00  ? 61 HOH C H2     1 
HETATM 1128 O  O      . HOH H 3 .  ? 25.782  -9.074  -13.392 1.00 25.36 ? 72 HOH C O      1 
HETATM 1129 H  H1     . HOH H 3 .  ? 26.003  -9.820  -12.834 1.00 0.00  ? 72 HOH C H1     1 
HETATM 1130 H  H2     . HOH H 3 .  ? 25.654  -8.348  -12.782 1.00 0.00  ? 72 HOH C H2     1 
HETATM 1131 O  O      . HOH H 3 .  ? 12.045  0.053   -1.453  1.00 28.44 ? 73 HOH C O      1 
HETATM 1132 H  H1     . HOH H 3 .  ? 12.971  -0.057  -1.241  1.00 0.00  ? 73 HOH C H1     1 
HETATM 1133 H  H2     . HOH H 3 .  ? 11.878  0.987   -1.324  1.00 0.00  ? 73 HOH C H2     1 
HETATM 1134 O  O      . HOH H 3 .  ? 14.829  -1.965  0.538   1.00 46.64 ? 74 HOH C O      1 
HETATM 1135 H  H1     . HOH H 3 .  ? 14.931  -2.057  -0.410  1.00 0.00  ? 74 HOH C H1     1 
HETATM 1136 H  H2     . HOH H 3 .  ? 13.963  -2.327  0.722   1.00 0.00  ? 74 HOH C H2     1 
HETATM 1137 O  O      . HOH H 3 .  ? 8.747   -9.268  -8.774  1.00 33.99 ? 81 HOH C O      1 
HETATM 1138 H  H1     . HOH H 3 .  ? 7.963   -8.748  -8.950  1.00 0.00  ? 81 HOH C H1     1 
HETATM 1139 H  H2     . HOH H 3 .  ? 9.358   -8.652  -8.369  1.00 0.00  ? 81 HOH C H2     1 
HETATM 1140 O  O      . HOH H 3 .  ? 10.294  -9.614  -15.710 1.00 37.32 ? 87 HOH C O      1 
HETATM 1141 H  H1     . HOH H 3 .  ? 10.861  -10.033 -16.357 1.00 0.00  ? 87 HOH C H1     1 
HETATM 1142 H  H2     . HOH H 3 .  ? 9.437   -10.017 -15.843 1.00 0.00  ? 87 HOH C H2     1 
HETATM 1143 O  O      . HOH H 3 .  ? 10.596  -9.298  -11.122 1.00 40.72 ? 88 HOH C O      1 
HETATM 1144 H  H1     . HOH H 3 .  ? 11.218  -10.013 -11.257 1.00 0.00  ? 88 HOH C H1     1 
HETATM 1145 H  H2     . HOH H 3 .  ? 10.071  -9.283  -11.922 1.00 0.00  ? 88 HOH C H2     1 
HETATM 1146 O  O      . HOH H 3 .  ? 7.490   -7.896  -15.722 1.00 45.12 ? 89 HOH C O      1 
HETATM 1147 H  H1     . HOH H 3 .  ? 7.445   -7.528  -16.604 1.00 0.00  ? 89 HOH C H1     1 
HETATM 1148 H  H2     . HOH H 3 .  ? 7.796   -7.173  -15.175 1.00 0.00  ? 89 HOH C H2     1 
HETATM 1149 O  O      . HOH H 3 .  ? 9.138   -7.696  -13.272 1.00 31.05 ? 90 HOH C O      1 
HETATM 1150 H  H1     . HOH H 3 .  ? 8.758   -7.794  -14.145 1.00 0.00  ? 90 HOH C H1     1 
HETATM 1151 H  H2     . HOH H 3 .  ? 8.973   -8.536  -12.845 1.00 0.00  ? 90 HOH C H2     1 
HETATM 1152 O  O      . HOH H 3 .  ? 6.811   -11.595 -11.324 1.00 34.98 ? 91 HOH C O      1 
HETATM 1153 H  H1     . HOH H 3 .  ? 7.336   -12.276 -10.902 1.00 0.00  ? 91 HOH C H1     1 
HETATM 1154 H  H2     . HOH H 3 .  ? 6.191   -12.076 -11.872 1.00 0.00  ? 91 HOH C H2     1 
HETATM 1155 O  O      . HOH H 3 .  ? 10.221  -13.572 -12.647 1.00 41.70 ? 92 HOH C O      1 
HETATM 1156 H  H1     . HOH H 3 .  ? 10.663  -13.341 -13.464 1.00 0.00  ? 92 HOH C H1     1 
HETATM 1157 H  H2     . HOH H 3 .  ? 10.825  -14.171 -12.209 1.00 0.00  ? 92 HOH C H2     1 
HETATM 1158 O  O      . HOH H 3 .  ? 14.535  -11.245 -15.476 1.00 26.04 ? 94 HOH C O      1 
HETATM 1159 H  H1     . HOH H 3 .  ? 15.146  -11.978 -15.550 1.00 0.00  ? 94 HOH C H1     1 
HETATM 1160 H  H2     . HOH H 3 .  ? 13.756  -11.622 -15.067 1.00 0.00  ? 94 HOH C H2     1 
HETATM 1161 O  O      . HOH I 3 .  ? 2.657   -3.492  0.987   1.00 18.67 ? 54 HOH D O      1 
HETATM 1162 H  H1     . HOH I 3 .  ? 2.407   -3.140  0.133   1.00 0.00  ? 54 HOH D H1     1 
HETATM 1163 H  H2     . HOH I 3 .  ? 1.992   -3.156  1.588   1.00 0.00  ? 54 HOH D H2     1 
HETATM 1164 O  O      . HOH I 3 .  ? -4.989  -5.076  -13.541 1.00 49.70 ? 56 HOH D O      1 
HETATM 1165 H  H1     . HOH I 3 .  ? -5.201  -4.213  -13.188 1.00 0.00  ? 56 HOH D H1     1 
HETATM 1166 H  H2     . HOH I 3 .  ? -5.576  -5.179  -14.291 1.00 0.00  ? 56 HOH D H2     1 
HETATM 1167 O  O      . HOH I 3 .  ? 5.067   -9.204  -6.399  1.00 30.78 ? 62 HOH D O      1 
HETATM 1168 H  H1     . HOH I 3 .  ? 4.663   -10.036 -6.646  1.00 0.00  ? 62 HOH D H1     1 
HETATM 1169 H  H2     . HOH I 3 .  ? 5.763   -9.073  -7.044  1.00 0.00  ? 62 HOH D H2     1 
HETATM 1170 O  O      . HOH I 3 .  ? 4.305   -8.162  -9.057  1.00 27.50 ? 64 HOH D O      1 
HETATM 1171 H  H1     . HOH I 3 .  ? 5.137   -7.746  -8.835  1.00 0.00  ? 64 HOH D H1     1 
HETATM 1172 H  H2     . HOH I 3 .  ? 3.640   -7.525  -8.794  1.00 0.00  ? 64 HOH D H2     1 
HETATM 1173 O  O      . HOH I 3 .  ? 23.800  -1.513  -8.884  1.00 42.34 ? 65 HOH D O      1 
HETATM 1174 H  H1     . HOH I 3 .  ? 24.324  -1.906  -9.582  1.00 0.00  ? 65 HOH D H1     1 
HETATM 1175 H  H2     . HOH I 3 .  ? 24.441  -1.093  -8.311  1.00 0.00  ? 65 HOH D H2     1 
HETATM 1176 O  O      . HOH I 3 .  ? 16.853  -23.114 -0.884  1.00 56.92 ? 68 HOH D O      1 
HETATM 1177 H  H1     . HOH I 3 .  ? 17.218  -22.807 -1.715  1.00 0.00  ? 68 HOH D H1     1 
HETATM 1178 H  H2     . HOH I 3 .  ? 15.968  -22.748 -0.861  1.00 0.00  ? 68 HOH D H2     1 
HETATM 1179 O  O      . HOH I 3 .  ? 15.265  -1.354  -2.350  1.00 36.90 ? 71 HOH D O      1 
HETATM 1180 H  H1     . HOH I 3 .  ? 15.945  -0.735  -2.083  1.00 0.00  ? 71 HOH D H1     1 
HETATM 1181 H  H2     . HOH I 3 .  ? 14.595  -1.283  -1.671  1.00 0.00  ? 71 HOH D H2     1 
HETATM 1182 O  O      . HOH I 3 .  ? 20.485  4.149   -4.548  1.00 25.17 ? 76 HOH D O      1 
HETATM 1183 H  H1     . HOH I 3 .  ? 20.771  4.201   -5.460  1.00 0.00  ? 76 HOH D H1     1 
HETATM 1184 H  H2     . HOH I 3 .  ? 20.232  3.233   -4.428  1.00 0.00  ? 76 HOH D H2     1 
HETATM 1185 O  O      . HOH I 3 .  ? 17.968  3.554   -2.452  1.00 53.68 ? 80 HOH D O      1 
HETATM 1186 H  H1     . HOH I 3 .  ? 18.670  2.919   -2.312  1.00 0.00  ? 80 HOH D H1     1 
HETATM 1187 H  H2     . HOH I 3 .  ? 17.892  4.017   -1.618  1.00 0.00  ? 80 HOH D H2     1 
HETATM 1188 O  O      . HOH I 3 .  ? 25.426  -25.766 -7.538  1.00 17.11 ? 93 HOH D O      1 
HETATM 1189 H  H1     . HOH I 3 .  ? 26.102  -25.501 -8.163  1.00 0.00  ? 93 HOH D H1     1 
HETATM 1190 H  H2     . HOH I 3 .  ? 24.619  -25.791 -8.053  1.00 0.00  ? 93 HOH D H2     1 
# 
